data_1WJQ
#
_entry.id   1WJQ
#
_entity_poly.entity_id   1
_entity_poly.type   'polypeptide(L)'
_entity_poly.pdbx_seq_one_letter_code
;GSSGSSGVKPPHGFQKKMKLEVVDKRNPMFIRVATVADTDDHRVKVHFDGWNNCYDYWIDADSPDIHPVGWCSKTGHPLQ
PPLSPLELMEASEHGGCSTPGSGPSSG
;
_entity_poly.pdbx_strand_id   A
#
# COMPACT_ATOMS: atom_id res chain seq x y z
N GLY A 1 -26.98 12.38 -2.37
CA GLY A 1 -26.99 11.85 -3.73
C GLY A 1 -27.73 10.54 -3.84
N SER A 2 -27.01 9.47 -4.17
CA SER A 2 -27.60 8.15 -4.32
C SER A 2 -28.95 8.24 -5.03
N SER A 3 -29.00 9.06 -6.07
CA SER A 3 -30.23 9.25 -6.84
C SER A 3 -30.02 8.90 -8.31
N GLY A 4 -30.34 7.66 -8.67
CA GLY A 4 -30.18 7.22 -10.04
C GLY A 4 -29.42 5.91 -10.15
N SER A 5 -28.58 5.80 -11.17
CA SER A 5 -27.80 4.59 -11.39
C SER A 5 -26.56 4.88 -12.23
N SER A 6 -25.52 4.06 -12.05
CA SER A 6 -24.29 4.23 -12.79
C SER A 6 -23.49 2.93 -12.83
N GLY A 7 -23.48 2.28 -14.00
CA GLY A 7 -22.75 1.04 -14.15
C GLY A 7 -21.57 1.17 -15.10
N VAL A 8 -20.44 0.60 -14.70
CA VAL A 8 -19.23 0.65 -15.53
C VAL A 8 -18.38 -0.59 -15.32
N LYS A 9 -17.37 -0.76 -16.16
CA LYS A 9 -16.47 -1.91 -16.08
C LYS A 9 -15.06 -1.46 -15.71
N PRO A 10 -14.37 -2.28 -14.90
CA PRO A 10 -13.00 -1.98 -14.47
C PRO A 10 -11.99 -2.10 -15.60
N PRO A 11 -10.93 -1.28 -15.54
CA PRO A 11 -9.88 -1.27 -16.56
C PRO A 11 -9.02 -2.53 -16.52
N HIS A 12 -8.56 -2.89 -15.33
CA HIS A 12 -7.73 -4.09 -15.16
C HIS A 12 -8.34 -5.03 -14.13
N GLY A 13 -8.81 -4.46 -13.02
CA GLY A 13 -9.41 -5.26 -11.97
C GLY A 13 -8.85 -4.95 -10.60
N PHE A 14 -8.38 -3.71 -10.43
CA PHE A 14 -7.81 -3.29 -9.16
C PHE A 14 -8.50 -2.02 -8.66
N GLN A 15 -8.36 -1.75 -7.35
CA GLN A 15 -8.98 -0.58 -6.75
C GLN A 15 -7.96 0.20 -5.93
N LYS A 16 -8.34 1.40 -5.51
CA LYS A 16 -7.46 2.25 -4.71
C LYS A 16 -7.78 2.12 -3.23
N LYS A 17 -6.80 2.45 -2.38
CA LYS A 17 -6.97 2.37 -0.94
C LYS A 17 -7.19 0.92 -0.49
N MET A 18 -6.64 -0.02 -1.27
CA MET A 18 -6.78 -1.44 -0.95
C MET A 18 -5.42 -2.05 -0.66
N LYS A 19 -5.41 -3.37 -0.43
CA LYS A 19 -4.17 -4.08 -0.14
C LYS A 19 -3.92 -5.18 -1.17
N LEU A 20 -2.65 -5.50 -1.38
CA LEU A 20 -2.27 -6.53 -2.34
C LEU A 20 -0.81 -6.92 -2.17
N GLU A 21 -0.52 -8.21 -2.35
CA GLU A 21 0.84 -8.71 -2.22
C GLU A 21 1.63 -8.49 -3.51
N VAL A 22 2.67 -7.67 -3.43
CA VAL A 22 3.51 -7.37 -4.58
C VAL A 22 4.89 -8.01 -4.44
N VAL A 23 5.41 -8.51 -5.56
CA VAL A 23 6.71 -9.16 -5.56
C VAL A 23 7.83 -8.14 -5.75
N ASP A 24 8.70 -8.04 -4.76
CA ASP A 24 9.81 -7.09 -4.81
C ASP A 24 10.60 -7.26 -6.11
N LYS A 25 10.50 -6.27 -6.99
CA LYS A 25 11.20 -6.30 -8.26
C LYS A 25 12.64 -6.77 -8.08
N ARG A 26 13.39 -6.05 -7.26
CA ARG A 26 14.78 -6.39 -7.00
C ARG A 26 14.90 -7.80 -6.43
N ASN A 27 13.86 -8.25 -5.73
CA ASN A 27 13.85 -9.58 -5.14
C ASN A 27 12.55 -10.31 -5.49
N PRO A 28 12.62 -11.10 -6.57
CA PRO A 28 11.46 -11.88 -7.04
C PRO A 28 11.12 -13.03 -6.10
N MET A 29 11.95 -13.24 -5.10
CA MET A 29 11.74 -14.31 -4.12
C MET A 29 11.22 -13.74 -2.81
N PHE A 30 10.83 -12.48 -2.82
CA PHE A 30 10.32 -11.82 -1.63
C PHE A 30 9.02 -11.07 -1.93
N ILE A 31 8.03 -11.23 -1.07
CA ILE A 31 6.75 -10.57 -1.26
C ILE A 31 6.32 -9.84 0.01
N ARG A 32 5.68 -8.68 -0.16
CA ARG A 32 5.22 -7.89 0.98
C ARG A 32 3.89 -7.21 0.67
N VAL A 33 3.25 -6.67 1.70
CA VAL A 33 1.97 -5.99 1.54
C VAL A 33 2.15 -4.69 0.75
N ALA A 34 1.08 -4.28 0.05
CA ALA A 34 1.11 -3.06 -0.74
C ALA A 34 -0.21 -2.31 -0.63
N THR A 35 -0.21 -1.06 -1.07
CA THR A 35 -1.41 -0.23 -1.02
C THR A 35 -1.61 0.54 -2.32
N VAL A 36 -2.67 0.19 -3.05
CA VAL A 36 -2.97 0.85 -4.31
C VAL A 36 -3.30 2.32 -4.11
N ALA A 37 -2.34 3.19 -4.42
CA ALA A 37 -2.54 4.62 -4.28
C ALA A 37 -3.31 5.20 -5.45
N ASP A 38 -2.84 4.90 -6.66
CA ASP A 38 -3.49 5.40 -7.87
C ASP A 38 -3.53 4.32 -8.94
N THR A 39 -4.70 4.15 -9.57
CA THR A 39 -4.87 3.15 -10.62
C THR A 39 -4.92 3.80 -11.99
N ASP A 40 -3.90 3.53 -12.81
CA ASP A 40 -3.83 4.09 -14.16
C ASP A 40 -4.63 3.24 -15.13
N ASP A 41 -4.61 3.63 -16.40
CA ASP A 41 -5.35 2.92 -17.44
C ASP A 41 -5.09 1.41 -17.33
N HIS A 42 -3.82 1.03 -17.40
CA HIS A 42 -3.45 -0.38 -17.31
C HIS A 42 -2.33 -0.58 -16.30
N ARG A 43 -2.30 0.27 -15.28
CA ARG A 43 -1.27 0.18 -14.25
C ARG A 43 -1.82 0.63 -12.89
N VAL A 44 -1.03 0.45 -11.84
CA VAL A 44 -1.44 0.84 -10.49
C VAL A 44 -0.22 1.11 -9.61
N LYS A 45 -0.15 2.31 -9.06
CA LYS A 45 0.96 2.69 -8.19
C LYS A 45 0.88 1.95 -6.86
N VAL A 46 1.71 0.93 -6.70
CA VAL A 46 1.75 0.14 -5.49
C VAL A 46 2.69 0.76 -4.45
N HIS A 47 2.12 1.18 -3.33
CA HIS A 47 2.90 1.80 -2.26
C HIS A 47 3.09 0.82 -1.11
N PHE A 48 4.35 0.53 -0.79
CA PHE A 48 4.68 -0.39 0.29
C PHE A 48 4.56 0.30 1.65
N ASP A 49 3.52 -0.03 2.40
CA ASP A 49 3.29 0.56 3.70
C ASP A 49 4.61 0.72 4.46
N GLY A 50 4.96 1.96 4.76
CA GLY A 50 6.20 2.23 5.48
C GLY A 50 7.33 2.66 4.55
N TRP A 51 7.75 1.75 3.68
CA TRP A 51 8.83 2.04 2.75
C TRP A 51 8.68 3.44 2.17
N ASN A 52 9.73 4.25 2.29
CA ASN A 52 9.72 5.61 1.77
C ASN A 52 8.97 5.67 0.43
N ASN A 53 7.99 6.57 0.36
CA ASN A 53 7.20 6.73 -0.86
C ASN A 53 8.08 6.55 -2.10
N CYS A 54 9.24 7.19 -2.10
CA CYS A 54 10.17 7.10 -3.22
C CYS A 54 10.15 5.69 -3.82
N TYR A 55 10.22 4.69 -2.96
CA TYR A 55 10.23 3.29 -3.40
C TYR A 55 9.06 3.03 -4.35
N ASP A 56 7.88 3.51 -3.97
CA ASP A 56 6.68 3.33 -4.80
C ASP A 56 7.02 3.38 -6.28
N TYR A 57 6.33 2.57 -7.08
CA TYR A 57 6.56 2.52 -8.51
C TYR A 57 5.29 2.13 -9.25
N TRP A 58 5.21 2.51 -10.52
CA TRP A 58 4.05 2.20 -11.35
C TRP A 58 4.15 0.78 -11.90
N ILE A 59 3.36 -0.13 -11.33
CA ILE A 59 3.36 -1.52 -11.77
C ILE A 59 2.07 -1.86 -12.50
N ASP A 60 2.18 -2.69 -13.53
CA ASP A 60 1.02 -3.10 -14.32
C ASP A 60 0.08 -3.96 -13.48
N ALA A 61 -1.18 -3.53 -13.40
CA ALA A 61 -2.18 -4.26 -12.64
C ALA A 61 -2.40 -5.65 -13.20
N ASP A 62 -1.95 -5.87 -14.44
CA ASP A 62 -2.10 -7.16 -15.09
C ASP A 62 -0.80 -7.95 -15.02
N SER A 63 0.18 -7.42 -14.29
CA SER A 63 1.47 -8.06 -14.15
C SER A 63 1.34 -9.38 -13.39
N PRO A 64 2.12 -10.39 -13.81
CA PRO A 64 2.10 -11.72 -13.19
C PRO A 64 2.73 -11.70 -11.79
N ASP A 65 3.56 -10.70 -11.54
CA ASP A 65 4.22 -10.57 -10.24
C ASP A 65 3.23 -10.11 -9.17
N ILE A 66 2.28 -9.27 -9.56
CA ILE A 66 1.27 -8.77 -8.64
C ILE A 66 0.38 -9.88 -8.14
N HIS A 67 0.25 -9.99 -6.82
CA HIS A 67 -0.60 -11.02 -6.22
C HIS A 67 -1.56 -10.41 -5.21
N PRO A 68 -2.79 -10.96 -5.15
CA PRO A 68 -3.83 -10.48 -4.23
C PRO A 68 -3.51 -10.81 -2.78
N VAL A 69 -4.19 -10.12 -1.86
CA VAL A 69 -3.97 -10.35 -0.43
C VAL A 69 -4.35 -11.77 -0.05
N GLY A 70 -3.34 -12.61 0.16
CA GLY A 70 -3.58 -13.99 0.55
C GLY A 70 -2.92 -14.97 -0.39
N TRP A 71 -2.11 -14.47 -1.31
CA TRP A 71 -1.41 -15.31 -2.28
C TRP A 71 -0.36 -16.15 -1.59
N CYS A 72 -0.06 -15.82 -0.33
CA CYS A 72 0.94 -16.56 0.43
C CYS A 72 0.46 -17.98 0.73
N SER A 73 -0.85 -18.13 0.89
CA SER A 73 -1.44 -19.43 1.19
C SER A 73 -1.61 -20.25 -0.08
N LYS A 74 -2.24 -19.64 -1.09
CA LYS A 74 -2.47 -20.32 -2.36
C LYS A 74 -1.26 -21.15 -2.77
N THR A 75 -0.13 -20.49 -2.96
CA THR A 75 1.10 -21.18 -3.35
C THR A 75 1.79 -21.80 -2.15
N GLY A 76 1.65 -21.15 -0.98
CA GLY A 76 2.26 -21.66 0.23
C GLY A 76 3.62 -21.03 0.50
N HIS A 77 3.77 -19.78 0.11
CA HIS A 77 5.03 -19.06 0.31
C HIS A 77 4.92 -18.12 1.51
N PRO A 78 6.01 -18.00 2.26
CA PRO A 78 6.07 -17.13 3.44
C PRO A 78 6.04 -15.65 3.08
N LEU A 79 5.30 -14.86 3.87
CA LEU A 79 5.19 -13.43 3.62
C LEU A 79 6.03 -12.65 4.62
N GLN A 80 6.60 -11.54 4.17
CA GLN A 80 7.43 -10.70 5.03
C GLN A 80 6.69 -9.43 5.42
N PRO A 81 6.75 -9.07 6.71
CA PRO A 81 6.09 -7.88 7.24
C PRO A 81 6.74 -6.58 6.76
N PRO A 82 5.94 -5.51 6.65
CA PRO A 82 6.42 -4.21 6.20
C PRO A 82 7.35 -3.54 7.22
N LEU A 83 7.66 -2.28 6.99
CA LEU A 83 8.53 -1.53 7.88
C LEU A 83 7.91 -1.41 9.28
N SER A 84 8.73 -1.06 10.26
CA SER A 84 8.27 -0.92 11.63
C SER A 84 7.34 0.28 11.76
N PRO A 85 6.51 0.28 12.83
CA PRO A 85 5.54 1.35 13.09
C PRO A 85 6.23 2.64 13.51
N LEU A 86 7.56 2.63 13.53
CA LEU A 86 8.34 3.80 13.91
C LEU A 86 9.24 4.25 12.77
N GLU A 87 9.41 3.39 11.77
CA GLU A 87 10.25 3.71 10.63
C GLU A 87 9.51 4.60 9.63
N LEU A 88 8.20 4.69 9.80
CA LEU A 88 7.36 5.51 8.93
C LEU A 88 7.11 6.87 9.54
N MET A 89 7.57 7.07 10.77
CA MET A 89 7.39 8.33 11.48
C MET A 89 8.40 9.37 10.99
N GLU A 90 7.99 10.15 9.99
CA GLU A 90 8.86 11.18 9.43
C GLU A 90 8.47 12.56 9.96
N ALA A 91 9.35 13.54 9.75
CA ALA A 91 9.09 14.90 10.20
C ALA A 91 8.85 14.94 11.70
N SER A 92 9.64 14.19 12.46
CA SER A 92 9.50 14.14 13.91
C SER A 92 10.68 14.81 14.60
N GLU A 93 10.53 16.09 14.92
CA GLU A 93 11.58 16.85 15.58
C GLU A 93 11.32 16.97 17.08
N HIS A 94 12.22 16.43 17.88
CA HIS A 94 12.08 16.47 19.33
C HIS A 94 13.07 17.46 19.94
N GLY A 95 12.56 18.62 20.34
CA GLY A 95 13.41 19.64 20.93
C GLY A 95 13.34 19.65 22.44
N GLY A 96 14.12 18.79 23.09
CA GLY A 96 14.11 18.72 24.54
C GLY A 96 15.25 17.87 25.08
N CYS A 97 15.68 18.18 26.30
CA CYS A 97 16.77 17.44 26.93
C CYS A 97 16.35 16.00 27.23
N SER A 98 17.33 15.13 27.41
CA SER A 98 17.07 13.73 27.69
C SER A 98 17.96 13.23 28.84
N THR A 99 17.57 12.10 29.42
CA THR A 99 18.33 11.51 30.53
C THR A 99 19.14 10.31 30.06
N PRO A 100 20.37 10.17 30.58
CA PRO A 100 21.26 9.07 30.23
C PRO A 100 20.77 7.73 30.77
N GLY A 101 20.81 6.71 29.93
CA GLY A 101 20.37 5.38 30.35
C GLY A 101 21.53 4.43 30.55
N SER A 102 22.41 4.76 31.49
CA SER A 102 23.57 3.92 31.78
C SER A 102 24.10 4.18 33.18
N GLY A 103 24.67 3.15 33.79
CA GLY A 103 25.20 3.29 35.14
C GLY A 103 25.19 1.99 35.91
N PRO A 104 26.23 1.16 35.70
CA PRO A 104 26.36 -0.13 36.37
C PRO A 104 26.65 0.01 37.86
N SER A 105 26.67 -1.12 38.57
CA SER A 105 26.93 -1.12 40.00
C SER A 105 27.92 -2.21 40.37
N SER A 106 28.88 -1.87 41.24
CA SER A 106 29.89 -2.83 41.67
C SER A 106 30.56 -2.36 42.95
N GLY A 107 31.09 -3.31 43.71
CA GLY A 107 31.75 -2.98 44.96
C GLY A 107 32.38 -4.20 45.63
N GLY A 1 -18.33 9.07 -6.15
CA GLY A 1 -19.63 9.27 -5.54
C GLY A 1 -20.59 8.12 -5.84
N SER A 2 -21.59 8.41 -6.67
CA SER A 2 -22.59 7.41 -7.03
C SER A 2 -23.38 7.84 -8.26
N SER A 3 -23.62 6.90 -9.16
CA SER A 3 -24.36 7.19 -10.39
C SER A 3 -25.77 6.62 -10.31
N GLY A 4 -26.58 6.92 -11.33
CA GLY A 4 -27.94 6.42 -11.36
C GLY A 4 -28.03 4.98 -11.79
N SER A 5 -27.51 4.68 -12.98
CA SER A 5 -27.53 3.33 -13.51
C SER A 5 -26.30 2.55 -13.06
N SER A 6 -26.43 1.23 -12.98
CA SER A 6 -25.33 0.36 -12.56
C SER A 6 -24.96 -0.62 -13.67
N GLY A 7 -23.68 -0.68 -13.99
CA GLY A 7 -23.22 -1.59 -15.02
C GLY A 7 -21.97 -1.08 -15.73
N VAL A 8 -20.82 -1.57 -15.31
CA VAL A 8 -19.54 -1.16 -15.91
C VAL A 8 -18.40 -2.05 -15.43
N LYS A 9 -17.51 -2.38 -16.35
CA LYS A 9 -16.36 -3.23 -16.02
C LYS A 9 -15.11 -2.39 -15.81
N PRO A 10 -14.25 -2.81 -14.86
CA PRO A 10 -13.01 -2.11 -14.53
C PRO A 10 -11.97 -2.23 -15.64
N PRO A 11 -10.96 -1.36 -15.60
CA PRO A 11 -9.89 -1.34 -16.60
C PRO A 11 -8.97 -2.55 -16.48
N HIS A 12 -8.54 -2.86 -15.26
CA HIS A 12 -7.66 -3.99 -15.01
C HIS A 12 -8.26 -4.91 -13.96
N GLY A 13 -8.87 -4.33 -12.93
CA GLY A 13 -9.47 -5.12 -11.88
C GLY A 13 -8.90 -4.79 -10.51
N PHE A 14 -8.50 -3.54 -10.32
CA PHE A 14 -7.93 -3.10 -9.05
C PHE A 14 -8.76 -1.96 -8.45
N GLN A 15 -8.36 -1.50 -7.27
CA GLN A 15 -9.06 -0.42 -6.59
C GLN A 15 -8.10 0.40 -5.74
N LYS A 16 -8.53 1.60 -5.36
CA LYS A 16 -7.71 2.48 -4.54
C LYS A 16 -7.97 2.25 -3.06
N LYS A 17 -6.93 2.44 -2.25
CA LYS A 17 -7.04 2.25 -0.81
C LYS A 17 -7.22 0.78 -0.47
N MET A 18 -6.75 -0.09 -1.35
CA MET A 18 -6.85 -1.53 -1.13
C MET A 18 -5.48 -2.14 -0.85
N LYS A 19 -5.45 -3.45 -0.58
CA LYS A 19 -4.21 -4.15 -0.29
C LYS A 19 -3.93 -5.22 -1.35
N LEU A 20 -2.65 -5.54 -1.53
CA LEU A 20 -2.26 -6.55 -2.50
C LEU A 20 -0.80 -6.94 -2.32
N GLU A 21 -0.51 -8.22 -2.47
CA GLU A 21 0.85 -8.73 -2.31
C GLU A 21 1.65 -8.50 -3.59
N VAL A 22 2.72 -7.71 -3.49
CA VAL A 22 3.57 -7.42 -4.63
C VAL A 22 4.95 -8.07 -4.48
N VAL A 23 5.48 -8.57 -5.58
CA VAL A 23 6.79 -9.21 -5.58
C VAL A 23 7.91 -8.19 -5.74
N ASP A 24 8.78 -8.11 -4.73
CA ASP A 24 9.90 -7.17 -4.76
C ASP A 24 10.69 -7.32 -6.05
N LYS A 25 10.57 -6.33 -6.93
CA LYS A 25 11.28 -6.33 -8.20
C LYS A 25 12.71 -6.83 -8.02
N ARG A 26 13.46 -6.15 -7.17
CA ARG A 26 14.84 -6.52 -6.91
C ARG A 26 14.93 -7.92 -6.32
N ASN A 27 13.93 -8.29 -5.52
CA ASN A 27 13.90 -9.59 -4.89
C ASN A 27 12.63 -10.35 -5.28
N PRO A 28 12.72 -11.14 -6.36
CA PRO A 28 11.60 -11.94 -6.86
C PRO A 28 11.23 -13.09 -5.93
N MET A 29 12.07 -13.31 -4.92
CA MET A 29 11.84 -14.38 -3.96
C MET A 29 11.27 -13.82 -2.66
N PHE A 30 10.86 -12.56 -2.68
CA PHE A 30 10.29 -11.92 -1.50
C PHE A 30 9.05 -11.11 -1.87
N ILE A 31 7.99 -11.29 -1.08
CA ILE A 31 6.73 -10.57 -1.32
C ILE A 31 6.27 -9.85 -0.07
N ARG A 32 5.67 -8.68 -0.27
CA ARG A 32 5.17 -7.88 0.85
C ARG A 32 3.85 -7.21 0.49
N VAL A 33 3.13 -6.76 1.52
CA VAL A 33 1.84 -6.11 1.32
C VAL A 33 2.01 -4.76 0.64
N ALA A 34 1.04 -4.38 -0.19
CA ALA A 34 1.09 -3.11 -0.91
C ALA A 34 -0.24 -2.38 -0.79
N THR A 35 -0.22 -1.09 -1.11
CA THR A 35 -1.43 -0.26 -1.04
C THR A 35 -1.62 0.54 -2.32
N VAL A 36 -2.69 0.23 -3.05
CA VAL A 36 -2.99 0.92 -4.30
C VAL A 36 -3.32 2.39 -4.05
N ALA A 37 -2.37 3.26 -4.37
CA ALA A 37 -2.56 4.69 -4.18
C ALA A 37 -3.27 5.31 -5.38
N ASP A 38 -2.90 4.86 -6.57
CA ASP A 38 -3.51 5.37 -7.79
C ASP A 38 -3.57 4.28 -8.87
N THR A 39 -4.70 4.22 -9.56
CA THR A 39 -4.90 3.22 -10.61
C THR A 39 -4.95 3.87 -11.99
N ASP A 40 -3.92 3.61 -12.79
CA ASP A 40 -3.85 4.17 -14.14
C ASP A 40 -4.68 3.35 -15.12
N ASP A 41 -4.66 3.75 -16.38
CA ASP A 41 -5.42 3.05 -17.42
C ASP A 41 -5.21 1.54 -17.32
N HIS A 42 -3.95 1.12 -17.37
CA HIS A 42 -3.62 -0.30 -17.28
C HIS A 42 -2.50 -0.53 -16.26
N ARG A 43 -2.42 0.34 -15.26
CA ARG A 43 -1.39 0.23 -14.24
C ARG A 43 -1.94 0.68 -12.88
N VAL A 44 -1.16 0.44 -11.83
CA VAL A 44 -1.56 0.82 -10.48
C VAL A 44 -0.34 1.04 -9.59
N LYS A 45 -0.25 2.23 -9.01
CA LYS A 45 0.87 2.57 -8.13
C LYS A 45 0.77 1.81 -6.81
N VAL A 46 1.64 0.82 -6.63
CA VAL A 46 1.65 0.02 -5.42
C VAL A 46 2.63 0.59 -4.40
N HIS A 47 2.11 1.10 -3.29
CA HIS A 47 2.94 1.67 -2.24
C HIS A 47 3.13 0.67 -1.10
N PHE A 48 4.39 0.42 -0.74
CA PHE A 48 4.70 -0.51 0.33
C PHE A 48 4.58 0.16 1.69
N ASP A 49 3.49 -0.11 2.38
CA ASP A 49 3.25 0.46 3.71
C ASP A 49 4.55 0.56 4.50
N GLY A 50 4.81 1.72 5.07
CA GLY A 50 6.02 1.92 5.85
C GLY A 50 7.20 2.33 4.99
N TRP A 51 7.39 1.63 3.87
CA TRP A 51 8.49 1.93 2.96
C TRP A 51 8.35 3.32 2.38
N ASN A 52 9.44 4.08 2.40
CA ASN A 52 9.45 5.44 1.86
C ASN A 52 8.70 5.50 0.54
N ASN A 53 7.74 6.42 0.46
CA ASN A 53 6.95 6.59 -0.76
C ASN A 53 7.82 6.43 -2.00
N CYS A 54 9.05 6.91 -1.92
CA CYS A 54 9.99 6.83 -3.03
C CYS A 54 10.07 5.40 -3.56
N TYR A 55 10.20 4.44 -2.65
CA TYR A 55 10.30 3.04 -3.02
C TYR A 55 9.18 2.65 -3.99
N ASP A 56 8.01 3.23 -3.78
CA ASP A 56 6.86 2.94 -4.64
C ASP A 56 7.26 2.95 -6.10
N TYR A 57 6.42 2.34 -6.94
CA TYR A 57 6.70 2.27 -8.37
C TYR A 57 5.43 1.89 -9.15
N TRP A 58 5.34 2.39 -10.37
CA TRP A 58 4.18 2.09 -11.22
C TRP A 58 4.28 0.69 -11.80
N ILE A 59 3.45 -0.22 -11.28
CA ILE A 59 3.44 -1.60 -11.75
C ILE A 59 2.16 -1.90 -12.53
N ASP A 60 2.29 -2.73 -13.56
CA ASP A 60 1.15 -3.10 -14.38
C ASP A 60 0.17 -3.97 -13.61
N ALA A 61 -1.09 -3.57 -13.60
CA ALA A 61 -2.13 -4.32 -12.89
C ALA A 61 -2.29 -5.72 -13.46
N ASP A 62 -1.83 -5.91 -14.70
CA ASP A 62 -1.92 -7.20 -15.35
C ASP A 62 -0.63 -8.01 -15.15
N SER A 63 0.36 -7.38 -14.54
CA SER A 63 1.64 -8.02 -14.29
C SER A 63 1.45 -9.31 -13.49
N PRO A 64 2.20 -10.36 -13.87
CA PRO A 64 2.13 -11.66 -13.21
C PRO A 64 2.72 -11.62 -11.79
N ASP A 65 3.63 -10.67 -11.57
CA ASP A 65 4.26 -10.53 -10.26
C ASP A 65 3.26 -10.07 -9.21
N ILE A 66 2.27 -9.30 -9.64
CA ILE A 66 1.24 -8.81 -8.73
C ILE A 66 0.39 -9.94 -8.19
N HIS A 67 0.26 -10.01 -6.88
CA HIS A 67 -0.54 -11.05 -6.23
C HIS A 67 -1.53 -10.44 -5.24
N PRO A 68 -2.75 -10.99 -5.20
CA PRO A 68 -3.81 -10.53 -4.31
C PRO A 68 -3.52 -10.85 -2.85
N VAL A 69 -4.14 -10.10 -1.94
CA VAL A 69 -3.95 -10.30 -0.52
C VAL A 69 -4.33 -11.72 -0.11
N GLY A 70 -3.34 -12.56 0.11
CA GLY A 70 -3.60 -13.94 0.49
C GLY A 70 -2.98 -14.94 -0.46
N TRP A 71 -2.10 -14.45 -1.34
CA TRP A 71 -1.45 -15.32 -2.31
C TRP A 71 -0.36 -16.16 -1.64
N CYS A 72 0.13 -15.69 -0.50
CA CYS A 72 1.17 -16.40 0.23
C CYS A 72 0.69 -17.79 0.65
N SER A 73 -0.61 -17.90 0.91
CA SER A 73 -1.20 -19.17 1.33
C SER A 73 -1.51 -20.05 0.13
N LYS A 74 -2.46 -19.60 -0.69
CA LYS A 74 -2.86 -20.35 -1.88
C LYS A 74 -1.67 -21.08 -2.48
N THR A 75 -0.49 -20.47 -2.39
CA THR A 75 0.72 -21.06 -2.93
C THR A 75 1.54 -21.74 -1.83
N GLY A 76 1.72 -21.03 -0.72
CA GLY A 76 2.48 -21.58 0.39
C GLY A 76 3.82 -20.88 0.57
N HIS A 77 3.96 -19.70 -0.01
CA HIS A 77 5.19 -18.93 0.10
C HIS A 77 5.17 -18.01 1.32
N PRO A 78 6.34 -17.82 1.94
CA PRO A 78 6.47 -16.98 3.13
C PRO A 78 6.30 -15.50 2.80
N LEU A 79 5.56 -14.81 3.66
CA LEU A 79 5.31 -13.38 3.47
C LEU A 79 6.06 -12.55 4.51
N GLN A 80 6.66 -11.45 4.06
CA GLN A 80 7.41 -10.58 4.95
C GLN A 80 6.58 -9.35 5.33
N PRO A 81 6.60 -9.00 6.63
CA PRO A 81 5.86 -7.85 7.14
C PRO A 81 6.45 -6.53 6.68
N PRO A 82 5.60 -5.48 6.64
CA PRO A 82 6.02 -4.14 6.21
C PRO A 82 6.95 -3.48 7.22
N LEU A 83 7.21 -2.19 7.01
CA LEU A 83 8.08 -1.44 7.91
C LEU A 83 7.31 -0.89 9.10
N SER A 84 7.99 -0.15 9.96
CA SER A 84 7.36 0.44 11.14
C SER A 84 6.78 1.81 10.83
N PRO A 85 5.86 2.26 11.69
CA PRO A 85 5.20 3.57 11.53
C PRO A 85 6.15 4.73 11.77
N LEU A 86 7.37 4.42 12.20
CA LEU A 86 8.37 5.43 12.47
C LEU A 86 9.10 5.84 11.19
N GLU A 87 9.34 4.87 10.32
CA GLU A 87 10.03 5.13 9.06
C GLU A 87 9.31 6.21 8.27
N LEU A 88 7.99 6.22 8.33
CA LEU A 88 7.18 7.20 7.62
C LEU A 88 7.66 8.62 7.92
N MET A 89 8.04 8.86 9.17
CA MET A 89 8.53 10.17 9.58
C MET A 89 9.38 10.80 8.48
N GLU A 90 9.42 12.14 8.47
CA GLU A 90 10.20 12.86 7.47
C GLU A 90 11.58 13.22 8.01
N ALA A 91 12.50 13.53 7.10
CA ALA A 91 13.85 13.89 7.48
C ALA A 91 14.08 15.39 7.35
N SER A 92 15.25 15.85 7.79
CA SER A 92 15.58 17.28 7.72
C SER A 92 17.10 17.47 7.61
N GLU A 93 17.49 18.61 7.07
CA GLU A 93 18.91 18.93 6.91
C GLU A 93 19.51 19.44 8.22
N HIS A 94 20.68 18.93 8.57
CA HIS A 94 21.36 19.35 9.78
C HIS A 94 22.84 18.98 9.73
N GLY A 95 23.70 19.92 10.14
CA GLY A 95 25.13 19.68 10.13
C GLY A 95 25.86 20.61 9.18
N GLY A 96 27.00 21.12 9.63
CA GLY A 96 27.79 22.02 8.79
C GLY A 96 28.11 23.32 9.51
N CYS A 97 27.08 24.11 9.78
CA CYS A 97 27.27 25.39 10.46
C CYS A 97 27.51 25.19 11.95
N SER A 98 28.77 25.02 12.33
CA SER A 98 29.13 24.82 13.72
C SER A 98 30.50 25.40 14.02
N THR A 99 30.58 26.26 15.03
CA THR A 99 31.83 26.90 15.41
C THR A 99 32.69 25.94 16.23
N PRO A 100 34.02 25.99 15.98
CA PRO A 100 34.97 25.14 16.69
C PRO A 100 35.13 25.52 18.16
N GLY A 101 34.89 24.56 19.04
CA GLY A 101 35.01 24.81 20.47
C GLY A 101 35.84 23.77 21.18
N SER A 102 35.25 22.61 21.44
CA SER A 102 35.95 21.53 22.12
C SER A 102 36.46 20.50 21.13
N GLY A 103 37.77 20.22 21.19
CA GLY A 103 38.36 19.26 20.28
C GLY A 103 39.59 19.80 19.58
N PRO A 104 39.85 19.32 18.35
CA PRO A 104 40.99 19.75 17.56
C PRO A 104 40.85 21.19 17.06
N SER A 105 41.80 21.62 16.23
CA SER A 105 41.79 22.98 15.70
C SER A 105 42.26 22.99 14.25
N SER A 106 41.87 24.03 13.52
CA SER A 106 42.25 24.16 12.12
C SER A 106 43.59 24.90 11.99
N GLY A 107 44.36 24.54 10.96
CA GLY A 107 45.65 25.17 10.75
C GLY A 107 45.84 25.62 9.31
N GLY A 1 -15.02 -0.76 3.34
CA GLY A 1 -16.46 -0.81 3.10
C GLY A 1 -16.80 -0.96 1.63
N SER A 2 -18.07 -1.23 1.35
CA SER A 2 -18.52 -1.40 -0.03
C SER A 2 -19.54 -0.31 -0.40
N SER A 3 -19.05 0.75 -1.02
CA SER A 3 -19.92 1.86 -1.43
C SER A 3 -20.95 1.39 -2.46
N GLY A 4 -20.48 0.73 -3.51
CA GLY A 4 -21.37 0.23 -4.53
C GLY A 4 -20.74 0.29 -5.92
N SER A 5 -21.29 -0.50 -6.83
CA SER A 5 -20.77 -0.55 -8.20
C SER A 5 -21.86 -0.18 -9.20
N SER A 6 -21.80 1.05 -9.70
CA SER A 6 -22.77 1.54 -10.67
C SER A 6 -22.21 2.71 -11.47
N GLY A 7 -22.21 2.57 -12.80
CA GLY A 7 -21.69 3.61 -13.66
C GLY A 7 -20.30 3.32 -14.16
N VAL A 8 -19.34 3.28 -13.24
CA VAL A 8 -17.95 3.01 -13.59
C VAL A 8 -17.76 1.55 -14.00
N LYS A 9 -16.57 1.22 -14.46
CA LYS A 9 -16.25 -0.14 -14.89
C LYS A 9 -14.79 -0.48 -14.60
N PRO A 10 -14.53 -1.74 -14.25
CA PRO A 10 -13.17 -2.22 -13.94
C PRO A 10 -12.29 -2.29 -15.18
N PRO A 11 -11.30 -1.39 -15.25
CA PRO A 11 -10.37 -1.33 -16.38
C PRO A 11 -9.42 -2.53 -16.42
N HIS A 12 -8.90 -2.90 -15.25
CA HIS A 12 -7.98 -4.03 -15.16
C HIS A 12 -8.45 -5.02 -14.10
N GLY A 13 -8.91 -4.50 -12.97
CA GLY A 13 -9.37 -5.35 -11.89
C GLY A 13 -8.76 -4.99 -10.55
N PHE A 14 -8.44 -3.71 -10.38
CA PHE A 14 -7.83 -3.24 -9.14
C PHE A 14 -8.52 -1.97 -8.65
N GLN A 15 -8.40 -1.69 -7.36
CA GLN A 15 -9.00 -0.51 -6.77
C GLN A 15 -7.98 0.30 -5.97
N LYS A 16 -8.37 1.48 -5.53
CA LYS A 16 -7.49 2.35 -4.75
C LYS A 16 -7.77 2.22 -3.26
N LYS A 17 -6.74 2.43 -2.45
CA LYS A 17 -6.89 2.34 -1.00
C LYS A 17 -7.11 0.90 -0.56
N MET A 18 -6.62 -0.04 -1.37
CA MET A 18 -6.76 -1.46 -1.06
C MET A 18 -5.41 -2.09 -0.75
N LYS A 19 -5.41 -3.40 -0.52
CA LYS A 19 -4.18 -4.12 -0.21
C LYS A 19 -3.95 -5.24 -1.23
N LEU A 20 -2.67 -5.57 -1.45
CA LEU A 20 -2.31 -6.62 -2.39
C LEU A 20 -0.85 -7.03 -2.22
N GLU A 21 -0.59 -8.33 -2.34
CA GLU A 21 0.77 -8.85 -2.20
C GLU A 21 1.56 -8.66 -3.49
N VAL A 22 2.57 -7.80 -3.45
CA VAL A 22 3.41 -7.53 -4.61
C VAL A 22 4.77 -8.20 -4.47
N VAL A 23 5.38 -8.53 -5.61
CA VAL A 23 6.69 -9.16 -5.61
C VAL A 23 7.80 -8.15 -5.85
N ASP A 24 8.69 -8.01 -4.88
CA ASP A 24 9.80 -7.06 -4.98
C ASP A 24 10.61 -7.32 -6.23
N LYS A 25 10.50 -6.43 -7.21
CA LYS A 25 11.22 -6.56 -8.46
C LYS A 25 12.66 -7.01 -8.22
N ARG A 26 13.37 -6.27 -7.38
CA ARG A 26 14.75 -6.59 -7.06
C ARG A 26 14.85 -7.94 -6.34
N ASN A 27 13.79 -8.29 -5.62
CA ASN A 27 13.75 -9.55 -4.89
C ASN A 27 12.47 -10.32 -5.18
N PRO A 28 12.53 -11.20 -6.19
CA PRO A 28 11.38 -12.01 -6.61
C PRO A 28 11.02 -13.07 -5.56
N MET A 29 11.97 -13.38 -4.68
CA MET A 29 11.76 -14.37 -3.65
C MET A 29 11.26 -13.72 -2.36
N PHE A 30 10.80 -12.48 -2.48
CA PHE A 30 10.29 -11.75 -1.32
C PHE A 30 8.99 -11.01 -1.68
N ILE A 31 7.94 -11.28 -0.91
CA ILE A 31 6.65 -10.64 -1.13
C ILE A 31 6.15 -9.95 0.12
N ARG A 32 5.68 -8.72 -0.04
CA ARG A 32 5.17 -7.94 1.10
C ARG A 32 3.83 -7.31 0.75
N VAL A 33 3.21 -6.67 1.74
CA VAL A 33 1.92 -6.02 1.55
C VAL A 33 2.08 -4.71 0.79
N ALA A 34 1.11 -4.43 -0.09
CA ALA A 34 1.14 -3.20 -0.87
C ALA A 34 -0.17 -2.43 -0.74
N THR A 35 -0.15 -1.17 -1.16
CA THR A 35 -1.34 -0.32 -1.10
C THR A 35 -1.53 0.48 -2.38
N VAL A 36 -2.53 0.12 -3.16
CA VAL A 36 -2.82 0.81 -4.41
C VAL A 36 -3.19 2.26 -4.16
N ALA A 37 -2.23 3.16 -4.41
CA ALA A 37 -2.45 4.59 -4.22
C ALA A 37 -3.25 5.18 -5.39
N ASP A 38 -2.81 4.88 -6.60
CA ASP A 38 -3.47 5.38 -7.80
C ASP A 38 -3.55 4.30 -8.88
N THR A 39 -4.66 4.28 -9.61
CA THR A 39 -4.86 3.30 -10.66
C THR A 39 -4.91 3.97 -12.03
N ASP A 40 -3.98 3.59 -12.91
CA ASP A 40 -3.92 4.15 -14.25
C ASP A 40 -4.71 3.28 -15.23
N ASP A 41 -4.67 3.66 -16.50
CA ASP A 41 -5.37 2.93 -17.54
C ASP A 41 -5.12 1.43 -17.43
N HIS A 42 -3.83 1.05 -17.48
CA HIS A 42 -3.44 -0.35 -17.37
C HIS A 42 -2.32 -0.52 -16.36
N ARG A 43 -2.32 0.30 -15.33
CA ARG A 43 -1.30 0.24 -14.29
C ARG A 43 -1.88 0.64 -12.93
N VAL A 44 -1.07 0.49 -11.89
CA VAL A 44 -1.50 0.84 -10.54
C VAL A 44 -0.29 1.07 -9.63
N LYS A 45 -0.17 2.29 -9.12
CA LYS A 45 0.93 2.63 -8.23
C LYS A 45 0.82 1.89 -6.91
N VAL A 46 1.68 0.89 -6.71
CA VAL A 46 1.68 0.11 -5.49
C VAL A 46 2.66 0.68 -4.47
N HIS A 47 2.14 1.07 -3.31
CA HIS A 47 2.97 1.63 -2.25
C HIS A 47 3.15 0.62 -1.11
N PHE A 48 4.40 0.23 -0.87
CA PHE A 48 4.70 -0.73 0.18
C PHE A 48 4.64 -0.06 1.56
N ASP A 49 3.60 -0.37 2.32
CA ASP A 49 3.43 0.19 3.65
C ASP A 49 4.75 0.17 4.42
N GLY A 50 5.11 1.33 4.97
CA GLY A 50 6.34 1.43 5.73
C GLY A 50 7.52 1.82 4.86
N TRP A 51 7.62 1.22 3.68
CA TRP A 51 8.72 1.50 2.76
C TRP A 51 8.68 2.97 2.33
N ASN A 52 9.86 3.52 2.06
CA ASN A 52 9.98 4.91 1.64
C ASN A 52 9.20 5.16 0.35
N ASN A 53 8.41 6.22 0.33
CA ASN A 53 7.63 6.56 -0.85
C ASN A 53 8.44 6.38 -2.12
N CYS A 54 9.72 6.73 -2.06
CA CYS A 54 10.62 6.60 -3.21
C CYS A 54 10.48 5.22 -3.84
N TYR A 55 10.45 4.19 -3.01
CA TYR A 55 10.33 2.81 -3.49
C TYR A 55 9.13 2.67 -4.43
N ASP A 56 8.01 3.26 -4.04
CA ASP A 56 6.80 3.20 -4.86
C ASP A 56 7.13 3.27 -6.34
N TYR A 57 6.43 2.48 -7.14
CA TYR A 57 6.66 2.45 -8.58
C TYR A 57 5.38 2.05 -9.32
N TRP A 58 5.25 2.50 -10.56
CA TRP A 58 4.09 2.19 -11.37
C TRP A 58 4.17 0.77 -11.93
N ILE A 59 3.36 -0.12 -11.36
CA ILE A 59 3.34 -1.51 -11.80
C ILE A 59 2.06 -1.84 -12.54
N ASP A 60 2.17 -2.64 -13.60
CA ASP A 60 1.01 -3.04 -14.40
C ASP A 60 0.02 -3.81 -13.55
N ALA A 61 -1.25 -3.39 -13.60
CA ALA A 61 -2.31 -4.04 -12.83
C ALA A 61 -2.51 -5.48 -13.31
N ASP A 62 -2.11 -5.75 -14.54
CA ASP A 62 -2.25 -7.09 -15.10
C ASP A 62 -0.91 -7.83 -15.06
N SER A 63 0.00 -7.36 -14.22
CA SER A 63 1.31 -7.99 -14.09
C SER A 63 1.21 -9.30 -13.32
N PRO A 64 2.00 -10.30 -13.75
CA PRO A 64 2.03 -11.62 -13.11
C PRO A 64 2.66 -11.58 -11.72
N ASP A 65 3.46 -10.55 -11.47
CA ASP A 65 4.12 -10.40 -10.17
C ASP A 65 3.13 -9.96 -9.10
N ILE A 66 2.16 -9.14 -9.50
CA ILE A 66 1.15 -8.65 -8.58
C ILE A 66 0.25 -9.78 -8.09
N HIS A 67 0.14 -9.90 -6.77
CA HIS A 67 -0.70 -10.94 -6.17
C HIS A 67 -1.66 -10.35 -5.14
N PRO A 68 -2.88 -10.90 -5.08
CA PRO A 68 -3.91 -10.44 -4.14
C PRO A 68 -3.57 -10.78 -2.70
N VAL A 69 -4.23 -10.11 -1.77
CA VAL A 69 -4.00 -10.34 -0.34
C VAL A 69 -4.37 -11.77 0.03
N GLY A 70 -3.35 -12.62 0.20
CA GLY A 70 -3.59 -14.00 0.56
C GLY A 70 -2.96 -14.97 -0.41
N TRP A 71 -2.11 -14.45 -1.29
CA TRP A 71 -1.44 -15.29 -2.29
C TRP A 71 -0.39 -16.17 -1.64
N CYS A 72 -0.03 -15.85 -0.40
CA CYS A 72 0.97 -16.61 0.33
C CYS A 72 0.47 -18.02 0.64
N SER A 73 -0.84 -18.14 0.89
CA SER A 73 -1.44 -19.43 1.20
C SER A 73 -1.62 -20.26 -0.06
N LYS A 74 -2.17 -19.65 -1.11
CA LYS A 74 -2.39 -20.33 -2.37
C LYS A 74 -1.17 -21.17 -2.76
N THR A 75 -0.07 -20.51 -3.08
CA THR A 75 1.15 -21.19 -3.46
C THR A 75 1.84 -21.81 -2.25
N GLY A 76 2.04 -21.00 -1.21
CA GLY A 76 2.68 -21.49 -0.01
C GLY A 76 4.03 -20.83 0.24
N HIS A 77 4.12 -19.55 -0.11
CA HIS A 77 5.36 -18.80 0.07
C HIS A 77 5.28 -17.91 1.31
N PRO A 78 6.41 -17.78 2.02
CA PRO A 78 6.49 -16.95 3.23
C PRO A 78 6.39 -15.47 2.92
N LEU A 79 5.61 -14.75 3.73
CA LEU A 79 5.44 -13.31 3.55
C LEU A 79 6.22 -12.54 4.59
N GLN A 80 6.76 -11.38 4.19
CA GLN A 80 7.52 -10.54 5.10
C GLN A 80 6.73 -9.29 5.48
N PRO A 81 6.68 -9.01 6.79
CA PRO A 81 5.96 -7.84 7.31
C PRO A 81 6.64 -6.53 6.96
N PRO A 82 5.86 -5.44 6.89
CA PRO A 82 6.38 -4.11 6.56
C PRO A 82 7.23 -3.54 7.68
N LEU A 83 7.66 -2.29 7.50
CA LEU A 83 8.49 -1.61 8.50
C LEU A 83 7.76 -1.49 9.83
N SER A 84 8.51 -1.25 10.89
CA SER A 84 7.92 -1.11 12.22
C SER A 84 6.98 0.09 12.28
N PRO A 85 6.00 0.03 13.20
CA PRO A 85 5.01 1.10 13.37
C PRO A 85 5.63 2.36 13.96
N LEU A 86 6.93 2.30 14.27
CA LEU A 86 7.64 3.44 14.85
C LEU A 86 8.23 4.31 13.75
N GLU A 87 8.59 3.70 12.63
CA GLU A 87 9.17 4.43 11.51
C GLU A 87 8.21 5.50 11.00
N LEU A 88 7.03 5.08 10.56
CA LEU A 88 6.02 6.01 10.05
C LEU A 88 6.07 7.33 10.82
N MET A 89 6.09 7.24 12.14
CA MET A 89 6.13 8.43 12.99
C MET A 89 6.97 9.52 12.34
N GLU A 90 8.19 9.17 11.93
CA GLU A 90 9.09 10.12 11.30
C GLU A 90 9.43 9.69 9.88
N ALA A 91 8.75 10.28 8.90
CA ALA A 91 8.98 9.95 7.50
C ALA A 91 9.29 11.21 6.69
N SER A 92 9.68 11.02 5.44
CA SER A 92 10.01 12.13 4.56
C SER A 92 8.78 12.58 3.77
N GLU A 93 7.70 12.87 4.49
CA GLU A 93 6.46 13.30 3.85
C GLU A 93 6.53 14.79 3.48
N HIS A 94 5.77 15.17 2.46
CA HIS A 94 5.76 16.56 2.00
C HIS A 94 4.44 17.23 2.39
N GLY A 95 4.45 18.57 2.38
CA GLY A 95 3.25 19.32 2.73
C GLY A 95 3.28 19.82 4.16
N GLY A 96 2.13 19.78 4.84
CA GLY A 96 2.06 20.24 6.20
C GLY A 96 0.63 20.32 6.71
N CYS A 97 0.36 19.63 7.80
CA CYS A 97 -0.98 19.61 8.39
C CYS A 97 -1.48 21.03 8.61
N SER A 98 -2.80 21.21 8.48
CA SER A 98 -3.41 22.52 8.66
C SER A 98 -3.85 22.73 10.12
N THR A 99 -3.73 23.97 10.59
CA THR A 99 -4.11 24.30 11.96
C THR A 99 -5.36 25.17 11.98
N PRO A 100 -6.53 24.54 11.85
CA PRO A 100 -7.82 25.24 11.87
C PRO A 100 -8.15 25.81 13.25
N GLY A 101 -7.93 25.00 14.28
CA GLY A 101 -8.21 25.45 15.63
C GLY A 101 -9.57 24.99 16.12
N SER A 102 -9.94 25.40 17.32
CA SER A 102 -11.23 25.03 17.91
C SER A 102 -12.30 26.06 17.57
N GLY A 103 -13.56 25.62 17.57
CA GLY A 103 -14.65 26.52 17.28
C GLY A 103 -15.33 27.06 18.52
N PRO A 104 -15.77 28.32 18.47
CA PRO A 104 -16.44 28.98 19.60
C PRO A 104 -17.82 28.39 19.86
N SER A 105 -18.49 28.90 20.90
CA SER A 105 -19.82 28.43 21.26
C SER A 105 -20.80 29.60 21.37
N SER A 106 -21.74 29.67 20.42
CA SER A 106 -22.73 30.73 20.41
C SER A 106 -23.18 31.07 21.83
N GLY A 107 -23.77 30.09 22.51
CA GLY A 107 -24.24 30.30 23.87
C GLY A 107 -25.39 29.38 24.24
N GLY A 1 -22.42 13.59 4.48
CA GLY A 1 -21.84 13.78 3.18
C GLY A 1 -22.65 13.13 2.07
N SER A 2 -22.01 12.90 0.93
CA SER A 2 -22.69 12.29 -0.20
C SER A 2 -21.96 11.04 -0.67
N SER A 3 -22.71 10.06 -1.14
CA SER A 3 -22.13 8.81 -1.61
C SER A 3 -21.31 9.03 -2.89
N GLY A 4 -21.92 9.72 -3.86
CA GLY A 4 -21.23 9.99 -5.11
C GLY A 4 -21.70 9.07 -6.23
N SER A 5 -22.27 9.67 -7.27
CA SER A 5 -22.76 8.90 -8.41
C SER A 5 -21.91 9.17 -9.66
N SER A 6 -21.44 8.10 -10.29
CA SER A 6 -20.62 8.23 -11.48
C SER A 6 -20.47 6.88 -12.18
N GLY A 7 -20.52 6.89 -13.51
CA GLY A 7 -20.39 5.68 -14.28
C GLY A 7 -18.95 5.28 -14.52
N VAL A 8 -18.52 4.19 -13.89
CA VAL A 8 -17.15 3.72 -14.04
C VAL A 8 -17.11 2.20 -14.18
N LYS A 9 -16.02 1.69 -14.76
CA LYS A 9 -15.86 0.26 -14.95
C LYS A 9 -14.42 -0.17 -14.69
N PRO A 10 -14.23 -1.45 -14.31
CA PRO A 10 -12.90 -2.00 -14.03
C PRO A 10 -12.06 -2.14 -15.29
N PRO A 11 -11.01 -1.30 -15.40
CA PRO A 11 -10.10 -1.33 -16.54
C PRO A 11 -9.23 -2.58 -16.58
N HIS A 12 -8.76 -3.00 -15.41
CA HIS A 12 -7.92 -4.19 -15.31
C HIS A 12 -8.46 -5.14 -14.25
N GLY A 13 -8.86 -4.60 -13.10
CA GLY A 13 -9.39 -5.41 -12.03
C GLY A 13 -8.75 -5.10 -10.69
N PHE A 14 -8.43 -3.82 -10.47
CA PHE A 14 -7.81 -3.40 -9.23
C PHE A 14 -8.50 -2.15 -8.67
N GLN A 15 -8.52 -2.03 -7.35
CA GLN A 15 -9.14 -0.89 -6.69
C GLN A 15 -8.11 -0.09 -5.90
N LYS A 16 -8.49 1.11 -5.47
CA LYS A 16 -7.61 1.97 -4.70
C LYS A 16 -7.88 1.83 -3.21
N LYS A 17 -6.85 2.10 -2.40
CA LYS A 17 -6.98 2.00 -0.95
C LYS A 17 -7.15 0.55 -0.51
N MET A 18 -6.65 -0.38 -1.33
CA MET A 18 -6.74 -1.79 -1.01
C MET A 18 -5.36 -2.38 -0.71
N LYS A 19 -5.32 -3.67 -0.42
CA LYS A 19 -4.07 -4.35 -0.11
C LYS A 19 -3.79 -5.46 -1.11
N LEU A 20 -2.52 -5.62 -1.48
CA LEU A 20 -2.12 -6.64 -2.43
C LEU A 20 -0.65 -6.98 -2.28
N GLU A 21 -0.32 -8.27 -2.40
CA GLU A 21 1.06 -8.72 -2.28
C GLU A 21 1.82 -8.51 -3.59
N VAL A 22 2.83 -7.64 -3.54
CA VAL A 22 3.64 -7.34 -4.73
C VAL A 22 5.03 -7.94 -4.60
N VAL A 23 5.54 -8.48 -5.71
CA VAL A 23 6.87 -9.09 -5.72
C VAL A 23 7.95 -8.03 -5.89
N ASP A 24 8.81 -7.91 -4.88
CA ASP A 24 9.89 -6.94 -4.91
C ASP A 24 10.72 -7.09 -6.18
N LYS A 25 10.74 -6.04 -7.00
CA LYS A 25 11.49 -6.05 -8.24
C LYS A 25 12.94 -6.43 -8.00
N ARG A 26 13.59 -5.73 -7.07
CA ARG A 26 14.98 -6.00 -6.74
C ARG A 26 15.16 -7.44 -6.26
N ASN A 27 14.17 -7.94 -5.52
CA ASN A 27 14.22 -9.29 -4.99
C ASN A 27 12.91 -10.03 -5.27
N PRO A 28 12.87 -10.78 -6.38
CA PRO A 28 11.69 -11.55 -6.78
C PRO A 28 11.43 -12.73 -5.85
N MET A 29 12.34 -12.95 -4.90
CA MET A 29 12.20 -14.04 -3.96
C MET A 29 11.59 -13.57 -2.65
N PHE A 30 11.13 -12.32 -2.64
CA PHE A 30 10.52 -11.74 -1.45
C PHE A 30 9.21 -11.04 -1.80
N ILE A 31 8.19 -11.26 -0.97
CA ILE A 31 6.88 -10.65 -1.18
C ILE A 31 6.39 -9.96 0.08
N ARG A 32 5.86 -8.75 -0.08
CA ARG A 32 5.34 -7.98 1.04
C ARG A 32 3.96 -7.41 0.72
N VAL A 33 3.40 -6.68 1.68
CA VAL A 33 2.08 -6.06 1.50
C VAL A 33 2.20 -4.73 0.77
N ALA A 34 1.23 -4.45 -0.09
CA ALA A 34 1.21 -3.20 -0.85
C ALA A 34 -0.11 -2.47 -0.66
N THR A 35 -0.19 -1.25 -1.20
CA THR A 35 -1.39 -0.44 -1.10
C THR A 35 -1.61 0.39 -2.35
N VAL A 36 -2.62 0.04 -3.13
CA VAL A 36 -2.93 0.77 -4.36
C VAL A 36 -3.25 2.23 -4.07
N ALA A 37 -2.33 3.12 -4.46
CA ALA A 37 -2.52 4.54 -4.24
C ALA A 37 -3.27 5.18 -5.41
N ASP A 38 -2.92 4.79 -6.62
CA ASP A 38 -3.56 5.33 -7.81
C ASP A 38 -3.60 4.27 -8.92
N THR A 39 -4.78 4.10 -9.52
CA THR A 39 -4.96 3.13 -10.58
C THR A 39 -5.04 3.82 -11.94
N ASP A 40 -4.05 3.56 -12.79
CA ASP A 40 -4.02 4.16 -14.12
C ASP A 40 -4.78 3.28 -15.12
N ASP A 41 -4.74 3.68 -16.39
CA ASP A 41 -5.42 2.94 -17.45
C ASP A 41 -5.16 1.44 -17.32
N HIS A 42 -3.90 1.07 -17.50
CA HIS A 42 -3.50 -0.34 -17.40
C HIS A 42 -2.38 -0.52 -16.39
N ARG A 43 -2.38 0.29 -15.34
CA ARG A 43 -1.36 0.22 -14.31
C ARG A 43 -1.93 0.65 -12.95
N VAL A 44 -1.16 0.41 -11.89
CA VAL A 44 -1.58 0.77 -10.55
C VAL A 44 -0.37 0.97 -9.63
N LYS A 45 -0.30 2.15 -9.01
CA LYS A 45 0.80 2.47 -8.11
C LYS A 45 0.70 1.65 -6.83
N VAL A 46 1.62 0.70 -6.67
CA VAL A 46 1.63 -0.15 -5.47
C VAL A 46 2.63 0.36 -4.45
N HIS A 47 2.13 0.83 -3.31
CA HIS A 47 2.98 1.34 -2.24
C HIS A 47 3.18 0.29 -1.15
N PHE A 48 4.43 0.12 -0.72
CA PHE A 48 4.75 -0.86 0.31
C PHE A 48 4.70 -0.21 1.69
N ASP A 49 3.61 -0.44 2.41
CA ASP A 49 3.43 0.11 3.74
C ASP A 49 4.73 0.04 4.54
N GLY A 50 5.18 1.18 5.05
CA GLY A 50 6.41 1.22 5.81
C GLY A 50 7.58 1.75 5.01
N TRP A 51 7.89 1.09 3.91
CA TRP A 51 9.01 1.49 3.05
C TRP A 51 8.87 2.96 2.65
N ASN A 52 9.93 3.51 2.08
CA ASN A 52 9.92 4.91 1.65
C ASN A 52 9.12 5.08 0.37
N ASN A 53 8.24 6.08 0.36
CA ASN A 53 7.41 6.35 -0.80
C ASN A 53 8.24 6.36 -2.08
N CYS A 54 9.49 6.77 -1.96
CA CYS A 54 10.39 6.82 -3.10
C CYS A 54 10.43 5.48 -3.82
N TYR A 55 10.40 4.40 -3.07
CA TYR A 55 10.43 3.05 -3.63
C TYR A 55 9.24 2.82 -4.56
N ASP A 56 8.09 3.35 -4.15
CA ASP A 56 6.86 3.21 -4.95
C ASP A 56 7.18 3.21 -6.43
N TYR A 57 6.39 2.46 -7.21
CA TYR A 57 6.59 2.36 -8.64
C TYR A 57 5.30 1.95 -9.34
N TRP A 58 5.09 2.48 -10.53
CA TRP A 58 3.89 2.17 -11.32
C TRP A 58 3.99 0.77 -11.92
N ILE A 59 3.25 -0.18 -11.36
CA ILE A 59 3.25 -1.54 -11.85
C ILE A 59 1.98 -1.86 -12.60
N ASP A 60 2.09 -2.72 -13.61
CA ASP A 60 0.93 -3.11 -14.42
C ASP A 60 -0.02 -3.99 -13.61
N ALA A 61 -1.27 -3.53 -13.49
CA ALA A 61 -2.27 -4.28 -12.73
C ALA A 61 -2.45 -5.69 -13.30
N ASP A 62 -2.09 -5.87 -14.56
CA ASP A 62 -2.20 -7.16 -15.22
C ASP A 62 -0.86 -7.90 -15.18
N SER A 63 0.07 -7.40 -14.37
CA SER A 63 1.38 -8.02 -14.24
C SER A 63 1.29 -9.34 -13.48
N PRO A 64 2.09 -10.33 -13.92
CA PRO A 64 2.12 -11.65 -13.29
C PRO A 64 2.74 -11.62 -11.90
N ASP A 65 3.56 -10.60 -11.64
CA ASP A 65 4.21 -10.46 -10.34
C ASP A 65 3.21 -9.99 -9.28
N ILE A 66 2.26 -9.16 -9.69
CA ILE A 66 1.25 -8.65 -8.77
C ILE A 66 0.40 -9.78 -8.20
N HIS A 67 0.42 -9.93 -6.88
CA HIS A 67 -0.35 -10.97 -6.21
C HIS A 67 -1.28 -10.37 -5.16
N PRO A 68 -2.47 -10.95 -5.03
CA PRO A 68 -3.47 -10.49 -4.05
C PRO A 68 -3.06 -10.77 -2.62
N VAL A 69 -3.73 -10.12 -1.67
CA VAL A 69 -3.43 -10.31 -0.26
C VAL A 69 -3.53 -11.77 0.14
N GLY A 70 -4.30 -12.54 -0.63
CA GLY A 70 -4.46 -13.96 -0.35
C GLY A 70 -3.60 -14.83 -1.24
N TRP A 71 -2.36 -14.41 -1.47
CA TRP A 71 -1.44 -15.16 -2.31
C TRP A 71 -0.57 -16.10 -1.47
N CYS A 72 -0.07 -15.59 -0.35
CA CYS A 72 0.77 -16.38 0.54
C CYS A 72 0.09 -17.70 0.91
N SER A 73 -1.23 -17.65 1.09
CA SER A 73 -2.00 -18.83 1.46
C SER A 73 -2.25 -19.71 0.24
N LYS A 74 -2.78 -19.10 -0.82
CA LYS A 74 -3.07 -19.82 -2.05
C LYS A 74 -1.86 -20.63 -2.51
N THR A 75 -0.75 -19.94 -2.76
CA THR A 75 0.47 -20.60 -3.20
C THR A 75 1.20 -21.25 -2.03
N GLY A 76 0.93 -20.76 -0.82
CA GLY A 76 1.57 -21.31 0.37
C GLY A 76 2.99 -20.81 0.54
N HIS A 77 3.25 -19.59 0.08
CA HIS A 77 4.58 -19.00 0.19
C HIS A 77 4.68 -18.10 1.40
N PRO A 78 5.88 -18.00 1.98
CA PRO A 78 6.14 -17.16 3.16
C PRO A 78 6.05 -15.68 2.84
N LEU A 79 5.54 -14.90 3.80
CA LEU A 79 5.41 -13.45 3.62
C LEU A 79 6.28 -12.70 4.61
N GLN A 80 6.71 -11.51 4.23
CA GLN A 80 7.55 -10.68 5.09
C GLN A 80 6.84 -9.40 5.49
N PRO A 81 6.91 -9.07 6.79
CA PRO A 81 6.27 -7.87 7.34
C PRO A 81 6.94 -6.59 6.87
N PRO A 82 6.16 -5.50 6.77
CA PRO A 82 6.66 -4.20 6.34
C PRO A 82 7.59 -3.55 7.37
N LEU A 83 8.15 -2.40 7.03
CA LEU A 83 9.05 -1.69 7.92
C LEU A 83 8.43 -1.54 9.31
N SER A 84 9.25 -1.20 10.28
CA SER A 84 8.78 -1.02 11.65
C SER A 84 8.07 0.32 11.82
N PRO A 85 7.19 0.40 12.83
CA PRO A 85 6.42 1.62 13.12
C PRO A 85 7.30 2.75 13.64
N LEU A 86 8.60 2.47 13.76
CA LEU A 86 9.54 3.47 14.26
C LEU A 86 10.22 4.21 13.09
N GLU A 87 10.37 3.52 11.97
CA GLU A 87 10.99 4.11 10.79
C GLU A 87 10.19 5.32 10.31
N LEU A 88 8.89 5.15 10.17
CA LEU A 88 8.02 6.22 9.71
C LEU A 88 8.08 7.41 10.67
N MET A 89 7.73 7.17 11.93
CA MET A 89 7.75 8.22 12.94
C MET A 89 9.15 8.77 13.12
N GLU A 90 9.25 9.93 13.78
CA GLU A 90 10.55 10.56 14.02
C GLU A 90 11.09 10.19 15.39
N ALA A 91 12.42 10.20 15.51
CA ALA A 91 13.07 9.86 16.78
C ALA A 91 13.97 10.98 17.24
N SER A 92 14.46 10.87 18.49
CA SER A 92 15.35 11.89 19.05
C SER A 92 14.88 13.28 18.66
N GLU A 93 13.57 13.50 18.67
CA GLU A 93 13.00 14.79 18.31
C GLU A 93 12.41 15.48 19.54
N HIS A 94 12.97 16.63 19.90
CA HIS A 94 12.51 17.39 21.05
C HIS A 94 11.07 17.85 20.85
N GLY A 95 10.23 17.61 21.85
CA GLY A 95 8.83 18.01 21.76
C GLY A 95 7.97 17.29 22.78
N GLY A 96 8.16 17.63 24.05
CA GLY A 96 7.38 17.00 25.11
C GLY A 96 6.14 17.80 25.46
N CYS A 97 5.01 17.11 25.57
CA CYS A 97 3.75 17.76 25.90
C CYS A 97 3.73 18.19 27.37
N SER A 98 3.14 19.35 27.63
CA SER A 98 3.06 19.88 28.99
C SER A 98 1.62 19.86 29.49
N THR A 99 1.43 19.39 30.72
CA THR A 99 0.10 19.32 31.31
C THR A 99 -0.07 20.36 32.40
N PRO A 100 -1.29 20.91 32.52
CA PRO A 100 -1.61 21.93 33.51
C PRO A 100 -1.62 21.38 34.93
N GLY A 101 -1.96 22.23 35.90
CA GLY A 101 -2.00 21.81 37.29
C GLY A 101 -3.27 22.24 37.98
N SER A 102 -3.19 22.40 39.30
CA SER A 102 -4.35 22.81 40.10
C SER A 102 -4.08 24.15 40.79
N GLY A 103 -5.16 24.83 41.18
CA GLY A 103 -5.02 26.11 41.85
C GLY A 103 -5.07 25.98 43.35
N PRO A 104 -5.40 27.09 44.03
CA PRO A 104 -5.50 27.13 45.50
C PRO A 104 -6.69 26.34 46.02
N SER A 105 -6.86 26.33 47.34
CA SER A 105 -7.96 25.61 47.96
C SER A 105 -8.94 26.58 48.61
N SER A 106 -8.47 27.31 49.61
CA SER A 106 -9.31 28.28 50.32
C SER A 106 -8.56 29.59 50.54
N GLY A 107 -9.30 30.64 50.85
CA GLY A 107 -8.71 31.94 51.09
C GLY A 107 -9.47 33.07 50.41
N GLY A 1 -21.13 9.93 -0.24
CA GLY A 1 -20.91 9.24 1.03
C GLY A 1 -20.07 7.99 0.85
N SER A 2 -18.80 8.17 0.48
CA SER A 2 -17.90 7.04 0.28
C SER A 2 -18.48 6.05 -0.72
N SER A 3 -19.07 6.57 -1.79
CA SER A 3 -19.67 5.73 -2.82
C SER A 3 -18.67 4.70 -3.34
N GLY A 4 -19.16 3.52 -3.66
CA GLY A 4 -18.29 2.47 -4.16
C GLY A 4 -18.26 2.42 -5.68
N SER A 5 -18.92 1.42 -6.25
CA SER A 5 -18.96 1.25 -7.70
C SER A 5 -20.41 1.23 -8.20
N SER A 6 -20.92 2.41 -8.56
CA SER A 6 -22.28 2.53 -9.05
C SER A 6 -22.30 2.88 -10.53
N GLY A 7 -22.62 1.90 -11.37
CA GLY A 7 -22.67 2.13 -12.79
C GLY A 7 -21.29 2.09 -13.43
N VAL A 8 -20.36 2.84 -12.85
CA VAL A 8 -18.99 2.90 -13.37
C VAL A 8 -18.23 1.62 -13.05
N LYS A 9 -17.44 1.15 -14.01
CA LYS A 9 -16.66 -0.07 -13.83
C LYS A 9 -15.17 0.23 -13.94
N PRO A 10 -14.36 -0.58 -13.25
CA PRO A 10 -12.90 -0.43 -13.24
C PRO A 10 -12.28 -0.79 -14.59
N PRO A 11 -11.15 -0.12 -14.92
CA PRO A 11 -10.43 -0.36 -16.18
C PRO A 11 -9.76 -1.73 -16.21
N HIS A 12 -9.15 -2.10 -15.09
CA HIS A 12 -8.46 -3.38 -14.99
C HIS A 12 -9.05 -4.23 -13.86
N GLY A 13 -9.70 -3.57 -12.92
CA GLY A 13 -10.31 -4.28 -11.80
C GLY A 13 -9.76 -3.82 -10.46
N PHE A 14 -8.44 -3.81 -10.34
CA PHE A 14 -7.80 -3.39 -9.10
C PHE A 14 -8.45 -2.13 -8.54
N GLN A 15 -8.48 -2.02 -7.21
CA GLN A 15 -9.08 -0.86 -6.56
C GLN A 15 -8.04 -0.08 -5.77
N LYS A 16 -8.42 1.10 -5.28
CA LYS A 16 -7.53 1.94 -4.51
C LYS A 16 -7.80 1.79 -3.01
N LYS A 17 -6.83 2.21 -2.20
CA LYS A 17 -6.96 2.12 -0.75
C LYS A 17 -7.13 0.68 -0.30
N MET A 18 -6.63 -0.25 -1.10
CA MET A 18 -6.73 -1.67 -0.79
C MET A 18 -5.35 -2.27 -0.53
N LYS A 19 -5.31 -3.58 -0.31
CA LYS A 19 -4.05 -4.27 -0.05
C LYS A 19 -3.79 -5.34 -1.11
N LEU A 20 -2.51 -5.57 -1.40
CA LEU A 20 -2.12 -6.56 -2.39
C LEU A 20 -0.66 -6.93 -2.26
N GLU A 21 -0.33 -8.20 -2.53
CA GLU A 21 1.04 -8.67 -2.42
C GLU A 21 1.80 -8.40 -3.73
N VAL A 22 2.86 -7.62 -3.63
CA VAL A 22 3.68 -7.29 -4.80
C VAL A 22 5.08 -7.88 -4.68
N VAL A 23 5.57 -8.45 -5.78
CA VAL A 23 6.89 -9.05 -5.81
C VAL A 23 7.98 -7.99 -5.96
N ASP A 24 8.90 -7.95 -5.01
CA ASP A 24 9.99 -6.98 -5.03
C ASP A 24 10.91 -7.24 -6.24
N LYS A 25 10.97 -6.28 -7.14
CA LYS A 25 11.80 -6.39 -8.33
C LYS A 25 13.21 -6.86 -7.96
N ARG A 26 13.88 -6.08 -7.12
CA ARG A 26 15.23 -6.41 -6.68
C ARG A 26 15.27 -7.78 -6.01
N ASN A 27 14.19 -8.13 -5.33
CA ASN A 27 14.10 -9.42 -4.65
C ASN A 27 12.80 -10.14 -5.03
N PRO A 28 12.87 -10.97 -6.07
CA PRO A 28 11.72 -11.74 -6.55
C PRO A 28 11.32 -12.85 -5.58
N MET A 29 12.25 -13.25 -4.72
CA MET A 29 11.98 -14.29 -3.74
C MET A 29 11.42 -13.69 -2.45
N PHE A 30 10.99 -12.44 -2.52
CA PHE A 30 10.42 -11.76 -1.36
C PHE A 30 9.15 -11.02 -1.73
N ILE A 31 8.07 -11.31 -1.00
CA ILE A 31 6.79 -10.67 -1.25
C ILE A 31 6.26 -9.98 0.00
N ARG A 32 5.75 -8.76 -0.17
CA ARG A 32 5.22 -7.99 0.95
C ARG A 32 3.86 -7.39 0.59
N VAL A 33 3.28 -6.66 1.53
CA VAL A 33 1.98 -6.03 1.32
C VAL A 33 2.12 -4.68 0.62
N ALA A 34 1.16 -4.35 -0.22
CA ALA A 34 1.19 -3.10 -0.96
C ALA A 34 -0.15 -2.37 -0.84
N THR A 35 -0.14 -1.07 -1.08
CA THR A 35 -1.34 -0.26 -1.00
C THR A 35 -1.56 0.54 -2.29
N VAL A 36 -2.56 0.14 -3.06
CA VAL A 36 -2.88 0.81 -4.32
C VAL A 36 -3.22 2.29 -4.08
N ALA A 37 -2.28 3.16 -4.43
CA ALA A 37 -2.48 4.60 -4.25
C ALA A 37 -3.28 5.18 -5.41
N ASP A 38 -2.90 4.83 -6.63
CA ASP A 38 -3.59 5.32 -7.81
C ASP A 38 -3.67 4.24 -8.89
N THR A 39 -4.83 4.11 -9.51
CA THR A 39 -5.04 3.11 -10.55
C THR A 39 -5.13 3.76 -11.93
N ASP A 40 -4.12 3.52 -12.75
CA ASP A 40 -4.08 4.08 -14.09
C ASP A 40 -4.92 3.25 -15.05
N ASP A 41 -4.89 3.61 -16.33
CA ASP A 41 -5.65 2.90 -17.35
C ASP A 41 -5.39 1.40 -17.26
N HIS A 42 -4.13 1.00 -17.36
CA HIS A 42 -3.75 -0.41 -17.29
C HIS A 42 -2.61 -0.61 -16.30
N ARG A 43 -2.54 0.26 -15.31
CA ARG A 43 -1.49 0.17 -14.30
C ARG A 43 -2.01 0.61 -12.93
N VAL A 44 -1.22 0.35 -11.89
CA VAL A 44 -1.60 0.72 -10.53
C VAL A 44 -0.38 0.96 -9.66
N LYS A 45 -0.28 2.16 -9.11
CA LYS A 45 0.85 2.51 -8.24
C LYS A 45 0.79 1.75 -6.93
N VAL A 46 1.69 0.79 -6.76
CA VAL A 46 1.74 -0.01 -5.55
C VAL A 46 2.76 0.56 -4.56
N HIS A 47 2.27 1.02 -3.41
CA HIS A 47 3.13 1.58 -2.38
C HIS A 47 3.34 0.57 -1.24
N PHE A 48 4.60 0.41 -0.84
CA PHE A 48 4.94 -0.52 0.23
C PHE A 48 4.84 0.16 1.59
N ASP A 49 3.76 -0.13 2.31
CA ASP A 49 3.55 0.47 3.63
C ASP A 49 4.83 0.42 4.46
N GLY A 50 5.45 1.58 4.64
CA GLY A 50 6.68 1.65 5.41
C GLY A 50 7.86 2.14 4.59
N TRP A 51 7.99 1.59 3.38
CA TRP A 51 9.09 1.98 2.49
C TRP A 51 8.89 3.40 1.97
N ASN A 52 9.97 4.17 1.92
CA ASN A 52 9.90 5.55 1.43
C ASN A 52 9.15 5.62 0.12
N ASN A 53 8.31 6.65 -0.02
CA ASN A 53 7.53 6.83 -1.24
C ASN A 53 8.34 6.44 -2.47
N CYS A 54 9.52 7.02 -2.62
CA CYS A 54 10.38 6.73 -3.75
C CYS A 54 10.28 5.27 -4.15
N TYR A 55 10.58 4.38 -3.21
CA TYR A 55 10.53 2.94 -3.47
C TYR A 55 9.36 2.60 -4.39
N ASP A 56 8.18 3.11 -4.06
CA ASP A 56 6.99 2.87 -4.86
C ASP A 56 7.29 2.98 -6.35
N TYR A 57 6.46 2.34 -7.16
CA TYR A 57 6.64 2.36 -8.61
C TYR A 57 5.35 2.02 -9.33
N TRP A 58 5.26 2.40 -10.60
CA TRP A 58 4.07 2.12 -11.40
C TRP A 58 4.12 0.71 -11.98
N ILE A 59 3.32 -0.18 -11.42
CA ILE A 59 3.27 -1.57 -11.88
C ILE A 59 1.95 -1.86 -12.60
N ASP A 60 2.04 -2.66 -13.66
CA ASP A 60 0.85 -3.02 -14.43
C ASP A 60 -0.06 -3.92 -13.62
N ALA A 61 -1.33 -3.53 -13.50
CA ALA A 61 -2.30 -4.30 -12.76
C ALA A 61 -2.44 -5.71 -13.33
N ASP A 62 -2.16 -5.85 -14.62
CA ASP A 62 -2.25 -7.14 -15.28
C ASP A 62 -0.92 -7.90 -15.17
N SER A 63 0.04 -7.30 -14.48
CA SER A 63 1.35 -7.91 -14.31
C SER A 63 1.24 -9.24 -13.56
N PRO A 64 2.05 -10.22 -13.98
CA PRO A 64 2.05 -11.55 -13.36
C PRO A 64 2.66 -11.53 -11.96
N ASP A 65 3.54 -10.58 -11.71
CA ASP A 65 4.18 -10.44 -10.41
C ASP A 65 3.19 -9.99 -9.35
N ILE A 66 2.19 -9.22 -9.78
CA ILE A 66 1.17 -8.71 -8.87
C ILE A 66 0.33 -9.85 -8.29
N HIS A 67 0.31 -9.95 -6.96
CA HIS A 67 -0.45 -10.99 -6.29
C HIS A 67 -1.36 -10.39 -5.22
N PRO A 68 -2.56 -10.98 -5.06
CA PRO A 68 -3.54 -10.51 -4.07
C PRO A 68 -3.09 -10.81 -2.63
N VAL A 69 -3.66 -10.08 -1.68
CA VAL A 69 -3.33 -10.25 -0.27
C VAL A 69 -3.44 -11.72 0.13
N GLY A 70 -4.22 -12.48 -0.63
CA GLY A 70 -4.40 -13.89 -0.33
C GLY A 70 -3.59 -14.78 -1.25
N TRP A 71 -2.35 -14.40 -1.50
CA TRP A 71 -1.47 -15.17 -2.38
C TRP A 71 -0.62 -16.15 -1.57
N CYS A 72 0.04 -15.62 -0.54
CA CYS A 72 0.89 -16.45 0.32
C CYS A 72 0.23 -17.79 0.60
N SER A 73 -1.08 -17.78 0.76
CA SER A 73 -1.82 -19.00 1.04
C SER A 73 -1.95 -19.86 -0.21
N LYS A 74 -2.62 -19.34 -1.22
CA LYS A 74 -2.81 -20.05 -2.47
C LYS A 74 -1.60 -20.91 -2.81
N THR A 75 -0.45 -20.25 -3.00
CA THR A 75 0.78 -20.95 -3.33
C THR A 75 1.37 -21.62 -2.09
N GLY A 76 1.45 -20.86 -1.00
CA GLY A 76 2.00 -21.40 0.23
C GLY A 76 3.37 -20.83 0.55
N HIS A 77 3.61 -19.59 0.11
CA HIS A 77 4.89 -18.93 0.36
C HIS A 77 4.79 -18.00 1.57
N PRO A 78 5.91 -17.89 2.32
CA PRO A 78 5.97 -17.03 3.50
C PRO A 78 5.93 -15.55 3.16
N LEU A 79 5.14 -14.79 3.90
CA LEU A 79 5.02 -13.36 3.68
C LEU A 79 5.87 -12.57 4.67
N GLN A 80 6.44 -11.46 4.21
CA GLN A 80 7.27 -10.62 5.06
C GLN A 80 6.53 -9.33 5.45
N PRO A 81 6.47 -9.07 6.75
CA PRO A 81 5.81 -7.87 7.29
C PRO A 81 6.57 -6.59 6.95
N PRO A 82 5.82 -5.48 6.80
CA PRO A 82 6.40 -4.18 6.48
C PRO A 82 7.20 -3.59 7.64
N LEU A 83 7.75 -2.40 7.43
CA LEU A 83 8.54 -1.74 8.47
C LEU A 83 7.70 -1.52 9.73
N SER A 84 8.38 -1.24 10.84
CA SER A 84 7.71 -1.01 12.11
C SER A 84 6.70 0.12 12.00
N PRO A 85 5.74 0.16 12.94
CA PRO A 85 4.70 1.20 12.96
C PRO A 85 5.25 2.57 13.34
N LEU A 86 6.53 2.61 13.68
CA LEU A 86 7.18 3.85 14.07
C LEU A 86 7.66 4.61 12.83
N GLU A 87 7.85 3.89 11.73
CA GLU A 87 8.30 4.51 10.48
C GLU A 87 7.15 5.17 9.74
N LEU A 88 6.17 4.35 9.36
CA LEU A 88 5.00 4.86 8.64
C LEU A 88 4.34 6.00 9.39
N MET A 89 4.31 5.88 10.72
CA MET A 89 3.71 6.92 11.56
C MET A 89 4.56 8.18 11.55
N GLU A 90 5.86 8.03 11.73
CA GLU A 90 6.78 9.17 11.73
C GLU A 90 7.04 9.66 10.31
N ALA A 91 6.18 10.55 9.82
CA ALA A 91 6.32 11.10 8.49
C ALA A 91 5.29 12.18 8.22
N SER A 92 5.73 13.30 7.63
CA SER A 92 4.85 14.41 7.33
C SER A 92 3.45 13.91 6.95
N GLU A 93 2.43 14.62 7.42
CA GLU A 93 1.04 14.25 7.12
C GLU A 93 0.32 15.39 6.42
N HIS A 94 -0.43 15.06 5.37
CA HIS A 94 -1.19 16.06 4.63
C HIS A 94 -2.29 16.66 5.48
N GLY A 95 -2.90 17.74 4.99
CA GLY A 95 -3.97 18.39 5.73
C GLY A 95 -4.42 19.68 5.06
N GLY A 96 -5.74 19.87 5.02
CA GLY A 96 -6.28 21.08 4.41
C GLY A 96 -7.64 21.45 4.95
N CYS A 97 -8.27 22.45 4.34
CA CYS A 97 -9.59 22.89 4.78
C CYS A 97 -10.64 21.82 4.50
N SER A 98 -11.51 21.59 5.47
CA SER A 98 -12.57 20.59 5.32
C SER A 98 -13.95 21.24 5.35
N THR A 99 -14.96 20.49 4.95
CA THR A 99 -16.33 21.00 4.92
C THR A 99 -17.23 20.20 5.86
N PRO A 100 -18.12 20.91 6.57
CA PRO A 100 -19.05 20.29 7.52
C PRO A 100 -20.12 19.47 6.81
N GLY A 101 -20.79 18.61 7.57
CA GLY A 101 -21.84 17.78 7.00
C GLY A 101 -23.09 18.57 6.68
N SER A 102 -24.25 17.91 6.77
CA SER A 102 -25.52 18.55 6.48
C SER A 102 -26.66 17.88 7.25
N GLY A 103 -27.78 18.58 7.36
CA GLY A 103 -28.92 18.04 8.08
C GLY A 103 -30.22 18.22 7.31
N PRO A 104 -30.50 17.30 6.39
CA PRO A 104 -31.72 17.34 5.57
C PRO A 104 -32.97 17.04 6.38
N SER A 105 -32.89 16.04 7.25
CA SER A 105 -34.02 15.65 8.08
C SER A 105 -35.33 15.73 7.30
N SER A 106 -35.38 15.05 6.15
CA SER A 106 -36.56 15.06 5.32
C SER A 106 -37.25 16.42 5.35
N GLY A 107 -36.45 17.48 5.29
CA GLY A 107 -37.00 18.83 5.32
C GLY A 107 -37.79 19.16 4.06
N GLY A 1 -14.22 5.23 5.16
CA GLY A 1 -14.67 6.38 4.40
C GLY A 1 -16.17 6.38 4.20
N SER A 2 -16.65 7.27 3.34
CA SER A 2 -18.09 7.38 3.07
C SER A 2 -18.50 6.40 1.96
N SER A 3 -19.80 6.17 1.86
CA SER A 3 -20.34 5.26 0.85
C SER A 3 -20.98 6.03 -0.29
N GLY A 4 -21.17 5.34 -1.42
CA GLY A 4 -21.79 5.98 -2.57
C GLY A 4 -21.77 5.09 -3.80
N SER A 5 -22.92 4.94 -4.45
CA SER A 5 -23.02 4.12 -5.64
C SER A 5 -22.69 4.91 -6.89
N SER A 6 -21.65 4.50 -7.59
CA SER A 6 -21.22 5.18 -8.81
C SER A 6 -21.16 4.21 -9.98
N GLY A 7 -21.43 4.73 -11.18
CA GLY A 7 -21.41 3.89 -12.37
C GLY A 7 -20.03 3.86 -13.03
N VAL A 8 -19.32 2.76 -12.84
CA VAL A 8 -17.99 2.60 -13.43
C VAL A 8 -17.60 1.14 -13.53
N LYS A 9 -16.77 0.82 -14.51
CA LYS A 9 -16.32 -0.55 -14.72
C LYS A 9 -14.81 -0.67 -14.50
N PRO A 10 -14.38 -1.85 -14.04
CA PRO A 10 -12.96 -2.13 -13.79
C PRO A 10 -12.13 -2.19 -15.06
N PRO A 11 -11.16 -1.28 -15.19
CA PRO A 11 -10.28 -1.21 -16.35
C PRO A 11 -9.32 -2.39 -16.42
N HIS A 12 -8.77 -2.76 -15.27
CA HIS A 12 -7.82 -3.88 -15.19
C HIS A 12 -8.27 -4.88 -14.14
N GLY A 13 -8.79 -4.38 -13.02
CA GLY A 13 -9.23 -5.26 -11.96
C GLY A 13 -8.62 -4.90 -10.62
N PHE A 14 -8.43 -3.61 -10.38
CA PHE A 14 -7.84 -3.15 -9.12
C PHE A 14 -8.62 -1.97 -8.56
N GLN A 15 -8.25 -1.54 -7.35
CA GLN A 15 -8.92 -0.42 -6.70
C GLN A 15 -7.94 0.35 -5.82
N LYS A 16 -8.31 1.58 -5.46
CA LYS A 16 -7.48 2.42 -4.62
C LYS A 16 -7.79 2.20 -3.15
N LYS A 17 -6.81 2.45 -2.30
CA LYS A 17 -6.97 2.28 -0.86
C LYS A 17 -7.19 0.81 -0.50
N MET A 18 -6.68 -0.08 -1.35
CA MET A 18 -6.81 -1.52 -1.12
C MET A 18 -5.45 -2.15 -0.86
N LYS A 19 -5.46 -3.42 -0.48
CA LYS A 19 -4.23 -4.14 -0.19
C LYS A 19 -3.97 -5.21 -1.24
N LEU A 20 -2.70 -5.55 -1.42
CA LEU A 20 -2.31 -6.56 -2.40
C LEU A 20 -0.84 -6.94 -2.25
N GLU A 21 -0.54 -8.22 -2.43
CA GLU A 21 0.83 -8.70 -2.32
C GLU A 21 1.61 -8.45 -3.59
N VAL A 22 2.66 -7.63 -3.49
CA VAL A 22 3.49 -7.30 -4.64
C VAL A 22 4.89 -7.89 -4.51
N VAL A 23 5.37 -8.49 -5.59
CA VAL A 23 6.69 -9.11 -5.59
C VAL A 23 7.79 -8.06 -5.75
N ASP A 24 8.70 -8.01 -4.78
CA ASP A 24 9.81 -7.06 -4.81
C ASP A 24 10.62 -7.20 -6.09
N LYS A 25 10.50 -6.22 -6.96
CA LYS A 25 11.23 -6.24 -8.23
C LYS A 25 12.67 -6.71 -8.03
N ARG A 26 13.40 -6.02 -7.16
CA ARG A 26 14.78 -6.37 -6.88
C ARG A 26 14.87 -7.76 -6.26
N ASN A 27 13.83 -8.15 -5.54
CA ASN A 27 13.79 -9.46 -4.89
C ASN A 27 12.54 -10.21 -5.28
N PRO A 28 12.64 -11.04 -6.34
CA PRO A 28 11.52 -11.84 -6.84
C PRO A 28 11.14 -12.97 -5.88
N MET A 29 12.05 -13.29 -4.97
CA MET A 29 11.82 -14.35 -4.00
C MET A 29 11.27 -13.77 -2.70
N PHE A 30 10.82 -12.53 -2.74
CA PHE A 30 10.28 -11.87 -1.57
C PHE A 30 8.99 -11.12 -1.91
N ILE A 31 7.97 -11.31 -1.07
CA ILE A 31 6.67 -10.65 -1.29
C ILE A 31 6.21 -9.93 -0.03
N ARG A 32 5.61 -8.76 -0.22
CA ARG A 32 5.12 -7.97 0.90
C ARG A 32 3.81 -7.28 0.55
N VAL A 33 3.08 -6.85 1.57
CA VAL A 33 1.80 -6.18 1.36
C VAL A 33 1.99 -4.84 0.68
N ALA A 34 1.00 -4.44 -0.13
CA ALA A 34 1.06 -3.18 -0.85
C ALA A 34 -0.26 -2.41 -0.72
N THR A 35 -0.21 -1.12 -1.03
CA THR A 35 -1.40 -0.27 -0.95
C THR A 35 -1.59 0.53 -2.23
N VAL A 36 -2.57 0.14 -3.03
CA VAL A 36 -2.85 0.84 -4.28
C VAL A 36 -3.22 2.30 -4.03
N ALA A 37 -2.27 3.19 -4.29
CA ALA A 37 -2.48 4.62 -4.11
C ALA A 37 -3.26 5.22 -5.27
N ASP A 38 -2.76 4.99 -6.48
CA ASP A 38 -3.40 5.51 -7.68
C ASP A 38 -3.47 4.45 -8.77
N THR A 39 -4.66 4.26 -9.34
CA THR A 39 -4.87 3.27 -10.39
C THR A 39 -4.88 3.92 -11.77
N ASP A 40 -3.87 3.61 -12.57
CA ASP A 40 -3.77 4.16 -13.92
C ASP A 40 -4.74 3.46 -14.87
N ASP A 41 -4.66 3.82 -16.15
CA ASP A 41 -5.53 3.23 -17.16
C ASP A 41 -5.18 1.77 -17.40
N HIS A 42 -3.88 1.47 -17.36
CA HIS A 42 -3.41 0.10 -17.58
C HIS A 42 -2.40 -0.30 -16.52
N ARG A 43 -2.27 0.53 -15.49
CA ARG A 43 -1.33 0.26 -14.40
C ARG A 43 -1.90 0.72 -13.06
N VAL A 44 -1.13 0.52 -12.00
CA VAL A 44 -1.56 0.89 -10.66
C VAL A 44 -0.36 1.09 -9.74
N LYS A 45 -0.24 2.30 -9.19
CA LYS A 45 0.86 2.62 -8.28
C LYS A 45 0.74 1.82 -6.98
N VAL A 46 1.77 1.02 -6.71
CA VAL A 46 1.78 0.20 -5.49
C VAL A 46 2.71 0.80 -4.44
N HIS A 47 2.13 1.20 -3.31
CA HIS A 47 2.91 1.79 -2.23
C HIS A 47 3.01 0.82 -1.05
N PHE A 48 4.23 0.38 -0.77
CA PHE A 48 4.47 -0.55 0.33
C PHE A 48 4.35 0.15 1.68
N ASP A 49 3.24 -0.09 2.37
CA ASP A 49 3.00 0.52 3.68
C ASP A 49 4.30 0.66 4.46
N GLY A 50 4.63 1.90 4.84
CA GLY A 50 5.85 2.14 5.59
C GLY A 50 7.01 2.51 4.69
N TRP A 51 7.41 1.58 3.82
CA TRP A 51 8.52 1.82 2.91
C TRP A 51 8.52 3.27 2.42
N ASN A 52 9.72 3.78 2.14
CA ASN A 52 9.86 5.16 1.67
C ASN A 52 9.10 5.36 0.37
N ASN A 53 8.37 6.47 0.28
CA ASN A 53 7.59 6.79 -0.90
C ASN A 53 8.42 6.58 -2.18
N CYS A 54 9.70 6.91 -2.10
CA CYS A 54 10.60 6.75 -3.23
C CYS A 54 10.52 5.34 -3.80
N TYR A 55 10.51 4.35 -2.93
CA TYR A 55 10.43 2.96 -3.34
C TYR A 55 9.26 2.73 -4.29
N ASP A 56 8.11 3.32 -3.96
CA ASP A 56 6.92 3.20 -4.78
C ASP A 56 7.29 3.19 -6.27
N TYR A 57 6.51 2.46 -7.06
CA TYR A 57 6.76 2.36 -8.50
C TYR A 57 5.48 1.96 -9.23
N TRP A 58 5.35 2.45 -10.47
CA TRP A 58 4.18 2.14 -11.29
C TRP A 58 4.27 0.73 -11.87
N ILE A 59 3.49 -0.19 -11.31
CA ILE A 59 3.49 -1.57 -11.77
C ILE A 59 2.21 -1.88 -12.55
N ASP A 60 2.35 -2.67 -13.61
CA ASP A 60 1.21 -3.04 -14.44
C ASP A 60 0.20 -3.84 -13.64
N ALA A 61 -1.07 -3.45 -13.74
CA ALA A 61 -2.13 -4.14 -13.02
C ALA A 61 -2.31 -5.57 -13.53
N ASP A 62 -1.89 -5.81 -14.77
CA ASP A 62 -1.99 -7.13 -15.36
C ASP A 62 -0.66 -7.87 -15.31
N SER A 63 0.19 -7.47 -14.37
CA SER A 63 1.51 -8.08 -14.21
C SER A 63 1.41 -9.40 -13.45
N PRO A 64 2.20 -10.39 -13.88
CA PRO A 64 2.22 -11.71 -13.26
C PRO A 64 2.83 -11.69 -11.86
N ASP A 65 3.65 -10.67 -11.60
CA ASP A 65 4.30 -10.53 -10.29
C ASP A 65 3.30 -10.10 -9.24
N ILE A 66 2.31 -9.31 -9.64
CA ILE A 66 1.29 -8.82 -8.72
C ILE A 66 0.43 -9.97 -8.21
N HIS A 67 0.29 -10.06 -6.88
CA HIS A 67 -0.51 -11.11 -6.27
C HIS A 67 -1.51 -10.51 -5.28
N PRO A 68 -2.71 -11.12 -5.21
CA PRO A 68 -3.77 -10.66 -4.31
C PRO A 68 -3.44 -10.93 -2.85
N VAL A 69 -4.15 -10.25 -1.95
CA VAL A 69 -3.94 -10.42 -0.52
C VAL A 69 -4.31 -11.83 -0.07
N GLY A 70 -3.32 -12.72 -0.07
CA GLY A 70 -3.57 -14.10 0.33
C GLY A 70 -2.99 -15.11 -0.65
N TRP A 71 -1.99 -14.68 -1.40
CA TRP A 71 -1.34 -15.55 -2.38
C TRP A 71 -0.27 -16.41 -1.71
N CYS A 72 0.05 -16.10 -0.47
CA CYS A 72 1.06 -16.84 0.28
C CYS A 72 0.50 -18.16 0.79
N SER A 73 -0.82 -18.22 0.95
CA SER A 73 -1.49 -19.42 1.43
C SER A 73 -1.81 -20.37 0.28
N LYS A 74 -2.55 -19.86 -0.71
CA LYS A 74 -2.92 -20.65 -1.87
C LYS A 74 -1.82 -21.64 -2.24
N THR A 75 -0.57 -21.20 -2.10
CA THR A 75 0.58 -22.04 -2.42
C THR A 75 1.38 -22.37 -1.17
N GLY A 76 1.60 -21.38 -0.32
CA GLY A 76 2.35 -21.58 0.91
C GLY A 76 3.72 -20.94 0.86
N HIS A 77 3.80 -19.76 0.25
CA HIS A 77 5.07 -19.03 0.15
C HIS A 77 5.24 -18.07 1.32
N PRO A 78 6.49 -17.77 1.66
CA PRO A 78 6.83 -16.87 2.76
C PRO A 78 6.46 -15.42 2.45
N LEU A 79 6.12 -14.66 3.48
CA LEU A 79 5.75 -13.26 3.31
C LEU A 79 6.45 -12.38 4.34
N GLN A 80 6.97 -11.24 3.89
CA GLN A 80 7.67 -10.32 4.79
C GLN A 80 6.79 -9.11 5.11
N PRO A 81 6.64 -8.83 6.41
CA PRO A 81 5.83 -7.69 6.88
C PRO A 81 6.46 -6.35 6.55
N PRO A 82 5.63 -5.31 6.47
CA PRO A 82 6.08 -3.95 6.16
C PRO A 82 6.89 -3.34 7.31
N LEU A 83 7.30 -2.09 7.12
CA LEU A 83 8.08 -1.39 8.14
C LEU A 83 7.28 -1.22 9.42
N SER A 84 7.97 -0.91 10.51
CA SER A 84 7.31 -0.72 11.81
C SER A 84 6.39 0.49 11.77
N PRO A 85 5.42 0.51 12.70
CA PRO A 85 4.45 1.62 12.80
C PRO A 85 5.09 2.90 13.30
N LEU A 86 6.40 2.86 13.52
CA LEU A 86 7.13 4.03 14.00
C LEU A 86 7.57 4.91 12.85
N GLU A 87 7.80 4.29 11.69
CA GLU A 87 8.23 5.02 10.50
C GLU A 87 7.09 5.89 9.97
N LEU A 88 5.89 5.34 9.96
CA LEU A 88 4.71 6.06 9.47
C LEU A 88 4.23 7.08 10.50
N MET A 89 3.92 6.59 11.70
CA MET A 89 3.46 7.46 12.77
C MET A 89 2.53 8.54 12.23
N GLU A 90 1.64 8.16 11.31
CA GLU A 90 0.70 9.10 10.71
C GLU A 90 -0.30 9.60 11.75
N ALA A 91 -0.85 8.67 12.53
CA ALA A 91 -1.82 9.01 13.56
C ALA A 91 -1.39 10.27 14.31
N SER A 92 -2.37 10.97 14.89
CA SER A 92 -2.10 12.19 15.64
C SER A 92 -2.25 11.96 17.14
N GLU A 93 -1.87 12.96 17.93
CA GLU A 93 -1.98 12.86 19.38
C GLU A 93 -0.92 11.90 19.93
N HIS A 94 0.29 11.99 19.40
CA HIS A 94 1.39 11.13 19.83
C HIS A 94 1.47 11.09 21.35
N GLY A 95 1.67 12.26 21.97
CA GLY A 95 1.77 12.34 23.41
C GLY A 95 0.79 11.41 24.10
N GLY A 96 1.16 10.94 25.30
CA GLY A 96 0.29 10.05 26.04
C GLY A 96 1.04 9.24 27.06
N CYS A 97 1.52 8.07 26.65
CA CYS A 97 2.26 7.18 27.53
C CYS A 97 3.76 7.45 27.43
N SER A 98 4.24 8.36 28.27
CA SER A 98 5.67 8.72 28.28
C SER A 98 6.54 7.46 28.35
N THR A 99 7.59 7.44 27.54
CA THR A 99 8.50 6.30 27.50
C THR A 99 9.95 6.76 27.53
N PRO A 100 10.79 6.05 28.30
CA PRO A 100 12.22 6.37 28.43
C PRO A 100 12.99 6.08 27.15
N GLY A 101 13.40 7.14 26.45
CA GLY A 101 14.13 6.99 25.21
C GLY A 101 15.59 6.62 25.45
N SER A 102 16.38 6.60 24.39
CA SER A 102 17.79 6.27 24.49
C SER A 102 18.56 6.71 23.24
N GLY A 103 19.87 6.52 23.25
CA GLY A 103 20.68 6.91 22.12
C GLY A 103 20.21 6.29 20.82
N PRO A 104 20.33 7.05 19.72
CA PRO A 104 19.91 6.59 18.39
C PRO A 104 20.83 5.48 17.86
N SER A 105 20.47 4.95 16.69
CA SER A 105 21.25 3.89 16.06
C SER A 105 22.44 4.47 15.30
N SER A 106 23.33 3.58 14.86
CA SER A 106 24.52 4.00 14.12
C SER A 106 24.14 4.56 12.75
N GLY A 107 25.00 5.40 12.20
CA GLY A 107 24.73 5.98 10.90
C GLY A 107 24.90 7.48 10.89
N GLY A 1 -16.52 12.80 -4.01
CA GLY A 1 -17.68 11.93 -4.13
C GLY A 1 -17.42 10.55 -3.55
N SER A 2 -18.31 10.10 -2.68
CA SER A 2 -18.18 8.78 -2.06
C SER A 2 -18.00 7.70 -3.11
N SER A 3 -17.12 6.74 -2.83
CA SER A 3 -16.85 5.65 -3.75
C SER A 3 -17.17 4.30 -3.10
N GLY A 4 -17.96 3.50 -3.79
CA GLY A 4 -18.33 2.18 -3.27
C GLY A 4 -19.19 1.40 -4.24
N SER A 5 -20.16 0.67 -3.71
CA SER A 5 -21.05 -0.14 -4.53
C SER A 5 -21.50 0.63 -5.76
N SER A 6 -20.89 0.34 -6.90
CA SER A 6 -21.23 1.01 -8.15
C SER A 6 -21.13 0.05 -9.33
N GLY A 7 -22.24 -0.11 -10.05
CA GLY A 7 -22.26 -1.00 -11.19
C GLY A 7 -21.01 -0.87 -12.05
N VAL A 8 -20.60 0.36 -12.33
CA VAL A 8 -19.42 0.63 -13.14
C VAL A 8 -18.32 -0.38 -12.83
N LYS A 9 -17.58 -0.78 -13.85
CA LYS A 9 -16.48 -1.74 -13.69
C LYS A 9 -15.13 -1.05 -13.88
N PRO A 10 -14.11 -1.55 -13.17
CA PRO A 10 -12.75 -1.01 -13.26
C PRO A 10 -12.09 -1.29 -14.60
N PRO A 11 -11.03 -0.52 -14.91
CA PRO A 11 -10.29 -0.67 -16.17
C PRO A 11 -9.49 -1.97 -16.22
N HIS A 12 -8.89 -2.33 -15.09
CA HIS A 12 -8.10 -3.55 -15.00
C HIS A 12 -8.63 -4.47 -13.91
N GLY A 13 -9.11 -3.88 -12.82
CA GLY A 13 -9.64 -4.66 -11.72
C GLY A 13 -8.97 -4.36 -10.40
N PHE A 14 -8.57 -3.11 -10.21
CA PHE A 14 -7.91 -2.68 -8.99
C PHE A 14 -8.61 -1.46 -8.39
N GLN A 15 -8.60 -1.38 -7.06
CA GLN A 15 -9.22 -0.28 -6.36
C GLN A 15 -8.19 0.51 -5.54
N LYS A 16 -8.52 1.77 -5.25
CA LYS A 16 -7.62 2.62 -4.48
C LYS A 16 -7.83 2.41 -2.98
N LYS A 17 -6.75 2.58 -2.21
CA LYS A 17 -6.81 2.41 -0.77
C LYS A 17 -7.02 0.94 -0.40
N MET A 18 -6.57 0.04 -1.28
CA MET A 18 -6.71 -1.39 -1.04
C MET A 18 -5.35 -2.02 -0.77
N LYS A 19 -5.36 -3.31 -0.43
CA LYS A 19 -4.12 -4.04 -0.15
C LYS A 19 -3.89 -5.13 -1.19
N LEU A 20 -2.62 -5.41 -1.45
CA LEU A 20 -2.26 -6.44 -2.43
C LEU A 20 -0.79 -6.85 -2.26
N GLU A 21 -0.53 -8.15 -2.43
CA GLU A 21 0.83 -8.67 -2.30
C GLU A 21 1.62 -8.44 -3.58
N VAL A 22 2.65 -7.62 -3.50
CA VAL A 22 3.50 -7.32 -4.64
C VAL A 22 4.87 -7.96 -4.51
N VAL A 23 5.38 -8.48 -5.62
CA VAL A 23 6.69 -9.14 -5.63
C VAL A 23 7.81 -8.11 -5.82
N ASP A 24 8.64 -7.97 -4.80
CA ASP A 24 9.76 -7.03 -4.85
C ASP A 24 10.61 -7.27 -6.10
N LYS A 25 10.53 -6.33 -7.05
CA LYS A 25 11.29 -6.44 -8.29
C LYS A 25 12.70 -6.92 -8.02
N ARG A 26 13.44 -6.17 -7.20
CA ARG A 26 14.81 -6.52 -6.86
C ARG A 26 14.87 -7.88 -6.17
N ASN A 27 13.82 -8.20 -5.42
CA ASN A 27 13.76 -9.47 -4.71
C ASN A 27 12.48 -10.22 -5.05
N PRO A 28 12.54 -11.07 -6.07
CA PRO A 28 11.39 -11.87 -6.52
C PRO A 28 11.02 -12.96 -5.52
N MET A 29 11.95 -13.28 -4.63
CA MET A 29 11.70 -14.30 -3.62
C MET A 29 11.19 -13.67 -2.33
N PHE A 30 10.76 -12.42 -2.41
CA PHE A 30 10.25 -11.71 -1.25
C PHE A 30 8.97 -10.94 -1.60
N ILE A 31 7.89 -11.27 -0.90
CA ILE A 31 6.61 -10.61 -1.14
C ILE A 31 6.09 -9.94 0.13
N ARG A 32 5.53 -8.75 -0.02
CA ARG A 32 4.99 -8.00 1.11
C ARG A 32 3.66 -7.35 0.75
N VAL A 33 3.05 -6.68 1.72
CA VAL A 33 1.78 -6.01 1.51
C VAL A 33 1.97 -4.66 0.83
N ALA A 34 1.10 -4.36 -0.12
CA ALA A 34 1.16 -3.09 -0.84
C ALA A 34 -0.15 -2.32 -0.73
N THR A 35 -0.12 -1.05 -1.12
CA THR A 35 -1.29 -0.19 -1.05
C THR A 35 -1.49 0.59 -2.35
N VAL A 36 -2.56 0.28 -3.06
CA VAL A 36 -2.85 0.97 -4.32
C VAL A 36 -3.11 2.45 -4.10
N ALA A 37 -2.12 3.28 -4.41
CA ALA A 37 -2.25 4.72 -4.24
C ALA A 37 -2.93 5.36 -5.45
N ASP A 38 -2.52 4.94 -6.64
CA ASP A 38 -3.10 5.47 -7.87
C ASP A 38 -3.36 4.34 -8.88
N THR A 39 -4.47 4.45 -9.59
CA THR A 39 -4.84 3.45 -10.58
C THR A 39 -4.88 4.04 -11.98
N ASP A 40 -3.93 3.65 -12.81
CA ASP A 40 -3.85 4.15 -14.18
C ASP A 40 -4.73 3.31 -15.11
N ASP A 41 -4.69 3.62 -16.40
CA ASP A 41 -5.47 2.90 -17.39
C ASP A 41 -5.27 1.40 -17.25
N HIS A 42 -4.05 0.94 -17.51
CA HIS A 42 -3.72 -0.48 -17.42
C HIS A 42 -2.61 -0.71 -16.40
N ARG A 43 -2.50 0.19 -15.43
CA ARG A 43 -1.48 0.08 -14.40
C ARG A 43 -1.99 0.62 -13.07
N VAL A 44 -1.23 0.38 -12.00
CA VAL A 44 -1.61 0.85 -10.68
C VAL A 44 -0.37 1.02 -9.78
N LYS A 45 -0.19 2.22 -9.25
CA LYS A 45 0.94 2.51 -8.38
C LYS A 45 0.81 1.77 -7.06
N VAL A 46 1.70 0.81 -6.82
CA VAL A 46 1.69 0.03 -5.59
C VAL A 46 2.69 0.59 -4.58
N HIS A 47 2.18 1.05 -3.44
CA HIS A 47 3.02 1.60 -2.40
C HIS A 47 3.09 0.66 -1.19
N PHE A 48 4.30 0.28 -0.82
CA PHE A 48 4.51 -0.62 0.31
C PHE A 48 4.30 0.11 1.63
N ASP A 49 3.12 -0.07 2.22
CA ASP A 49 2.80 0.57 3.49
C ASP A 49 4.02 0.62 4.40
N GLY A 50 4.42 1.84 4.78
CA GLY A 50 5.57 2.00 5.64
C GLY A 50 6.79 2.52 4.90
N TRP A 51 7.10 1.90 3.76
CA TRP A 51 8.24 2.29 2.96
C TRP A 51 8.11 3.74 2.50
N ASN A 52 9.22 4.46 2.47
CA ASN A 52 9.23 5.86 2.05
C ASN A 52 8.40 6.05 0.78
N ASN A 53 8.04 7.29 0.50
CA ASN A 53 7.25 7.61 -0.68
C ASN A 53 8.13 7.71 -1.92
N CYS A 54 9.10 6.82 -2.03
CA CYS A 54 10.02 6.80 -3.16
C CYS A 54 10.10 5.42 -3.78
N TYR A 55 10.09 4.39 -2.94
CA TYR A 55 10.17 3.02 -3.42
C TYR A 55 9.03 2.70 -4.37
N ASP A 56 7.85 3.26 -4.07
CA ASP A 56 6.68 3.04 -4.91
C ASP A 56 7.05 3.07 -6.39
N TYR A 57 6.43 2.19 -7.17
CA TYR A 57 6.70 2.11 -8.60
C TYR A 57 5.43 1.76 -9.37
N TRP A 58 5.36 2.22 -10.62
CA TRP A 58 4.20 1.94 -11.46
C TRP A 58 4.24 0.52 -12.00
N ILE A 59 3.39 -0.34 -11.45
CA ILE A 59 3.33 -1.74 -11.88
C ILE A 59 2.04 -2.03 -12.62
N ASP A 60 2.12 -2.88 -13.64
CA ASP A 60 0.95 -3.24 -14.43
C ASP A 60 -0.02 -4.07 -13.62
N ALA A 61 -1.28 -3.64 -13.59
CA ALA A 61 -2.31 -4.36 -12.85
C ALA A 61 -2.52 -5.76 -13.41
N ASP A 62 -1.97 -6.01 -14.58
CA ASP A 62 -2.10 -7.32 -15.23
C ASP A 62 -0.79 -8.09 -15.15
N SER A 63 0.16 -7.56 -14.39
CA SER A 63 1.47 -8.20 -14.25
C SER A 63 1.35 -9.50 -13.44
N PRO A 64 2.11 -10.51 -13.87
CA PRO A 64 2.11 -11.82 -13.21
C PRO A 64 2.76 -11.79 -11.83
N ASP A 65 3.46 -10.70 -11.55
CA ASP A 65 4.12 -10.54 -10.26
C ASP A 65 3.14 -10.08 -9.19
N ILE A 66 2.14 -9.30 -9.61
CA ILE A 66 1.14 -8.79 -8.68
C ILE A 66 0.27 -9.93 -8.14
N HIS A 67 0.18 -10.02 -6.82
CA HIS A 67 -0.63 -11.05 -6.19
C HIS A 67 -1.59 -10.45 -5.16
N PRO A 68 -2.80 -11.00 -5.09
CA PRO A 68 -3.83 -10.53 -4.14
C PRO A 68 -3.48 -10.87 -2.70
N VAL A 69 -4.05 -10.10 -1.77
CA VAL A 69 -3.80 -10.30 -0.35
C VAL A 69 -4.18 -11.72 0.07
N GLY A 70 -3.17 -12.57 0.27
CA GLY A 70 -3.42 -13.94 0.67
C GLY A 70 -2.83 -14.94 -0.30
N TRP A 71 -2.03 -14.46 -1.24
CA TRP A 71 -1.40 -15.32 -2.24
C TRP A 71 -0.32 -16.19 -1.60
N CYS A 72 0.08 -15.83 -0.38
CA CYS A 72 1.11 -16.57 0.34
C CYS A 72 0.65 -17.98 0.64
N SER A 73 -0.66 -18.20 0.60
CA SER A 73 -1.24 -19.51 0.87
C SER A 73 -1.38 -20.32 -0.42
N LYS A 74 -2.01 -19.72 -1.42
CA LYS A 74 -2.23 -20.37 -2.70
C LYS A 74 -1.03 -21.23 -3.08
N THR A 75 0.12 -20.58 -3.26
CA THR A 75 1.35 -21.29 -3.62
C THR A 75 1.99 -21.93 -2.40
N GLY A 76 2.12 -21.16 -1.32
CA GLY A 76 2.71 -21.67 -0.10
C GLY A 76 4.02 -20.97 0.23
N HIS A 77 4.15 -19.72 -0.21
CA HIS A 77 5.36 -18.95 0.06
C HIS A 77 5.16 -18.03 1.26
N PRO A 78 6.24 -17.85 2.04
CA PRO A 78 6.21 -16.99 3.23
C PRO A 78 6.08 -15.51 2.88
N LEU A 79 5.36 -14.78 3.71
CA LEU A 79 5.15 -13.34 3.49
C LEU A 79 5.90 -12.53 4.54
N GLN A 80 6.46 -11.40 4.11
CA GLN A 80 7.21 -10.53 5.01
C GLN A 80 6.41 -9.27 5.33
N PRO A 81 6.36 -8.90 6.62
CA PRO A 81 5.63 -7.72 7.08
C PRO A 81 6.30 -6.42 6.64
N PRO A 82 5.51 -5.35 6.56
CA PRO A 82 6.00 -4.03 6.15
C PRO A 82 6.92 -3.40 7.20
N LEU A 83 7.32 -2.16 6.96
CA LEU A 83 8.20 -1.45 7.88
C LEU A 83 7.64 -1.48 9.31
N SER A 84 8.46 -1.06 10.27
CA SER A 84 8.04 -1.05 11.66
C SER A 84 6.90 -0.06 11.88
N PRO A 85 6.15 -0.26 12.97
CA PRO A 85 5.02 0.60 13.33
C PRO A 85 5.47 2.00 13.76
N LEU A 86 6.78 2.21 13.81
CA LEU A 86 7.33 3.49 14.21
C LEU A 86 7.99 4.19 13.03
N GLU A 87 8.32 3.42 12.00
CA GLU A 87 8.96 3.97 10.80
C GLU A 87 7.95 4.70 9.93
N LEU A 88 6.76 4.12 9.81
CA LEU A 88 5.70 4.72 8.99
C LEU A 88 5.24 6.04 9.59
N MET A 89 5.37 6.17 10.91
CA MET A 89 4.98 7.38 11.61
C MET A 89 6.18 8.26 11.92
N GLU A 90 6.67 8.96 10.91
CA GLU A 90 7.83 9.84 11.07
C GLU A 90 7.52 11.25 10.58
N ALA A 91 8.26 12.22 11.09
CA ALA A 91 8.08 13.61 10.70
C ALA A 91 6.59 13.93 10.48
N SER A 92 5.75 13.44 11.39
CA SER A 92 4.32 13.67 11.29
C SER A 92 3.92 14.95 12.00
N GLU A 93 3.10 15.76 11.35
CA GLU A 93 2.64 17.02 11.92
C GLU A 93 1.12 17.07 11.99
N HIS A 94 0.59 17.44 13.15
CA HIS A 94 -0.86 17.52 13.35
C HIS A 94 -1.54 18.12 12.12
N GLY A 95 -2.73 17.61 11.81
CA GLY A 95 -3.46 18.10 10.65
C GLY A 95 -4.74 18.81 11.04
N GLY A 96 -5.71 18.82 10.14
CA GLY A 96 -6.97 19.48 10.40
C GLY A 96 -7.91 18.63 11.25
N CYS A 97 -9.15 19.08 11.39
CA CYS A 97 -10.14 18.35 12.16
C CYS A 97 -11.55 18.86 11.87
N SER A 98 -12.54 17.99 12.05
CA SER A 98 -13.92 18.35 11.79
C SER A 98 -14.71 18.47 13.10
N THR A 99 -15.17 19.68 13.41
CA THR A 99 -15.92 19.93 14.63
C THR A 99 -16.87 21.11 14.46
N PRO A 100 -18.18 20.85 14.64
CA PRO A 100 -19.21 21.90 14.52
C PRO A 100 -19.14 22.92 15.64
N GLY A 101 -19.90 24.00 15.50
CA GLY A 101 -19.91 25.04 16.51
C GLY A 101 -19.30 26.33 16.02
N SER A 102 -18.82 27.14 16.95
CA SER A 102 -18.20 28.42 16.61
C SER A 102 -16.69 28.26 16.42
N GLY A 103 -16.04 27.67 17.41
CA GLY A 103 -14.60 27.47 17.32
C GLY A 103 -13.82 28.70 17.72
N PRO A 104 -12.49 28.56 17.82
CA PRO A 104 -11.60 29.66 18.19
C PRO A 104 -11.50 30.72 17.10
N SER A 105 -10.65 31.73 17.33
CA SER A 105 -10.47 32.80 16.37
C SER A 105 -8.98 33.03 16.08
N SER A 106 -8.70 33.79 15.02
CA SER A 106 -7.33 34.08 14.65
C SER A 106 -7.16 35.55 14.31
N GLY A 107 -5.90 36.01 14.24
CA GLY A 107 -5.63 37.39 13.93
C GLY A 107 -4.20 37.61 13.48
N GLY A 1 -8.82 13.31 -0.66
CA GLY A 1 -10.26 13.11 -0.63
C GLY A 1 -10.80 12.71 -1.98
N SER A 2 -11.28 11.47 -2.08
CA SER A 2 -11.83 10.96 -3.32
C SER A 2 -13.30 11.35 -3.47
N SER A 3 -13.83 11.21 -4.69
CA SER A 3 -15.21 11.56 -4.96
C SER A 3 -16.01 10.32 -5.37
N GLY A 4 -17.30 10.33 -5.06
CA GLY A 4 -18.16 9.20 -5.40
C GLY A 4 -18.24 8.97 -6.89
N SER A 5 -18.63 7.76 -7.28
CA SER A 5 -18.74 7.41 -8.69
C SER A 5 -19.76 6.29 -8.88
N SER A 6 -20.91 6.65 -9.46
CA SER A 6 -21.98 5.68 -9.70
C SER A 6 -22.14 5.42 -11.19
N GLY A 7 -22.43 4.17 -11.54
CA GLY A 7 -22.61 3.82 -12.94
C GLY A 7 -21.30 3.82 -13.71
N VAL A 8 -20.23 3.35 -13.07
CA VAL A 8 -18.93 3.31 -13.70
C VAL A 8 -18.26 1.95 -13.49
N LYS A 9 -17.43 1.56 -14.45
CA LYS A 9 -16.72 0.28 -14.37
C LYS A 9 -15.21 0.49 -14.29
N PRO A 10 -14.52 -0.41 -13.58
CA PRO A 10 -13.06 -0.35 -13.42
C PRO A 10 -12.32 -0.65 -14.72
N PRO A 11 -11.15 -0.02 -14.89
CA PRO A 11 -10.32 -0.21 -16.09
C PRO A 11 -9.70 -1.61 -16.15
N HIS A 12 -9.12 -2.05 -15.03
CA HIS A 12 -8.49 -3.36 -14.96
C HIS A 12 -9.12 -4.19 -13.85
N GLY A 13 -9.70 -3.52 -12.85
CA GLY A 13 -10.32 -4.23 -11.75
C GLY A 13 -9.80 -3.77 -10.40
N PHE A 14 -8.48 -3.68 -10.28
CA PHE A 14 -7.84 -3.26 -9.04
C PHE A 14 -8.49 -1.99 -8.51
N GLN A 15 -8.47 -1.82 -7.19
CA GLN A 15 -9.05 -0.64 -6.55
C GLN A 15 -8.01 0.11 -5.74
N LYS A 16 -8.30 1.37 -5.42
CA LYS A 16 -7.40 2.19 -4.64
C LYS A 16 -7.71 2.10 -3.15
N LYS A 17 -6.72 2.41 -2.31
CA LYS A 17 -6.90 2.35 -0.87
C LYS A 17 -7.11 0.92 -0.40
N MET A 18 -6.61 -0.04 -1.17
CA MET A 18 -6.74 -1.44 -0.83
C MET A 18 -5.38 -2.07 -0.58
N LYS A 19 -5.37 -3.38 -0.31
CA LYS A 19 -4.13 -4.10 -0.06
C LYS A 19 -3.90 -5.18 -1.10
N LEU A 20 -2.64 -5.53 -1.33
CA LEU A 20 -2.29 -6.56 -2.31
C LEU A 20 -0.83 -6.96 -2.16
N GLU A 21 -0.56 -8.25 -2.37
CA GLU A 21 0.80 -8.77 -2.26
C GLU A 21 1.58 -8.51 -3.55
N VAL A 22 2.61 -7.67 -3.45
CA VAL A 22 3.44 -7.34 -4.60
C VAL A 22 4.84 -7.93 -4.47
N VAL A 23 5.36 -8.45 -5.57
CA VAL A 23 6.69 -9.04 -5.58
C VAL A 23 7.78 -7.97 -5.70
N ASP A 24 8.70 -7.97 -4.74
CA ASP A 24 9.79 -7.00 -4.74
C ASP A 24 10.67 -7.16 -5.98
N LYS A 25 10.67 -6.17 -6.85
CA LYS A 25 11.47 -6.20 -8.06
C LYS A 25 12.89 -6.68 -7.77
N ARG A 26 13.58 -5.95 -6.88
CA ARG A 26 14.94 -6.30 -6.52
C ARG A 26 15.01 -7.70 -5.90
N ASN A 27 13.91 -8.12 -5.29
CA ASN A 27 13.83 -9.43 -4.66
C ASN A 27 12.55 -10.16 -5.06
N PRO A 28 12.63 -10.95 -6.15
CA PRO A 28 11.49 -11.71 -6.66
C PRO A 28 11.09 -12.86 -5.73
N MET A 29 12.04 -13.30 -4.90
CA MET A 29 11.78 -14.38 -3.96
C MET A 29 11.23 -13.84 -2.65
N PHE A 30 10.79 -12.59 -2.65
CA PHE A 30 10.24 -11.95 -1.47
C PHE A 30 8.98 -11.17 -1.80
N ILE A 31 7.91 -11.44 -1.06
CA ILE A 31 6.64 -10.76 -1.27
C ILE A 31 6.15 -10.10 0.01
N ARG A 32 5.67 -8.86 -0.11
CA ARG A 32 5.17 -8.12 1.04
C ARG A 32 3.84 -7.44 0.72
N VAL A 33 3.25 -6.80 1.71
CA VAL A 33 1.98 -6.11 1.53
C VAL A 33 2.16 -4.82 0.75
N ALA A 34 1.14 -4.44 -0.01
CA ALA A 34 1.18 -3.22 -0.81
C ALA A 34 -0.14 -2.46 -0.73
N THR A 35 -0.10 -1.18 -1.08
CA THR A 35 -1.30 -0.34 -1.04
C THR A 35 -1.47 0.42 -2.35
N VAL A 36 -2.54 0.11 -3.07
CA VAL A 36 -2.81 0.77 -4.35
C VAL A 36 -3.12 2.25 -4.14
N ALA A 37 -2.15 3.11 -4.42
CA ALA A 37 -2.31 4.54 -4.28
C ALA A 37 -3.11 5.13 -5.44
N ASP A 38 -2.66 4.84 -6.66
CA ASP A 38 -3.33 5.34 -7.85
C ASP A 38 -3.44 4.24 -8.91
N THR A 39 -4.57 4.22 -9.62
CA THR A 39 -4.79 3.22 -10.66
C THR A 39 -4.87 3.87 -12.03
N ASP A 40 -3.86 3.60 -12.87
CA ASP A 40 -3.82 4.17 -14.20
C ASP A 40 -4.66 3.34 -15.18
N ASP A 41 -4.63 3.71 -16.45
CA ASP A 41 -5.39 3.00 -17.46
C ASP A 41 -5.20 1.48 -17.34
N HIS A 42 -3.97 1.04 -17.54
CA HIS A 42 -3.64 -0.38 -17.44
C HIS A 42 -2.51 -0.61 -16.45
N ARG A 43 -2.42 0.25 -15.45
CA ARG A 43 -1.39 0.13 -14.43
C ARG A 43 -1.90 0.60 -13.07
N VAL A 44 -1.13 0.33 -12.02
CA VAL A 44 -1.51 0.72 -10.67
C VAL A 44 -0.28 0.95 -9.80
N LYS A 45 -0.15 2.16 -9.26
CA LYS A 45 0.97 2.50 -8.41
C LYS A 45 0.87 1.80 -7.06
N VAL A 46 1.76 0.84 -6.82
CA VAL A 46 1.76 0.09 -5.57
C VAL A 46 2.73 0.72 -4.57
N HIS A 47 2.20 1.15 -3.43
CA HIS A 47 3.02 1.76 -2.38
C HIS A 47 3.22 0.80 -1.22
N PHE A 48 4.48 0.48 -0.93
CA PHE A 48 4.81 -0.43 0.15
C PHE A 48 4.84 0.31 1.48
N ASP A 49 3.70 0.32 2.18
CA ASP A 49 3.60 0.99 3.47
C ASP A 49 4.82 0.69 4.34
N GLY A 50 5.38 1.74 4.93
CA GLY A 50 6.55 1.56 5.77
C GLY A 50 7.84 1.91 5.06
N TRP A 51 7.92 1.57 3.78
CA TRP A 51 9.11 1.85 2.98
C TRP A 51 9.38 3.35 2.92
N ASN A 52 10.57 3.72 2.45
CA ASN A 52 10.96 5.12 2.34
C ASN A 52 11.33 5.47 0.90
N ASN A 53 11.81 6.69 0.69
CA ASN A 53 12.20 7.15 -0.63
C ASN A 53 11.16 6.76 -1.67
N CYS A 54 9.89 6.97 -1.34
CA CYS A 54 8.80 6.65 -2.26
C CYS A 54 9.14 5.42 -3.09
N TYR A 55 9.83 4.46 -2.47
CA TYR A 55 10.21 3.23 -3.16
C TYR A 55 9.13 2.78 -4.13
N ASP A 56 7.88 3.12 -3.82
CA ASP A 56 6.76 2.75 -4.66
C ASP A 56 7.12 2.86 -6.14
N TYR A 57 6.38 2.17 -6.99
CA TYR A 57 6.63 2.18 -8.42
C TYR A 57 5.36 1.83 -9.19
N TRP A 58 5.31 2.27 -10.45
CA TRP A 58 4.16 1.99 -11.30
C TRP A 58 4.20 0.58 -11.85
N ILE A 59 3.33 -0.29 -11.34
CA ILE A 59 3.28 -1.68 -11.79
C ILE A 59 1.98 -1.97 -12.54
N ASP A 60 2.08 -2.76 -13.59
CA ASP A 60 0.91 -3.11 -14.39
C ASP A 60 -0.07 -3.93 -13.56
N ALA A 61 -1.34 -3.52 -13.59
CA ALA A 61 -2.39 -4.21 -12.84
C ALA A 61 -2.57 -5.64 -13.35
N ASP A 62 -2.20 -5.87 -14.61
CA ASP A 62 -2.32 -7.18 -15.22
C ASP A 62 -0.99 -7.93 -15.17
N SER A 63 -0.09 -7.49 -14.29
CA SER A 63 1.22 -8.11 -14.16
C SER A 63 1.12 -9.41 -13.35
N PRO A 64 1.88 -10.42 -13.79
CA PRO A 64 1.92 -11.73 -13.12
C PRO A 64 2.59 -11.67 -11.75
N ASP A 65 3.44 -10.67 -11.56
CA ASP A 65 4.15 -10.49 -10.29
C ASP A 65 3.19 -10.01 -9.20
N ILE A 66 2.15 -9.30 -9.60
CA ILE A 66 1.17 -8.77 -8.66
C ILE A 66 0.25 -9.89 -8.16
N HIS A 67 0.15 -10.00 -6.83
CA HIS A 67 -0.71 -11.01 -6.22
C HIS A 67 -1.64 -10.39 -5.19
N PRO A 68 -2.88 -10.91 -5.11
CA PRO A 68 -3.88 -10.42 -4.17
C PRO A 68 -3.54 -10.76 -2.72
N VAL A 69 -4.24 -10.13 -1.79
CA VAL A 69 -4.02 -10.37 -0.37
C VAL A 69 -4.40 -11.79 0.01
N GLY A 70 -3.39 -12.65 0.13
CA GLY A 70 -3.64 -14.04 0.48
C GLY A 70 -3.03 -15.02 -0.50
N TRP A 71 -2.14 -14.51 -1.34
CA TRP A 71 -1.49 -15.35 -2.34
C TRP A 71 -0.37 -16.18 -1.70
N CYS A 72 0.05 -15.78 -0.51
CA CYS A 72 1.11 -16.48 0.21
C CYS A 72 0.67 -17.90 0.58
N SER A 73 -0.63 -18.06 0.82
CA SER A 73 -1.18 -19.35 1.20
C SER A 73 -1.48 -20.19 -0.03
N LYS A 74 -2.41 -19.71 -0.85
CA LYS A 74 -2.79 -20.41 -2.08
C LYS A 74 -1.59 -21.10 -2.70
N THR A 75 -0.43 -20.46 -2.62
CA THR A 75 0.80 -21.01 -3.18
C THR A 75 1.65 -21.67 -2.10
N GLY A 76 1.75 -21.01 -0.95
CA GLY A 76 2.53 -21.56 0.14
C GLY A 76 3.88 -20.88 0.28
N HIS A 77 3.92 -19.59 -0.05
CA HIS A 77 5.16 -18.82 0.04
C HIS A 77 5.16 -17.93 1.27
N PRO A 78 6.34 -17.75 1.88
CA PRO A 78 6.50 -16.92 3.08
C PRO A 78 6.32 -15.44 2.79
N LEU A 79 5.47 -14.80 3.59
CA LEU A 79 5.20 -13.37 3.43
C LEU A 79 5.99 -12.55 4.45
N GLN A 80 6.37 -11.34 4.04
CA GLN A 80 7.12 -10.46 4.93
C GLN A 80 6.37 -9.15 5.15
N PRO A 81 6.23 -8.76 6.43
CA PRO A 81 5.53 -7.53 6.82
C PRO A 81 6.31 -6.28 6.42
N PRO A 82 5.60 -5.15 6.32
CA PRO A 82 6.19 -3.86 5.96
C PRO A 82 7.10 -3.31 7.05
N LEU A 83 7.78 -2.20 6.75
CA LEU A 83 8.67 -1.57 7.71
C LEU A 83 7.95 -1.27 9.02
N SER A 84 8.73 -1.04 10.08
CA SER A 84 8.15 -0.74 11.38
C SER A 84 7.66 0.70 11.44
N PRO A 85 6.75 0.98 12.39
CA PRO A 85 6.19 2.32 12.58
C PRO A 85 7.21 3.32 13.12
N LEU A 86 8.45 2.85 13.31
CA LEU A 86 9.51 3.71 13.82
C LEU A 86 10.57 3.94 12.75
N GLU A 87 10.68 3.00 11.82
CA GLU A 87 11.66 3.12 10.74
C GLU A 87 11.28 4.23 9.78
N LEU A 88 10.02 4.65 9.83
CA LEU A 88 9.54 5.72 8.96
C LEU A 88 9.50 7.05 9.69
N MET A 89 10.06 7.08 10.89
CA MET A 89 10.09 8.29 11.69
C MET A 89 10.84 9.40 10.98
N GLU A 90 10.29 10.61 11.01
CA GLU A 90 10.91 11.75 10.36
C GLU A 90 11.43 12.75 11.40
N ALA A 91 12.04 13.83 10.92
CA ALA A 91 12.58 14.85 11.79
C ALA A 91 11.93 16.21 11.52
N SER A 92 11.57 16.91 12.59
CA SER A 92 10.94 18.22 12.48
C SER A 92 11.59 19.23 13.42
N GLU A 93 12.56 19.98 12.90
CA GLU A 93 13.25 20.98 13.70
C GLU A 93 12.47 22.29 13.73
N HIS A 94 11.99 22.71 12.57
CA HIS A 94 11.22 23.96 12.47
C HIS A 94 10.26 24.11 13.64
N GLY A 95 9.84 25.34 13.91
CA GLY A 95 8.93 25.59 15.00
C GLY A 95 8.57 27.06 15.13
N GLY A 96 7.54 27.35 15.92
CA GLY A 96 7.11 28.72 16.11
C GLY A 96 6.33 28.91 17.39
N CYS A 97 5.02 28.73 17.32
CA CYS A 97 4.16 28.89 18.48
C CYS A 97 4.41 30.24 19.17
N SER A 98 4.57 31.28 18.37
CA SER A 98 4.82 32.61 18.89
C SER A 98 3.66 33.56 18.56
N THR A 99 2.83 33.84 19.57
CA THR A 99 1.67 34.71 19.38
C THR A 99 1.94 36.08 20.01
N PRO A 100 1.77 37.14 19.20
CA PRO A 100 1.98 38.52 19.65
C PRO A 100 0.90 38.97 20.63
N GLY A 101 1.30 39.20 21.88
CA GLY A 101 0.36 39.64 22.90
C GLY A 101 0.35 41.14 23.07
N SER A 102 -0.82 41.70 23.35
CA SER A 102 -0.97 43.14 23.52
C SER A 102 -0.39 43.57 24.87
N GLY A 103 0.02 44.84 24.96
CA GLY A 103 0.58 45.35 26.19
C GLY A 103 -0.27 46.45 26.81
N PRO A 104 -0.20 47.66 26.23
CA PRO A 104 -0.97 48.80 26.72
C PRO A 104 -2.47 48.66 26.45
N SER A 105 -3.27 49.44 27.16
CA SER A 105 -4.72 49.40 27.00
C SER A 105 -5.31 50.81 27.00
N SER A 106 -5.90 51.19 25.87
CA SER A 106 -6.49 52.52 25.74
C SER A 106 -7.34 52.86 26.96
N GLY A 107 -7.06 54.00 27.57
CA GLY A 107 -7.81 54.43 28.74
C GLY A 107 -6.90 54.95 29.83
N GLY A 1 -20.45 4.92 -0.52
CA GLY A 1 -19.25 5.72 -0.34
C GLY A 1 -19.30 7.01 -1.13
N SER A 2 -19.32 6.91 -2.45
CA SER A 2 -19.36 8.07 -3.33
C SER A 2 -20.80 8.49 -3.60
N SER A 3 -21.12 9.74 -3.28
CA SER A 3 -22.46 10.27 -3.50
C SER A 3 -22.71 10.53 -4.98
N GLY A 4 -21.93 11.43 -5.55
CA GLY A 4 -22.09 11.75 -6.96
C GLY A 4 -22.31 10.52 -7.82
N SER A 5 -23.57 10.27 -8.16
CA SER A 5 -23.91 9.11 -8.99
C SER A 5 -22.86 8.86 -10.05
N SER A 6 -22.13 7.76 -9.91
CA SER A 6 -21.07 7.41 -10.86
C SER A 6 -21.16 5.94 -11.26
N GLY A 7 -21.66 5.69 -12.46
CA GLY A 7 -21.80 4.33 -12.94
C GLY A 7 -20.80 3.99 -14.03
N VAL A 8 -19.54 3.76 -13.64
CA VAL A 8 -18.49 3.44 -14.59
C VAL A 8 -17.92 2.05 -14.31
N LYS A 9 -17.31 1.45 -15.33
CA LYS A 9 -16.72 0.13 -15.21
C LYS A 9 -15.22 0.22 -14.98
N PRO A 10 -14.65 -0.75 -14.26
CA PRO A 10 -13.22 -0.79 -13.96
C PRO A 10 -12.39 -1.12 -15.20
N PRO A 11 -11.26 -0.41 -15.35
CA PRO A 11 -10.35 -0.60 -16.49
C PRO A 11 -9.62 -1.94 -16.43
N HIS A 12 -9.09 -2.27 -15.25
CA HIS A 12 -8.37 -3.53 -15.06
C HIS A 12 -9.01 -4.36 -13.95
N GLY A 13 -9.46 -3.69 -12.90
CA GLY A 13 -10.09 -4.38 -11.79
C GLY A 13 -9.56 -3.90 -10.45
N PHE A 14 -8.26 -3.75 -10.34
CA PHE A 14 -7.63 -3.30 -9.10
C PHE A 14 -8.35 -2.08 -8.54
N GLN A 15 -8.44 -1.99 -7.22
CA GLN A 15 -9.09 -0.87 -6.56
C GLN A 15 -8.12 -0.13 -5.65
N LYS A 16 -8.47 1.12 -5.33
CA LYS A 16 -7.63 1.94 -4.46
C LYS A 16 -7.96 1.70 -2.99
N LYS A 17 -7.04 2.07 -2.11
CA LYS A 17 -7.22 1.89 -0.68
C LYS A 17 -7.37 0.41 -0.32
N MET A 18 -6.71 -0.45 -1.11
CA MET A 18 -6.77 -1.89 -0.87
C MET A 18 -5.37 -2.45 -0.66
N LYS A 19 -5.29 -3.72 -0.30
CA LYS A 19 -4.02 -4.38 -0.07
C LYS A 19 -3.75 -5.43 -1.15
N LEU A 20 -2.46 -5.68 -1.40
CA LEU A 20 -2.07 -6.67 -2.40
C LEU A 20 -0.58 -7.02 -2.28
N GLU A 21 -0.27 -8.30 -2.43
CA GLU A 21 1.10 -8.76 -2.33
C GLU A 21 1.86 -8.52 -3.64
N VAL A 22 2.91 -7.72 -3.57
CA VAL A 22 3.71 -7.43 -4.75
C VAL A 22 5.10 -8.04 -4.65
N VAL A 23 5.52 -8.72 -5.71
CA VAL A 23 6.84 -9.36 -5.73
C VAL A 23 7.94 -8.32 -5.88
N ASP A 24 8.77 -8.21 -4.85
CA ASP A 24 9.88 -7.25 -4.86
C ASP A 24 10.71 -7.41 -6.13
N LYS A 25 10.65 -6.40 -7.00
CA LYS A 25 11.40 -6.42 -8.25
C LYS A 25 12.85 -6.81 -8.00
N ARG A 26 13.54 -6.02 -7.19
CA ARG A 26 14.94 -6.28 -6.87
C ARG A 26 15.14 -7.72 -6.41
N ASN A 27 14.15 -8.25 -5.69
CA ASN A 27 14.21 -9.62 -5.20
C ASN A 27 12.90 -10.35 -5.43
N PRO A 28 12.87 -11.20 -6.48
CA PRO A 28 11.68 -11.97 -6.84
C PRO A 28 11.37 -13.07 -5.81
N MET A 29 12.22 -13.19 -4.81
CA MET A 29 12.04 -14.18 -3.77
C MET A 29 11.54 -13.54 -2.47
N PHE A 30 11.08 -12.30 -2.58
CA PHE A 30 10.58 -11.57 -1.42
C PHE A 30 9.28 -10.84 -1.76
N ILE A 31 8.22 -11.16 -1.04
CA ILE A 31 6.92 -10.54 -1.27
C ILE A 31 6.43 -9.82 -0.01
N ARG A 32 5.87 -8.63 -0.19
CA ARG A 32 5.36 -7.84 0.93
C ARG A 32 3.99 -7.26 0.60
N VAL A 33 3.42 -6.53 1.56
CA VAL A 33 2.11 -5.92 1.38
C VAL A 33 2.22 -4.61 0.62
N ALA A 34 1.19 -4.29 -0.16
CA ALA A 34 1.17 -3.06 -0.93
C ALA A 34 -0.21 -2.40 -0.89
N THR A 35 -0.23 -1.07 -0.90
CA THR A 35 -1.48 -0.33 -0.86
C THR A 35 -1.68 0.47 -2.14
N VAL A 36 -2.65 0.05 -2.95
CA VAL A 36 -2.94 0.74 -4.21
C VAL A 36 -3.36 2.19 -3.96
N ALA A 37 -2.45 3.11 -4.21
CA ALA A 37 -2.73 4.53 -4.03
C ALA A 37 -3.50 5.10 -5.20
N ASP A 38 -2.98 4.91 -6.40
CA ASP A 38 -3.63 5.41 -7.61
C ASP A 38 -3.68 4.32 -8.68
N THR A 39 -4.85 4.16 -9.30
CA THR A 39 -5.03 3.15 -10.33
C THR A 39 -5.08 3.80 -11.72
N ASP A 40 -4.03 3.57 -12.50
CA ASP A 40 -3.96 4.13 -13.85
C ASP A 40 -4.89 3.39 -14.80
N ASP A 41 -4.81 3.73 -16.08
CA ASP A 41 -5.67 3.10 -17.08
C ASP A 41 -5.27 1.64 -17.28
N HIS A 42 -3.97 1.40 -17.39
CA HIS A 42 -3.46 0.04 -17.59
C HIS A 42 -2.45 -0.31 -16.51
N ARG A 43 -2.32 0.56 -15.51
CA ARG A 43 -1.37 0.33 -14.41
C ARG A 43 -1.97 0.78 -13.08
N VAL A 44 -1.29 0.43 -12.00
CA VAL A 44 -1.75 0.80 -10.66
C VAL A 44 -0.58 1.00 -9.72
N LYS A 45 -0.45 2.22 -9.19
CA LYS A 45 0.62 2.55 -8.25
C LYS A 45 0.54 1.69 -7.00
N VAL A 46 1.60 0.96 -6.71
CA VAL A 46 1.65 0.10 -5.52
C VAL A 46 2.65 0.62 -4.50
N HIS A 47 2.15 1.06 -3.35
CA HIS A 47 3.01 1.57 -2.29
C HIS A 47 3.28 0.50 -1.24
N PHE A 48 4.51 0.46 -0.74
CA PHE A 48 4.90 -0.51 0.27
C PHE A 48 4.79 0.08 1.67
N ASP A 49 3.66 -0.15 2.32
CA ASP A 49 3.43 0.36 3.66
C ASP A 49 4.72 0.33 4.48
N GLY A 50 4.97 1.42 5.21
CA GLY A 50 6.17 1.50 6.02
C GLY A 50 7.36 2.02 5.25
N TRP A 51 7.53 1.53 4.03
CA TRP A 51 8.64 1.96 3.18
C TRP A 51 8.49 3.42 2.76
N ASN A 52 9.60 4.14 2.77
CA ASN A 52 9.59 5.55 2.40
C ASN A 52 8.66 5.80 1.21
N ASN A 53 8.25 7.05 1.04
CA ASN A 53 7.36 7.42 -0.06
C ASN A 53 8.13 7.57 -1.36
N CYS A 54 9.05 6.65 -1.61
CA CYS A 54 9.87 6.68 -2.82
C CYS A 54 9.96 5.30 -3.46
N TYR A 55 10.10 4.28 -2.62
CA TYR A 55 10.19 2.91 -3.10
C TYR A 55 9.07 2.59 -4.09
N ASP A 56 7.87 3.07 -3.78
CA ASP A 56 6.71 2.84 -4.64
C ASP A 56 7.10 2.93 -6.11
N TYR A 57 6.27 2.35 -6.97
CA TYR A 57 6.53 2.37 -8.40
C TYR A 57 5.28 1.97 -9.18
N TRP A 58 5.19 2.44 -10.42
CA TRP A 58 4.04 2.13 -11.27
C TRP A 58 4.17 0.74 -11.88
N ILE A 59 3.40 -0.21 -11.35
CA ILE A 59 3.44 -1.58 -11.85
C ILE A 59 2.19 -1.89 -12.67
N ASP A 60 2.38 -2.71 -13.71
CA ASP A 60 1.27 -3.09 -14.58
C ASP A 60 0.26 -3.96 -13.83
N ALA A 61 -0.98 -3.48 -13.76
CA ALA A 61 -2.03 -4.22 -13.06
C ALA A 61 -2.19 -5.62 -13.64
N ASP A 62 -1.86 -5.77 -14.91
CA ASP A 62 -1.97 -7.07 -15.58
C ASP A 62 -0.64 -7.82 -15.51
N SER A 63 0.20 -7.44 -14.56
CA SER A 63 1.50 -8.09 -14.38
C SER A 63 1.36 -9.39 -13.61
N PRO A 64 2.09 -10.42 -14.07
CA PRO A 64 2.07 -11.75 -13.44
C PRO A 64 2.75 -11.75 -12.07
N ASP A 65 3.53 -10.70 -11.80
CA ASP A 65 4.23 -10.58 -10.53
C ASP A 65 3.28 -10.14 -9.42
N ILE A 66 2.34 -9.27 -9.76
CA ILE A 66 1.36 -8.76 -8.79
C ILE A 66 0.50 -9.90 -8.25
N HIS A 67 0.49 -10.06 -6.94
CA HIS A 67 -0.30 -11.11 -6.29
C HIS A 67 -1.22 -10.52 -5.23
N PRO A 68 -2.39 -11.14 -5.05
CA PRO A 68 -3.38 -10.69 -4.07
C PRO A 68 -2.93 -10.93 -2.63
N VAL A 69 -3.59 -10.27 -1.69
CA VAL A 69 -3.25 -10.41 -0.28
C VAL A 69 -3.36 -11.86 0.17
N GLY A 70 -4.25 -12.60 -0.48
CA GLY A 70 -4.44 -14.00 -0.12
C GLY A 70 -3.55 -14.92 -0.93
N TRP A 71 -2.49 -14.36 -1.52
CA TRP A 71 -1.56 -15.14 -2.33
C TRP A 71 -0.72 -16.07 -1.45
N CYS A 72 -0.21 -15.52 -0.35
CA CYS A 72 0.61 -16.30 0.57
C CYS A 72 -0.04 -17.64 0.89
N SER A 73 -1.38 -17.65 0.90
CA SER A 73 -2.13 -18.87 1.20
C SER A 73 -2.33 -19.70 -0.05
N LYS A 74 -2.97 -19.10 -1.06
CA LYS A 74 -3.23 -19.78 -2.32
C LYS A 74 -2.01 -20.57 -2.78
N THR A 75 -0.84 -19.96 -2.63
CA THR A 75 0.42 -20.60 -3.03
C THR A 75 1.05 -21.33 -1.86
N GLY A 76 1.28 -20.60 -0.76
CA GLY A 76 1.88 -21.21 0.41
C GLY A 76 3.28 -20.70 0.66
N HIS A 77 3.52 -19.43 0.37
CA HIS A 77 4.84 -18.82 0.56
C HIS A 77 4.83 -17.87 1.75
N PRO A 78 5.99 -17.77 2.43
CA PRO A 78 6.14 -16.90 3.60
C PRO A 78 6.10 -15.42 3.23
N LEU A 79 5.26 -14.65 3.93
CA LEU A 79 5.13 -13.23 3.67
C LEU A 79 6.01 -12.42 4.62
N GLN A 80 6.58 -11.34 4.12
CA GLN A 80 7.44 -10.48 4.93
C GLN A 80 6.70 -9.23 5.39
N PRO A 81 6.81 -8.92 6.69
CA PRO A 81 6.16 -7.75 7.29
C PRO A 81 6.76 -6.44 6.81
N PRO A 82 5.93 -5.39 6.74
CA PRO A 82 6.36 -4.06 6.31
C PRO A 82 7.29 -3.39 7.32
N LEU A 83 7.76 -2.20 6.98
CA LEU A 83 8.66 -1.45 7.86
C LEU A 83 7.96 -1.08 9.17
N SER A 84 8.71 -0.52 10.10
CA SER A 84 8.16 -0.12 11.39
C SER A 84 7.15 1.01 11.23
N PRO A 85 6.29 1.18 12.25
CA PRO A 85 5.26 2.22 12.25
C PRO A 85 5.85 3.62 12.38
N LEU A 86 7.18 3.69 12.44
CA LEU A 86 7.87 4.97 12.56
C LEU A 86 8.17 5.57 11.19
N GLU A 87 8.53 4.70 10.24
CA GLU A 87 8.83 5.14 8.89
C GLU A 87 7.63 5.80 8.23
N LEU A 88 6.50 5.08 8.22
CA LEU A 88 5.28 5.60 7.63
C LEU A 88 4.95 6.98 8.18
N MET A 89 5.14 7.15 9.48
CA MET A 89 4.86 8.42 10.14
C MET A 89 5.64 9.55 9.48
N GLU A 90 4.94 10.33 8.65
CA GLU A 90 5.57 11.45 7.95
C GLU A 90 5.19 12.78 8.60
N ALA A 91 3.90 12.98 8.80
CA ALA A 91 3.40 14.21 9.42
C ALA A 91 2.29 13.91 10.42
N SER A 92 2.52 14.30 11.67
CA SER A 92 1.55 14.06 12.74
C SER A 92 0.27 14.86 12.49
N GLU A 93 -0.76 14.58 13.27
CA GLU A 93 -2.03 15.27 13.14
C GLU A 93 -2.87 15.13 14.41
N HIS A 94 -2.99 16.23 15.15
CA HIS A 94 -3.75 16.22 16.39
C HIS A 94 -5.25 16.07 16.11
N GLY A 95 -5.78 16.96 15.27
CA GLY A 95 -7.19 16.91 14.94
C GLY A 95 -7.92 18.19 15.28
N GLY A 96 -9.22 18.08 15.54
CA GLY A 96 -10.01 19.26 15.86
C GLY A 96 -10.25 19.39 17.36
N CYS A 97 -11.49 19.19 17.77
CA CYS A 97 -11.85 19.29 19.18
C CYS A 97 -12.45 17.98 19.68
N SER A 98 -12.26 17.71 20.98
CA SER A 98 -12.79 16.49 21.58
C SER A 98 -14.01 16.78 22.43
N THR A 99 -15.11 16.10 22.14
CA THR A 99 -16.36 16.29 22.87
C THR A 99 -16.73 15.04 23.65
N PRO A 100 -17.24 15.22 24.87
CA PRO A 100 -17.65 14.11 25.74
C PRO A 100 -18.91 13.41 25.22
N GLY A 101 -19.28 12.31 25.88
CA GLY A 101 -20.46 11.58 25.48
C GLY A 101 -21.26 11.07 26.66
N SER A 102 -22.10 10.06 26.42
CA SER A 102 -22.93 9.49 27.47
C SER A 102 -22.24 8.30 28.12
N GLY A 103 -22.85 7.78 29.18
CA GLY A 103 -22.28 6.64 29.88
C GLY A 103 -22.99 5.34 29.55
N PRO A 104 -22.21 4.26 29.40
CA PRO A 104 -22.76 2.94 29.08
C PRO A 104 -23.53 2.33 30.26
N SER A 105 -24.11 1.15 30.03
CA SER A 105 -24.88 0.47 31.06
C SER A 105 -25.13 -0.99 30.68
N SER A 106 -25.34 -1.83 31.69
CA SER A 106 -25.59 -3.24 31.47
C SER A 106 -26.93 -3.45 30.77
N GLY A 107 -27.06 -4.60 30.09
CA GLY A 107 -28.29 -4.89 29.38
C GLY A 107 -28.22 -6.21 28.63
N GLY A 1 -27.66 -5.10 -0.08
CA GLY A 1 -26.32 -4.57 -0.28
C GLY A 1 -26.30 -3.37 -1.20
N SER A 2 -25.62 -3.50 -2.32
CA SER A 2 -25.52 -2.41 -3.29
C SER A 2 -26.88 -2.09 -3.89
N SER A 3 -27.25 -0.80 -3.85
CA SER A 3 -28.53 -0.37 -4.39
C SER A 3 -28.58 -0.54 -5.90
N GLY A 4 -28.99 -1.73 -6.34
CA GLY A 4 -29.07 -2.00 -7.76
C GLY A 4 -27.71 -2.22 -8.40
N SER A 5 -27.67 -2.28 -9.72
CA SER A 5 -26.43 -2.48 -10.44
C SER A 5 -25.50 -1.28 -10.29
N SER A 6 -24.21 -1.49 -10.55
CA SER A 6 -23.23 -0.42 -10.44
C SER A 6 -23.30 0.52 -11.65
N GLY A 7 -23.32 -0.07 -12.84
CA GLY A 7 -23.39 0.73 -14.05
C GLY A 7 -22.03 1.02 -14.63
N VAL A 8 -21.13 1.56 -13.80
CA VAL A 8 -19.79 1.90 -14.24
C VAL A 8 -18.80 0.80 -13.83
N LYS A 9 -17.84 0.52 -14.71
CA LYS A 9 -16.84 -0.50 -14.46
C LYS A 9 -15.43 0.09 -14.57
N PRO A 10 -14.51 -0.44 -13.74
CA PRO A 10 -13.11 0.02 -13.73
C PRO A 10 -12.35 -0.39 -14.99
N PRO A 11 -11.20 0.25 -15.22
CA PRO A 11 -10.36 -0.03 -16.39
C PRO A 11 -9.70 -1.41 -16.31
N HIS A 12 -9.14 -1.73 -15.14
CA HIS A 12 -8.48 -3.01 -14.94
C HIS A 12 -9.12 -3.77 -13.79
N GLY A 13 -9.80 -3.04 -12.91
CA GLY A 13 -10.46 -3.67 -11.77
C GLY A 13 -9.92 -3.17 -10.45
N PHE A 14 -8.60 -3.26 -10.26
CA PHE A 14 -7.98 -2.82 -9.03
C PHE A 14 -8.64 -1.55 -8.50
N GLN A 15 -8.66 -1.40 -7.19
CA GLN A 15 -9.27 -0.24 -6.56
C GLN A 15 -8.25 0.52 -5.70
N LYS A 16 -8.62 1.74 -5.30
CA LYS A 16 -7.73 2.57 -4.48
C LYS A 16 -7.98 2.31 -2.99
N LYS A 17 -6.92 2.47 -2.19
CA LYS A 17 -7.02 2.25 -0.76
C LYS A 17 -7.24 0.77 -0.44
N MET A 18 -6.75 -0.09 -1.33
CA MET A 18 -6.89 -1.54 -1.14
C MET A 18 -5.55 -2.16 -0.77
N LYS A 19 -5.55 -3.47 -0.57
CA LYS A 19 -4.33 -4.20 -0.22
C LYS A 19 -4.04 -5.31 -1.23
N LEU A 20 -2.77 -5.44 -1.59
CA LEU A 20 -2.36 -6.47 -2.55
C LEU A 20 -0.90 -6.83 -2.36
N GLU A 21 -0.59 -8.12 -2.47
CA GLU A 21 0.78 -8.60 -2.32
C GLU A 21 1.58 -8.39 -3.60
N VAL A 22 2.60 -7.56 -3.52
CA VAL A 22 3.45 -7.28 -4.68
C VAL A 22 4.83 -7.92 -4.52
N VAL A 23 5.31 -8.55 -5.60
CA VAL A 23 6.60 -9.20 -5.58
C VAL A 23 7.73 -8.19 -5.79
N ASP A 24 8.66 -8.14 -4.84
CA ASP A 24 9.79 -7.22 -4.93
C ASP A 24 10.63 -7.50 -6.16
N LYS A 25 10.90 -6.45 -6.95
CA LYS A 25 11.68 -6.58 -8.16
C LYS A 25 13.10 -7.05 -7.84
N ARG A 26 13.78 -6.32 -6.95
CA ARG A 26 15.14 -6.66 -6.56
C ARG A 26 15.21 -8.08 -6.02
N ASN A 27 14.13 -8.52 -5.38
CA ASN A 27 14.07 -9.86 -4.82
C ASN A 27 12.74 -10.54 -5.15
N PRO A 28 12.73 -11.32 -6.24
CA PRO A 28 11.54 -12.04 -6.69
C PRO A 28 11.16 -13.18 -5.75
N MET A 29 12.00 -13.42 -4.76
CA MET A 29 11.74 -14.48 -3.79
C MET A 29 11.17 -13.91 -2.49
N PHE A 30 10.81 -12.63 -2.52
CA PHE A 30 10.24 -11.98 -1.35
C PHE A 30 8.98 -11.20 -1.73
N ILE A 31 7.96 -11.31 -0.89
CA ILE A 31 6.69 -10.61 -1.14
C ILE A 31 6.25 -9.83 0.10
N ARG A 32 5.64 -8.67 -0.12
CA ARG A 32 5.18 -7.83 0.97
C ARG A 32 3.84 -7.18 0.61
N VAL A 33 3.11 -6.73 1.63
CA VAL A 33 1.82 -6.10 1.43
C VAL A 33 1.97 -4.77 0.70
N ALA A 34 0.98 -4.45 -0.13
CA ALA A 34 1.00 -3.21 -0.90
C ALA A 34 -0.35 -2.49 -0.82
N THR A 35 -0.36 -1.24 -1.26
CA THR A 35 -1.59 -0.44 -1.24
C THR A 35 -1.72 0.40 -2.51
N VAL A 36 -2.75 0.14 -3.29
CA VAL A 36 -2.99 0.88 -4.52
C VAL A 36 -3.24 2.35 -4.24
N ALA A 37 -2.22 3.17 -4.49
CA ALA A 37 -2.34 4.61 -4.26
C ALA A 37 -3.01 5.30 -5.44
N ASP A 38 -2.61 4.91 -6.64
CA ASP A 38 -3.17 5.48 -7.86
C ASP A 38 -3.38 4.42 -8.93
N THR A 39 -4.55 4.44 -9.56
CA THR A 39 -4.87 3.47 -10.60
C THR A 39 -4.87 4.13 -11.98
N ASP A 40 -3.91 3.75 -12.81
CA ASP A 40 -3.79 4.30 -14.16
C ASP A 40 -4.63 3.48 -15.14
N ASP A 41 -4.54 3.84 -16.42
CA ASP A 41 -5.29 3.15 -17.47
C ASP A 41 -5.10 1.63 -17.35
N HIS A 42 -3.87 1.17 -17.51
CA HIS A 42 -3.58 -0.25 -17.42
C HIS A 42 -2.48 -0.52 -16.40
N ARG A 43 -2.40 0.36 -15.39
CA ARG A 43 -1.38 0.22 -14.34
C ARG A 43 -1.93 0.72 -13.01
N VAL A 44 -1.18 0.46 -11.94
CA VAL A 44 -1.59 0.88 -10.60
C VAL A 44 -0.37 1.06 -9.70
N LYS A 45 -0.18 2.29 -9.22
CA LYS A 45 0.95 2.59 -8.34
C LYS A 45 0.81 1.85 -7.01
N VAL A 46 1.70 0.88 -6.79
CA VAL A 46 1.69 0.10 -5.56
C VAL A 46 2.59 0.71 -4.51
N HIS A 47 2.02 1.05 -3.36
CA HIS A 47 2.77 1.65 -2.27
C HIS A 47 3.03 0.63 -1.17
N PHE A 48 4.32 0.35 -0.92
CA PHE A 48 4.70 -0.61 0.12
C PHE A 48 4.58 0.01 1.50
N ASP A 49 3.46 -0.28 2.17
CA ASP A 49 3.22 0.24 3.51
C ASP A 49 4.52 0.32 4.31
N GLY A 50 4.70 1.41 5.04
CA GLY A 50 5.90 1.58 5.84
C GLY A 50 7.05 2.16 5.03
N TRP A 51 7.57 1.37 4.09
CA TRP A 51 8.68 1.81 3.25
C TRP A 51 8.46 3.23 2.77
N ASN A 52 9.53 3.85 2.27
CA ASN A 52 9.46 5.21 1.77
C ASN A 52 8.71 5.27 0.44
N ASN A 53 8.37 6.48 0.00
CA ASN A 53 7.65 6.67 -1.25
C ASN A 53 8.60 6.56 -2.44
N CYS A 54 9.90 6.65 -2.17
CA CYS A 54 10.90 6.56 -3.22
C CYS A 54 11.05 5.13 -3.72
N TYR A 55 10.50 4.19 -2.97
CA TYR A 55 10.57 2.78 -3.34
C TYR A 55 9.39 2.40 -4.24
N ASP A 56 8.29 3.12 -4.10
CA ASP A 56 7.10 2.87 -4.90
C ASP A 56 7.43 2.90 -6.40
N TYR A 57 6.61 2.23 -7.19
CA TYR A 57 6.82 2.19 -8.63
C TYR A 57 5.51 1.86 -9.37
N TRP A 58 5.44 2.28 -10.62
CA TRP A 58 4.25 2.04 -11.43
C TRP A 58 4.24 0.61 -11.99
N ILE A 59 3.38 -0.23 -11.42
CA ILE A 59 3.28 -1.61 -11.85
C ILE A 59 1.98 -1.86 -12.60
N ASP A 60 2.02 -2.74 -13.60
CA ASP A 60 0.84 -3.06 -14.39
C ASP A 60 -0.13 -3.93 -13.60
N ALA A 61 -1.37 -3.49 -13.51
CA ALA A 61 -2.40 -4.22 -12.77
C ALA A 61 -2.58 -5.62 -13.34
N ASP A 62 -2.16 -5.81 -14.58
CA ASP A 62 -2.26 -7.11 -15.24
C ASP A 62 -0.97 -7.89 -15.13
N SER A 63 -0.01 -7.35 -14.38
CA SER A 63 1.28 -7.99 -14.20
C SER A 63 1.13 -9.31 -13.44
N PRO A 64 1.92 -10.31 -13.82
CA PRO A 64 1.89 -11.64 -13.20
C PRO A 64 2.46 -11.62 -11.79
N ASP A 65 3.36 -10.67 -11.52
CA ASP A 65 3.97 -10.54 -10.22
C ASP A 65 2.96 -10.07 -9.17
N ILE A 66 2.04 -9.21 -9.60
CA ILE A 66 1.01 -8.68 -8.70
C ILE A 66 0.14 -9.81 -8.17
N HIS A 67 0.15 -9.98 -6.85
CA HIS A 67 -0.65 -11.02 -6.20
C HIS A 67 -1.60 -10.42 -5.17
N PRO A 68 -2.82 -10.97 -5.11
CA PRO A 68 -3.85 -10.50 -4.17
C PRO A 68 -3.49 -10.82 -2.71
N VAL A 69 -4.09 -10.07 -1.79
CA VAL A 69 -3.85 -10.28 -0.37
C VAL A 69 -4.21 -11.69 0.06
N GLY A 70 -3.19 -12.52 0.27
CA GLY A 70 -3.42 -13.90 0.68
C GLY A 70 -2.83 -14.89 -0.29
N TRP A 71 -1.99 -14.40 -1.21
CA TRP A 71 -1.36 -15.26 -2.20
C TRP A 71 -0.31 -16.16 -1.56
N CYS A 72 0.07 -15.82 -0.33
CA CYS A 72 1.07 -16.60 0.41
C CYS A 72 0.56 -18.01 0.69
N SER A 73 -0.77 -18.17 0.67
CA SER A 73 -1.37 -19.48 0.94
C SER A 73 -1.35 -20.34 -0.32
N LYS A 74 -1.92 -19.83 -1.40
CA LYS A 74 -1.97 -20.56 -2.66
C LYS A 74 -0.70 -21.38 -2.86
N THR A 75 0.40 -20.70 -3.17
CA THR A 75 1.68 -21.37 -3.40
C THR A 75 2.28 -21.84 -2.07
N GLY A 76 1.99 -21.11 -1.00
CA GLY A 76 2.51 -21.48 0.30
C GLY A 76 3.84 -20.81 0.60
N HIS A 77 4.07 -19.66 -0.02
CA HIS A 77 5.32 -18.93 0.18
C HIS A 77 5.22 -18.02 1.40
N PRO A 78 6.34 -17.87 2.12
CA PRO A 78 6.41 -17.03 3.32
C PRO A 78 6.30 -15.55 3.00
N LEU A 79 5.40 -14.86 3.70
CA LEU A 79 5.21 -13.42 3.49
C LEU A 79 6.01 -12.61 4.51
N GLN A 80 6.35 -11.38 4.13
CA GLN A 80 7.11 -10.50 5.01
C GLN A 80 6.31 -9.25 5.35
N PRO A 81 6.15 -8.98 6.66
CA PRO A 81 5.41 -7.81 7.14
C PRO A 81 6.14 -6.51 6.86
N PRO A 82 5.39 -5.39 6.92
CA PRO A 82 5.95 -4.06 6.68
C PRO A 82 6.88 -3.60 7.79
N LEU A 83 7.36 -2.36 7.70
CA LEU A 83 8.25 -1.81 8.70
C LEU A 83 7.48 -1.34 9.93
N SER A 84 8.22 -0.87 10.93
CA SER A 84 7.60 -0.38 12.17
C SER A 84 6.77 0.87 11.90
N PRO A 85 5.79 1.12 12.79
CA PRO A 85 4.91 2.29 12.67
C PRO A 85 5.65 3.60 12.95
N LEU A 86 6.93 3.50 13.24
CA LEU A 86 7.75 4.68 13.54
C LEU A 86 8.35 5.25 12.26
N GLU A 87 8.33 4.45 11.19
CA GLU A 87 8.87 4.88 9.91
C GLU A 87 7.81 5.61 9.08
N LEU A 88 6.57 5.15 9.19
CA LEU A 88 5.46 5.76 8.46
C LEU A 88 4.78 6.84 9.29
N MET A 89 5.53 7.44 10.22
CA MET A 89 5.00 8.49 11.08
C MET A 89 5.06 9.84 10.38
N GLU A 90 4.33 10.81 10.92
CA GLU A 90 4.29 12.15 10.34
C GLU A 90 4.24 12.09 8.82
N ALA A 91 3.47 11.14 8.29
CA ALA A 91 3.33 10.98 6.85
C ALA A 91 2.02 11.59 6.35
N SER A 92 0.92 11.13 6.90
CA SER A 92 -0.40 11.63 6.50
C SER A 92 -0.85 12.75 7.43
N GLU A 93 -1.05 13.93 6.84
CA GLU A 93 -1.48 15.10 7.61
C GLU A 93 -2.98 15.04 7.89
N HIS A 94 -3.33 14.73 9.14
CA HIS A 94 -4.73 14.65 9.53
C HIS A 94 -4.99 15.44 10.81
N GLY A 95 -6.22 15.91 10.98
CA GLY A 95 -6.56 16.68 12.16
C GLY A 95 -6.66 15.81 13.41
N GLY A 96 -6.03 16.26 14.49
CA GLY A 96 -6.06 15.50 15.73
C GLY A 96 -6.86 16.20 16.81
N CYS A 97 -7.94 15.56 17.25
CA CYS A 97 -8.80 16.12 18.28
C CYS A 97 -8.21 15.88 19.67
N SER A 98 -8.54 16.76 20.61
CA SER A 98 -8.04 16.64 21.98
C SER A 98 -9.18 16.38 22.95
N THR A 99 -9.15 15.23 23.60
CA THR A 99 -10.18 14.86 24.56
C THR A 99 -9.65 14.95 26.00
N PRO A 100 -9.70 16.16 26.58
CA PRO A 100 -9.23 16.40 27.95
C PRO A 100 -10.14 15.76 28.98
N GLY A 101 -9.69 15.76 30.24
CA GLY A 101 -10.48 15.17 31.30
C GLY A 101 -10.38 15.97 32.59
N SER A 102 -11.37 15.80 33.47
CA SER A 102 -11.40 16.52 34.74
C SER A 102 -11.98 15.63 35.85
N GLY A 103 -12.08 16.19 37.04
CA GLY A 103 -12.62 15.44 38.17
C GLY A 103 -12.93 16.32 39.36
N PRO A 104 -14.00 15.97 40.09
CA PRO A 104 -14.43 16.73 41.27
C PRO A 104 -13.45 16.60 42.44
N SER A 105 -13.85 17.11 43.60
CA SER A 105 -13.01 17.05 44.79
C SER A 105 -13.79 16.52 45.98
N SER A 106 -13.06 16.08 47.01
CA SER A 106 -13.69 15.54 48.21
C SER A 106 -12.81 15.76 49.42
N GLY A 107 -13.35 15.45 50.61
CA GLY A 107 -12.59 15.63 51.83
C GLY A 107 -13.18 16.67 52.75
N GLY A 1 -11.39 14.04 -4.83
CA GLY A 1 -12.63 13.75 -5.51
C GLY A 1 -13.40 12.63 -4.83
N SER A 2 -14.60 12.33 -5.36
CA SER A 2 -15.43 11.29 -4.79
C SER A 2 -16.43 10.78 -5.83
N SER A 3 -16.72 9.48 -5.78
CA SER A 3 -17.66 8.87 -6.71
C SER A 3 -18.50 7.81 -6.02
N GLY A 4 -19.52 7.33 -6.72
CA GLY A 4 -20.40 6.31 -6.15
C GLY A 4 -20.17 4.95 -6.77
N SER A 5 -21.04 3.99 -6.44
CA SER A 5 -20.92 2.64 -6.96
C SER A 5 -21.56 2.53 -8.35
N SER A 6 -21.32 3.54 -9.18
CA SER A 6 -21.87 3.56 -10.53
C SER A 6 -21.12 4.57 -11.40
N GLY A 7 -21.36 4.50 -12.71
CA GLY A 7 -20.71 5.40 -13.64
C GLY A 7 -19.32 4.91 -14.04
N VAL A 8 -18.46 4.70 -13.05
CA VAL A 8 -17.11 4.24 -13.30
C VAL A 8 -17.06 2.72 -13.43
N LYS A 9 -16.21 2.24 -14.33
CA LYS A 9 -16.07 0.80 -14.55
C LYS A 9 -14.63 0.36 -14.32
N PRO A 10 -14.46 -0.87 -13.80
CA PRO A 10 -13.14 -1.44 -13.52
C PRO A 10 -12.37 -1.77 -14.80
N PRO A 11 -11.31 -1.00 -15.06
CA PRO A 11 -10.46 -1.19 -16.25
C PRO A 11 -9.64 -2.47 -16.17
N HIS A 12 -9.11 -2.77 -15.00
CA HIS A 12 -8.30 -3.96 -14.79
C HIS A 12 -8.84 -4.78 -13.62
N GLY A 13 -9.47 -4.10 -12.67
CA GLY A 13 -10.01 -4.79 -11.51
C GLY A 13 -9.50 -4.20 -10.20
N PHE A 14 -8.19 -4.05 -10.10
CA PHE A 14 -7.57 -3.50 -8.89
C PHE A 14 -8.29 -2.23 -8.46
N GLN A 15 -8.37 -2.03 -7.14
CA GLN A 15 -9.02 -0.84 -6.59
C GLN A 15 -8.04 0.03 -5.82
N LYS A 16 -8.52 1.14 -5.29
CA LYS A 16 -7.68 2.05 -4.53
C LYS A 16 -7.95 1.94 -3.03
N LYS A 17 -6.95 2.25 -2.22
CA LYS A 17 -7.09 2.18 -0.78
C LYS A 17 -7.27 0.74 -0.31
N MET A 18 -6.78 -0.21 -1.11
CA MET A 18 -6.89 -1.62 -0.79
C MET A 18 -5.50 -2.22 -0.52
N LYS A 19 -5.46 -3.53 -0.31
CA LYS A 19 -4.21 -4.23 -0.04
C LYS A 19 -3.91 -5.25 -1.13
N LEU A 20 -2.63 -5.40 -1.45
CA LEU A 20 -2.20 -6.34 -2.48
C LEU A 20 -0.74 -6.74 -2.30
N GLU A 21 -0.42 -7.96 -2.68
CA GLU A 21 0.95 -8.45 -2.55
C GLU A 21 1.75 -8.18 -3.83
N VAL A 22 3.02 -7.80 -3.66
CA VAL A 22 3.88 -7.51 -4.79
C VAL A 22 5.25 -8.15 -4.62
N VAL A 23 5.78 -8.70 -5.70
CA VAL A 23 7.09 -9.35 -5.66
C VAL A 23 8.21 -8.32 -5.77
N ASP A 24 9.05 -8.27 -4.74
CA ASP A 24 10.17 -7.34 -4.71
C ASP A 24 11.01 -7.45 -5.98
N LYS A 25 11.04 -6.38 -6.76
CA LYS A 25 11.80 -6.36 -8.01
C LYS A 25 13.21 -6.91 -7.78
N ARG A 26 13.96 -6.27 -6.89
CA ARG A 26 15.32 -6.70 -6.59
C ARG A 26 15.33 -8.10 -6.00
N ASN A 27 14.25 -8.47 -5.32
CA ASN A 27 14.13 -9.79 -4.70
C ASN A 27 12.85 -10.50 -5.16
N PRO A 28 12.97 -11.28 -6.25
CA PRO A 28 11.84 -12.02 -6.80
C PRO A 28 11.39 -13.17 -5.90
N MET A 29 12.14 -13.39 -4.82
CA MET A 29 11.81 -14.45 -3.88
C MET A 29 11.26 -13.88 -2.58
N PHE A 30 10.92 -12.59 -2.62
CA PHE A 30 10.36 -11.92 -1.44
C PHE A 30 9.19 -11.03 -1.82
N ILE A 31 8.06 -11.23 -1.16
CA ILE A 31 6.87 -10.44 -1.43
C ILE A 31 6.39 -9.71 -0.18
N ARG A 32 5.95 -8.47 -0.35
CA ARG A 32 5.46 -7.67 0.76
C ARG A 32 4.13 -7.02 0.43
N VAL A 33 3.34 -6.75 1.45
CA VAL A 33 2.03 -6.13 1.28
C VAL A 33 2.16 -4.74 0.64
N ALA A 34 1.18 -4.38 -0.17
CA ALA A 34 1.18 -3.08 -0.84
C ALA A 34 -0.17 -2.39 -0.68
N THR A 35 -0.24 -1.13 -1.12
CA THR A 35 -1.46 -0.36 -1.03
C THR A 35 -1.71 0.44 -2.30
N VAL A 36 -2.75 0.07 -3.05
CA VAL A 36 -3.08 0.75 -4.29
C VAL A 36 -3.45 2.21 -4.03
N ALA A 37 -2.52 3.10 -4.36
CA ALA A 37 -2.74 4.53 -4.17
C ALA A 37 -3.51 5.13 -5.35
N ASP A 38 -3.15 4.71 -6.56
CA ASP A 38 -3.81 5.21 -7.76
C ASP A 38 -3.84 4.13 -8.84
N THR A 39 -4.98 4.00 -9.50
CA THR A 39 -5.14 3.01 -10.57
C THR A 39 -5.22 3.67 -11.93
N ASP A 40 -4.21 3.43 -12.75
CA ASP A 40 -4.17 4.01 -14.10
C ASP A 40 -4.95 3.15 -15.08
N ASP A 41 -4.97 3.58 -16.34
CA ASP A 41 -5.68 2.85 -17.39
C ASP A 41 -5.45 1.34 -17.25
N HIS A 42 -4.18 0.94 -17.29
CA HIS A 42 -3.82 -0.46 -17.18
C HIS A 42 -2.68 -0.66 -16.18
N ARG A 43 -2.64 0.19 -15.16
CA ARG A 43 -1.59 0.12 -14.14
C ARG A 43 -2.14 0.55 -12.79
N VAL A 44 -1.34 0.33 -11.74
CA VAL A 44 -1.74 0.69 -10.39
C VAL A 44 -0.52 0.98 -9.52
N LYS A 45 -0.43 2.21 -9.02
CA LYS A 45 0.69 2.61 -8.17
C LYS A 45 0.65 1.87 -6.84
N VAL A 46 1.54 0.88 -6.70
CA VAL A 46 1.61 0.09 -5.47
C VAL A 46 2.55 0.74 -4.46
N HIS A 47 1.99 1.21 -3.36
CA HIS A 47 2.78 1.84 -2.31
C HIS A 47 3.03 0.89 -1.15
N PHE A 48 4.29 0.54 -0.93
CA PHE A 48 4.66 -0.37 0.15
C PHE A 48 4.59 0.32 1.50
N ASP A 49 3.57 -0.01 2.28
CA ASP A 49 3.38 0.57 3.59
C ASP A 49 4.71 0.64 4.35
N GLY A 50 5.03 1.83 4.86
CA GLY A 50 6.27 2.01 5.59
C GLY A 50 7.44 2.37 4.69
N TRP A 51 7.73 1.50 3.73
CA TRP A 51 8.83 1.73 2.80
C TRP A 51 8.78 3.15 2.24
N ASN A 52 9.92 3.82 2.23
CA ASN A 52 10.01 5.19 1.72
C ASN A 52 9.17 5.34 0.46
N ASN A 53 8.33 6.38 0.43
CA ASN A 53 7.48 6.64 -0.72
C ASN A 53 8.24 6.45 -2.03
N CYS A 54 9.46 6.97 -2.06
CA CYS A 54 10.30 6.86 -3.26
C CYS A 54 10.23 5.45 -3.83
N TYR A 55 10.27 4.45 -2.95
CA TYR A 55 10.22 3.06 -3.38
C TYR A 55 9.06 2.81 -4.33
N ASP A 56 7.87 3.25 -3.94
CA ASP A 56 6.68 3.09 -4.76
C ASP A 56 7.03 3.22 -6.24
N TYR A 57 6.25 2.55 -7.08
CA TYR A 57 6.47 2.59 -8.53
C TYR A 57 5.22 2.16 -9.28
N TRP A 58 5.08 2.64 -10.51
CA TRP A 58 3.94 2.30 -11.35
C TRP A 58 4.07 0.90 -11.92
N ILE A 59 3.30 -0.04 -11.37
CA ILE A 59 3.35 -1.43 -11.83
C ILE A 59 2.04 -1.80 -12.53
N ASP A 60 2.15 -2.62 -13.57
CA ASP A 60 0.98 -3.06 -14.33
C ASP A 60 0.09 -3.95 -13.47
N ALA A 61 -1.18 -3.59 -13.36
CA ALA A 61 -2.14 -4.35 -12.57
C ALA A 61 -2.25 -5.78 -13.08
N ASP A 62 -1.97 -5.97 -14.37
CA ASP A 62 -2.04 -7.29 -14.99
C ASP A 62 -0.69 -7.98 -14.94
N SER A 63 0.27 -7.36 -14.25
CA SER A 63 1.61 -7.92 -14.13
C SER A 63 1.57 -9.30 -13.48
N PRO A 64 2.39 -10.23 -14.00
CA PRO A 64 2.47 -11.59 -13.48
C PRO A 64 3.12 -11.66 -12.11
N ASP A 65 3.79 -10.57 -11.73
CA ASP A 65 4.46 -10.51 -10.44
C ASP A 65 3.49 -10.07 -9.34
N ILE A 66 2.53 -9.22 -9.71
CA ILE A 66 1.54 -8.72 -8.77
C ILE A 66 0.66 -9.84 -8.25
N HIS A 67 0.60 -9.99 -6.94
CA HIS A 67 -0.23 -11.03 -6.32
C HIS A 67 -1.16 -10.44 -5.27
N PRO A 68 -2.38 -10.98 -5.20
CA PRO A 68 -3.40 -10.51 -4.24
C PRO A 68 -3.05 -10.88 -2.81
N VAL A 69 -3.54 -10.08 -1.86
CA VAL A 69 -3.28 -10.33 -0.44
C VAL A 69 -3.53 -11.80 -0.09
N GLY A 70 -4.31 -12.48 -0.93
CA GLY A 70 -4.61 -13.88 -0.68
C GLY A 70 -3.76 -14.81 -1.51
N TRP A 71 -2.52 -14.40 -1.77
CA TRP A 71 -1.60 -15.20 -2.57
C TRP A 71 -0.71 -16.06 -1.68
N CYS A 72 -0.09 -15.43 -0.70
CA CYS A 72 0.80 -16.13 0.23
C CYS A 72 0.19 -17.47 0.64
N SER A 73 -1.10 -17.47 0.92
CA SER A 73 -1.80 -18.69 1.32
C SER A 73 -2.10 -19.57 0.11
N LYS A 74 -2.82 -19.02 -0.85
CA LYS A 74 -3.17 -19.77 -2.06
C LYS A 74 -2.03 -20.67 -2.49
N THR A 75 -0.85 -20.09 -2.68
CA THR A 75 0.33 -20.85 -3.09
C THR A 75 1.01 -21.50 -1.90
N GLY A 76 1.16 -20.73 -0.82
CA GLY A 76 1.80 -21.26 0.37
C GLY A 76 3.22 -20.73 0.55
N HIS A 77 3.48 -19.54 0.02
CA HIS A 77 4.79 -18.92 0.13
C HIS A 77 4.87 -18.01 1.35
N PRO A 78 6.06 -17.97 1.98
CA PRO A 78 6.29 -17.13 3.16
C PRO A 78 6.30 -15.65 2.84
N LEU A 79 5.42 -14.90 3.50
CA LEU A 79 5.33 -13.46 3.28
C LEU A 79 6.18 -12.70 4.29
N GLN A 80 6.65 -11.51 3.89
CA GLN A 80 7.48 -10.69 4.77
C GLN A 80 6.77 -9.39 5.12
N PRO A 81 6.80 -9.03 6.41
CA PRO A 81 6.16 -7.81 6.92
C PRO A 81 6.87 -6.54 6.43
N PRO A 82 6.11 -5.45 6.30
CA PRO A 82 6.64 -4.17 5.84
C PRO A 82 7.54 -3.51 6.88
N LEU A 83 8.03 -2.32 6.57
CA LEU A 83 8.91 -1.60 7.48
C LEU A 83 8.34 -1.57 8.89
N SER A 84 9.17 -1.21 9.86
CA SER A 84 8.74 -1.15 11.25
C SER A 84 7.76 0.00 11.47
N PRO A 85 6.94 -0.11 12.53
CA PRO A 85 5.94 0.91 12.87
C PRO A 85 6.59 2.20 13.39
N LEU A 86 7.90 2.17 13.55
CA LEU A 86 8.64 3.33 14.05
C LEU A 86 9.14 4.18 12.89
N GLU A 87 9.00 3.66 11.66
CA GLU A 87 9.44 4.37 10.48
C GLU A 87 8.33 5.26 9.93
N LEU A 88 7.13 4.68 9.79
CA LEU A 88 5.98 5.42 9.28
C LEU A 88 5.28 6.19 10.40
N MET A 89 6.07 6.67 11.36
CA MET A 89 5.52 7.42 12.49
C MET A 89 4.96 8.76 12.03
N GLU A 90 3.97 9.26 12.76
CA GLU A 90 3.35 10.53 12.42
C GLU A 90 3.17 10.67 10.92
N ALA A 91 2.91 9.54 10.25
CA ALA A 91 2.72 9.54 8.80
C ALA A 91 1.55 10.43 8.40
N SER A 92 1.60 10.95 7.18
CA SER A 92 0.55 11.83 6.68
C SER A 92 -0.48 11.03 5.88
N GLU A 93 -1.74 11.46 5.96
CA GLU A 93 -2.82 10.78 5.25
C GLU A 93 -4.10 11.60 5.32
N HIS A 94 -5.14 11.11 4.64
CA HIS A 94 -6.43 11.80 4.62
C HIS A 94 -7.22 11.49 5.88
N GLY A 95 -7.96 12.49 6.37
CA GLY A 95 -8.76 12.31 7.57
C GLY A 95 -8.00 12.68 8.83
N GLY A 96 -7.21 11.74 9.34
CA GLY A 96 -6.44 11.99 10.54
C GLY A 96 -7.26 11.75 11.81
N CYS A 97 -7.62 10.50 12.04
CA CYS A 97 -8.40 10.15 13.21
C CYS A 97 -7.55 10.22 14.48
N SER A 98 -8.18 10.62 15.58
CA SER A 98 -7.48 10.75 16.86
C SER A 98 -7.97 9.71 17.86
N THR A 99 -7.15 9.41 18.86
CA THR A 99 -7.49 8.42 19.87
C THR A 99 -7.73 9.09 21.22
N PRO A 100 -8.73 8.60 21.96
CA PRO A 100 -9.08 9.13 23.28
C PRO A 100 -8.01 8.81 24.33
N GLY A 101 -8.01 9.59 25.41
CA GLY A 101 -7.03 9.38 26.47
C GLY A 101 -5.93 10.42 26.46
N SER A 102 -5.26 10.57 27.60
CA SER A 102 -4.18 11.54 27.72
C SER A 102 -3.44 11.38 29.05
N GLY A 103 -2.22 10.86 28.98
CA GLY A 103 -1.43 10.65 30.17
C GLY A 103 -0.21 11.54 30.23
N PRO A 104 0.80 11.14 31.02
CA PRO A 104 2.04 11.89 31.18
C PRO A 104 2.90 11.87 29.92
N SER A 105 3.91 12.74 29.87
CA SER A 105 4.80 12.81 28.72
C SER A 105 6.25 12.66 29.15
N SER A 106 6.89 11.59 28.67
CA SER A 106 8.28 11.33 29.01
C SER A 106 9.22 12.15 28.14
N GLY A 107 10.40 12.46 28.67
CA GLY A 107 11.37 13.24 27.92
C GLY A 107 10.90 14.66 27.66
N GLY A 1 -17.22 17.91 -7.62
CA GLY A 1 -18.00 17.09 -6.71
C GLY A 1 -17.15 16.30 -5.75
N SER A 2 -17.78 15.70 -4.74
CA SER A 2 -17.07 14.92 -3.74
C SER A 2 -16.57 13.62 -4.32
N SER A 3 -15.69 12.93 -3.59
CA SER A 3 -15.14 11.66 -4.05
C SER A 3 -16.05 10.50 -3.66
N GLY A 4 -16.62 9.84 -4.67
CA GLY A 4 -17.51 8.72 -4.42
C GLY A 4 -18.29 8.32 -5.65
N SER A 5 -17.97 7.15 -6.20
CA SER A 5 -18.65 6.65 -7.39
C SER A 5 -19.51 5.43 -7.06
N SER A 6 -18.86 4.35 -6.62
CA SER A 6 -19.56 3.13 -6.28
C SER A 6 -20.60 2.78 -7.33
N GLY A 7 -20.17 2.72 -8.59
CA GLY A 7 -21.07 2.39 -9.67
C GLY A 7 -20.38 2.38 -11.02
N VAL A 8 -19.15 1.86 -11.04
CA VAL A 8 -18.38 1.78 -12.28
C VAL A 8 -17.68 0.44 -12.41
N LYS A 9 -17.42 0.03 -13.65
CA LYS A 9 -16.75 -1.24 -13.90
C LYS A 9 -15.23 -1.08 -13.83
N PRO A 10 -14.55 -2.11 -13.31
CA PRO A 10 -13.10 -2.11 -13.17
C PRO A 10 -12.38 -2.18 -14.51
N PRO A 11 -11.42 -1.27 -14.74
CA PRO A 11 -10.65 -1.23 -15.98
C PRO A 11 -9.70 -2.41 -16.12
N HIS A 12 -9.05 -2.77 -15.02
CA HIS A 12 -8.12 -3.89 -15.02
C HIS A 12 -8.47 -4.91 -13.94
N GLY A 13 -8.88 -4.41 -12.77
CA GLY A 13 -9.25 -5.28 -11.68
C GLY A 13 -8.56 -4.91 -10.38
N PHE A 14 -8.41 -3.62 -10.14
CA PHE A 14 -7.76 -3.13 -8.93
C PHE A 14 -8.51 -1.92 -8.37
N GLN A 15 -8.52 -1.81 -7.04
CA GLN A 15 -9.19 -0.71 -6.37
C GLN A 15 -8.22 0.09 -5.52
N LYS A 16 -8.61 1.31 -5.16
CA LYS A 16 -7.77 2.18 -4.34
C LYS A 16 -8.00 1.91 -2.86
N LYS A 17 -6.96 2.13 -2.07
CA LYS A 17 -7.05 1.92 -0.62
C LYS A 17 -7.19 0.44 -0.29
N MET A 18 -6.70 -0.41 -1.19
CA MET A 18 -6.77 -1.84 -0.99
C MET A 18 -5.39 -2.44 -0.74
N LYS A 19 -5.34 -3.72 -0.41
CA LYS A 19 -4.08 -4.40 -0.14
C LYS A 19 -3.81 -5.47 -1.20
N LEU A 20 -2.53 -5.71 -1.47
CA LEU A 20 -2.13 -6.70 -2.46
C LEU A 20 -0.65 -7.06 -2.31
N GLU A 21 -0.33 -8.33 -2.47
CA GLU A 21 1.04 -8.81 -2.36
C GLU A 21 1.81 -8.56 -3.66
N VAL A 22 2.84 -7.73 -3.58
CA VAL A 22 3.65 -7.41 -4.75
C VAL A 22 5.05 -8.01 -4.63
N VAL A 23 5.56 -8.55 -5.73
CA VAL A 23 6.88 -9.16 -5.75
C VAL A 23 7.96 -8.10 -5.91
N ASP A 24 8.78 -7.94 -4.88
CA ASP A 24 9.87 -6.96 -4.91
C ASP A 24 10.74 -7.15 -6.15
N LYS A 25 10.64 -6.21 -7.08
CA LYS A 25 11.42 -6.26 -8.31
C LYS A 25 12.85 -6.68 -8.03
N ARG A 26 13.54 -5.90 -7.20
CA ARG A 26 14.92 -6.19 -6.85
C ARG A 26 15.05 -7.58 -6.23
N ASN A 27 14.03 -7.97 -5.48
CA ASN A 27 14.03 -9.28 -4.82
C ASN A 27 12.75 -10.05 -5.16
N PRO A 28 12.82 -10.84 -6.23
CA PRO A 28 11.68 -11.65 -6.68
C PRO A 28 11.37 -12.80 -5.73
N MET A 29 12.32 -13.09 -4.85
CA MET A 29 12.15 -14.17 -3.88
C MET A 29 11.55 -13.65 -2.57
N PHE A 30 11.07 -12.42 -2.61
CA PHE A 30 10.48 -11.79 -1.43
C PHE A 30 9.18 -11.07 -1.78
N ILE A 31 8.16 -11.27 -0.95
CA ILE A 31 6.86 -10.65 -1.18
C ILE A 31 6.38 -9.92 0.07
N ARG A 32 5.72 -8.79 -0.13
CA ARG A 32 5.19 -8.01 0.99
C ARG A 32 3.82 -7.43 0.65
N VAL A 33 3.23 -6.72 1.61
CA VAL A 33 1.92 -6.11 1.41
C VAL A 33 2.04 -4.75 0.75
N ALA A 34 1.16 -4.48 -0.21
CA ALA A 34 1.18 -3.22 -0.93
C ALA A 34 -0.16 -2.50 -0.79
N THR A 35 -0.16 -1.20 -1.06
CA THR A 35 -1.37 -0.39 -0.95
C THR A 35 -1.59 0.44 -2.22
N VAL A 36 -2.57 0.03 -3.03
CA VAL A 36 -2.88 0.72 -4.26
C VAL A 36 -3.22 2.18 -4.00
N ALA A 37 -2.27 3.07 -4.31
CA ALA A 37 -2.47 4.50 -4.10
C ALA A 37 -3.21 5.12 -5.28
N ASP A 38 -2.74 4.84 -6.49
CA ASP A 38 -3.35 5.37 -7.70
C ASP A 38 -3.48 4.29 -8.77
N THR A 39 -4.65 4.22 -9.39
CA THR A 39 -4.91 3.24 -10.43
C THR A 39 -4.94 3.88 -11.81
N ASP A 40 -3.92 3.57 -12.61
CA ASP A 40 -3.83 4.13 -13.97
C ASP A 40 -4.82 3.43 -14.91
N ASP A 41 -4.74 3.78 -16.19
CA ASP A 41 -5.62 3.19 -17.19
C ASP A 41 -5.31 1.71 -17.39
N HIS A 42 -4.03 1.38 -17.37
CA HIS A 42 -3.60 0.00 -17.55
C HIS A 42 -2.57 -0.40 -16.49
N ARG A 43 -2.39 0.47 -15.50
CA ARG A 43 -1.45 0.22 -14.42
C ARG A 43 -1.99 0.70 -13.09
N VAL A 44 -1.28 0.39 -12.01
CA VAL A 44 -1.69 0.79 -10.67
C VAL A 44 -0.48 0.96 -9.74
N LYS A 45 -0.30 2.17 -9.23
CA LYS A 45 0.81 2.45 -8.34
C LYS A 45 0.68 1.66 -7.04
N VAL A 46 1.66 0.81 -6.77
CA VAL A 46 1.67 0.00 -5.56
C VAL A 46 2.63 0.55 -4.52
N HIS A 47 2.10 0.96 -3.37
CA HIS A 47 2.92 1.51 -2.30
C HIS A 47 3.07 0.50 -1.17
N PHE A 48 4.31 0.14 -0.88
CA PHE A 48 4.60 -0.81 0.18
C PHE A 48 4.47 -0.17 1.56
N ASP A 49 3.51 -0.63 2.34
CA ASP A 49 3.27 -0.10 3.68
C ASP A 49 4.58 -0.04 4.47
N GLY A 50 4.89 1.14 4.98
CA GLY A 50 6.11 1.31 5.76
C GLY A 50 7.27 1.79 4.91
N TRP A 51 7.45 1.18 3.75
CA TRP A 51 8.53 1.54 2.84
C TRP A 51 8.42 3.01 2.43
N ASN A 52 9.55 3.60 2.03
CA ASN A 52 9.58 4.99 1.61
C ASN A 52 8.85 5.17 0.28
N ASN A 53 8.08 6.25 0.18
CA ASN A 53 7.33 6.54 -1.04
C ASN A 53 8.18 6.28 -2.28
N CYS A 54 9.45 6.66 -2.20
CA CYS A 54 10.37 6.47 -3.32
C CYS A 54 10.24 5.06 -3.89
N TYR A 55 10.47 4.06 -3.05
CA TYR A 55 10.38 2.67 -3.47
C TYR A 55 9.22 2.46 -4.44
N ASP A 56 8.06 3.03 -4.09
CA ASP A 56 6.88 2.90 -4.93
C ASP A 56 7.25 2.94 -6.41
N TYR A 57 6.49 2.21 -7.21
CA TYR A 57 6.74 2.15 -8.66
C TYR A 57 5.48 1.77 -9.41
N TRP A 58 5.33 2.32 -10.61
CA TRP A 58 4.16 2.03 -11.44
C TRP A 58 4.23 0.63 -12.02
N ILE A 59 3.42 -0.28 -11.46
CA ILE A 59 3.39 -1.66 -11.91
C ILE A 59 2.11 -1.96 -12.69
N ASP A 60 2.24 -2.76 -13.74
CA ASP A 60 1.09 -3.12 -14.56
C ASP A 60 0.09 -3.96 -13.77
N ALA A 61 -1.18 -3.55 -13.82
CA ALA A 61 -2.24 -4.26 -13.11
C ALA A 61 -2.36 -5.69 -13.60
N ASP A 62 -1.99 -5.92 -14.85
CA ASP A 62 -2.06 -7.25 -15.44
C ASP A 62 -0.71 -7.94 -15.39
N SER A 63 0.14 -7.52 -14.45
CA SER A 63 1.47 -8.09 -14.30
C SER A 63 1.39 -9.42 -13.55
N PRO A 64 2.22 -10.38 -13.98
CA PRO A 64 2.28 -11.72 -13.36
C PRO A 64 2.88 -11.69 -11.97
N ASP A 65 3.67 -10.65 -11.69
CA ASP A 65 4.31 -10.50 -10.39
C ASP A 65 3.29 -10.06 -9.33
N ILE A 66 2.32 -9.26 -9.75
CA ILE A 66 1.29 -8.76 -8.85
C ILE A 66 0.44 -9.90 -8.30
N HIS A 67 0.38 -10.01 -6.99
CA HIS A 67 -0.41 -11.06 -6.34
C HIS A 67 -1.34 -10.47 -5.29
N PRO A 68 -2.54 -11.05 -5.16
CA PRO A 68 -3.54 -10.60 -4.20
C PRO A 68 -3.14 -10.92 -2.76
N VAL A 69 -3.73 -10.19 -1.82
CA VAL A 69 -3.43 -10.38 -0.40
C VAL A 69 -3.55 -11.86 -0.02
N GLY A 70 -4.34 -12.60 -0.79
CA GLY A 70 -4.52 -14.02 -0.51
C GLY A 70 -3.62 -14.88 -1.36
N TRP A 71 -2.39 -14.43 -1.57
CA TRP A 71 -1.42 -15.18 -2.37
C TRP A 71 -0.54 -16.05 -1.47
N CYS A 72 0.20 -15.40 -0.58
CA CYS A 72 1.09 -16.13 0.33
C CYS A 72 0.42 -17.39 0.86
N SER A 73 -0.91 -17.39 0.86
CA SER A 73 -1.68 -18.53 1.35
C SER A 73 -1.99 -19.50 0.20
N LYS A 74 -2.73 -19.02 -0.78
CA LYS A 74 -3.09 -19.83 -1.93
C LYS A 74 -1.89 -20.60 -2.48
N THR A 75 -0.71 -19.98 -2.37
CA THR A 75 0.52 -20.60 -2.85
C THR A 75 1.30 -21.22 -1.70
N GLY A 76 0.94 -20.83 -0.47
CA GLY A 76 1.63 -21.36 0.70
C GLY A 76 3.05 -20.85 0.82
N HIS A 77 3.31 -19.68 0.24
CA HIS A 77 4.63 -19.08 0.28
C HIS A 77 4.77 -18.15 1.48
N PRO A 78 6.00 -18.01 2.00
CA PRO A 78 6.29 -17.15 3.15
C PRO A 78 6.16 -15.67 2.81
N LEU A 79 5.62 -14.91 3.76
CA LEU A 79 5.44 -13.47 3.57
C LEU A 79 6.29 -12.68 4.56
N GLN A 80 6.61 -11.44 4.20
CA GLN A 80 7.41 -10.57 5.06
C GLN A 80 6.60 -9.37 5.52
N PRO A 81 6.64 -9.10 6.84
CA PRO A 81 5.91 -7.97 7.43
C PRO A 81 6.50 -6.62 7.04
N PRO A 82 5.65 -5.60 6.97
CA PRO A 82 6.07 -4.24 6.59
C PRO A 82 6.92 -3.58 7.68
N LEU A 83 7.10 -2.27 7.56
CA LEU A 83 7.89 -1.52 8.53
C LEU A 83 6.99 -0.83 9.56
N SER A 84 7.59 -0.35 10.64
CA SER A 84 6.84 0.33 11.69
C SER A 84 6.48 1.75 11.27
N PRO A 85 5.47 2.32 11.92
CA PRO A 85 5.00 3.68 11.64
C PRO A 85 6.00 4.74 12.08
N LEU A 86 7.11 4.30 12.63
CA LEU A 86 8.16 5.21 13.09
C LEU A 86 9.14 5.52 11.97
N GLU A 87 9.39 4.54 11.10
CA GLU A 87 10.30 4.73 9.99
C GLU A 87 9.81 5.82 9.05
N LEU A 88 8.58 5.65 8.54
CA LEU A 88 7.99 6.63 7.64
C LEU A 88 7.24 7.71 8.40
N MET A 89 7.67 7.95 9.65
CA MET A 89 7.05 8.97 10.49
C MET A 89 6.87 10.27 9.71
N GLU A 90 5.67 10.84 9.82
CA GLU A 90 5.36 12.09 9.12
C GLU A 90 5.79 13.29 9.96
N ALA A 91 5.92 14.44 9.31
CA ALA A 91 6.31 15.67 9.99
C ALA A 91 5.10 16.44 10.48
N SER A 92 4.09 16.56 9.62
CA SER A 92 2.87 17.28 9.97
C SER A 92 1.64 16.38 9.80
N GLU A 93 1.10 15.94 10.94
CA GLU A 93 -0.07 15.07 10.93
C GLU A 93 -1.34 15.88 10.70
N HIS A 94 -2.41 15.20 10.29
CA HIS A 94 -3.68 15.85 10.03
C HIS A 94 -4.83 15.05 10.62
N GLY A 95 -5.89 15.75 11.04
CA GLY A 95 -7.05 15.08 11.62
C GLY A 95 -7.90 14.38 10.57
N GLY A 96 -8.72 13.44 11.02
CA GLY A 96 -9.58 12.71 10.11
C GLY A 96 -10.69 11.97 10.82
N CYS A 97 -10.73 10.65 10.64
CA CYS A 97 -11.76 9.83 11.27
C CYS A 97 -11.53 9.74 12.78
N SER A 98 -12.62 9.84 13.53
CA SER A 98 -12.55 9.78 14.99
C SER A 98 -12.84 8.37 15.50
N THR A 99 -11.96 7.85 16.34
CA THR A 99 -12.12 6.51 16.90
C THR A 99 -12.02 5.45 15.81
N PRO A 100 -11.06 5.62 14.89
CA PRO A 100 -10.84 4.69 13.79
C PRO A 100 -10.30 3.34 14.26
N GLY A 101 -9.36 3.38 15.20
CA GLY A 101 -8.78 2.16 15.72
C GLY A 101 -7.30 2.29 16.03
N SER A 102 -7.00 2.86 17.19
CA SER A 102 -5.61 3.06 17.59
C SER A 102 -4.84 1.74 17.58
N GLY A 103 -5.41 0.72 18.21
CA GLY A 103 -4.76 -0.57 18.24
C GLY A 103 -4.86 -1.24 19.60
N PRO A 104 -5.99 -1.92 19.85
CA PRO A 104 -6.24 -2.61 21.12
C PRO A 104 -5.35 -3.83 21.30
N SER A 105 -4.59 -3.84 22.38
CA SER A 105 -3.68 -4.95 22.68
C SER A 105 -3.91 -5.48 24.09
N SER A 106 -3.50 -6.72 24.33
CA SER A 106 -3.65 -7.34 25.63
C SER A 106 -2.33 -7.94 26.12
N GLY A 107 -2.27 -8.25 27.41
CA GLY A 107 -1.06 -8.81 27.98
C GLY A 107 -0.82 -8.39 29.41
N GLY A 1 -15.38 -14.04 1.23
CA GLY A 1 -16.16 -13.56 0.10
C GLY A 1 -16.12 -12.05 -0.03
N SER A 2 -16.57 -11.54 -1.18
CA SER A 2 -16.57 -10.10 -1.41
C SER A 2 -17.83 -9.68 -2.16
N SER A 3 -18.13 -8.38 -2.13
CA SER A 3 -19.32 -7.86 -2.78
C SER A 3 -19.18 -7.95 -4.30
N GLY A 4 -20.28 -7.69 -5.01
CA GLY A 4 -20.26 -7.75 -6.46
C GLY A 4 -21.09 -6.66 -7.09
N SER A 5 -20.48 -5.90 -8.01
CA SER A 5 -21.18 -4.81 -8.68
C SER A 5 -21.47 -5.19 -10.13
N SER A 6 -22.46 -4.51 -10.72
CA SER A 6 -22.84 -4.77 -12.10
C SER A 6 -23.07 -3.45 -12.86
N GLY A 7 -23.03 -3.53 -14.19
CA GLY A 7 -23.22 -2.34 -15.00
C GLY A 7 -21.99 -1.96 -15.77
N VAL A 8 -20.96 -1.51 -15.06
CA VAL A 8 -19.71 -1.10 -15.69
C VAL A 8 -18.54 -1.94 -15.18
N LYS A 9 -17.64 -2.29 -16.08
CA LYS A 9 -16.47 -3.09 -15.73
C LYS A 9 -15.22 -2.23 -15.61
N PRO A 10 -14.35 -2.56 -14.66
CA PRO A 10 -13.10 -1.82 -14.43
C PRO A 10 -12.10 -2.01 -15.56
N PRO A 11 -11.03 -1.20 -15.55
CA PRO A 11 -9.97 -1.26 -16.56
C PRO A 11 -9.13 -2.52 -16.43
N HIS A 12 -8.74 -2.85 -15.21
CA HIS A 12 -7.92 -4.03 -14.96
C HIS A 12 -8.56 -4.91 -13.89
N GLY A 13 -9.08 -4.28 -12.84
CA GLY A 13 -9.71 -5.03 -11.77
C GLY A 13 -9.11 -4.72 -10.41
N PHE A 14 -8.59 -3.51 -10.26
CA PHE A 14 -7.98 -3.09 -9.01
C PHE A 14 -8.68 -1.85 -8.44
N GLN A 15 -8.35 -1.51 -7.20
CA GLN A 15 -8.95 -0.34 -6.54
C GLN A 15 -7.91 0.41 -5.73
N LYS A 16 -8.25 1.63 -5.34
CA LYS A 16 -7.35 2.46 -4.55
C LYS A 16 -7.61 2.30 -3.06
N LYS A 17 -6.60 2.59 -2.25
CA LYS A 17 -6.73 2.47 -0.80
C LYS A 17 -6.97 1.02 -0.39
N MET A 18 -6.49 0.09 -1.21
CA MET A 18 -6.65 -1.33 -0.93
C MET A 18 -5.30 -1.99 -0.65
N LYS A 19 -5.34 -3.25 -0.24
CA LYS A 19 -4.12 -4.00 0.06
C LYS A 19 -3.88 -5.09 -0.99
N LEU A 20 -2.61 -5.35 -1.27
CA LEU A 20 -2.25 -6.38 -2.24
C LEU A 20 -0.78 -6.76 -2.12
N GLU A 21 -0.49 -8.05 -2.27
CA GLU A 21 0.88 -8.54 -2.17
C GLU A 21 1.63 -8.33 -3.48
N VAL A 22 2.67 -7.51 -3.43
CA VAL A 22 3.47 -7.23 -4.61
C VAL A 22 4.85 -7.87 -4.50
N VAL A 23 5.33 -8.42 -5.62
CA VAL A 23 6.64 -9.07 -5.64
C VAL A 23 7.76 -8.04 -5.77
N ASP A 24 8.59 -7.95 -4.74
CA ASP A 24 9.71 -7.01 -4.74
C ASP A 24 10.56 -7.18 -5.98
N LYS A 25 10.60 -6.14 -6.82
CA LYS A 25 11.37 -6.16 -8.05
C LYS A 25 12.81 -6.59 -7.77
N ARG A 26 13.50 -5.84 -6.91
CA ARG A 26 14.87 -6.14 -6.56
C ARG A 26 15.01 -7.56 -6.02
N ASN A 27 13.95 -8.04 -5.36
CA ASN A 27 13.94 -9.38 -4.80
C ASN A 27 12.66 -10.13 -5.19
N PRO A 28 12.73 -10.88 -6.29
CA PRO A 28 11.59 -11.66 -6.78
C PRO A 28 11.26 -12.84 -5.88
N MET A 29 12.08 -13.05 -4.86
CA MET A 29 11.87 -14.14 -3.92
C MET A 29 11.28 -13.63 -2.61
N PHE A 30 10.84 -12.38 -2.62
CA PHE A 30 10.25 -11.78 -1.42
C PHE A 30 8.97 -11.02 -1.78
N ILE A 31 7.92 -11.26 -1.01
CA ILE A 31 6.64 -10.60 -1.24
C ILE A 31 6.12 -9.95 0.04
N ARG A 32 5.62 -8.73 -0.09
CA ARG A 32 5.09 -7.99 1.06
C ARG A 32 3.79 -7.28 0.70
N VAL A 33 3.06 -6.84 1.71
CA VAL A 33 1.79 -6.14 1.51
C VAL A 33 2.02 -4.79 0.82
N ALA A 34 1.09 -4.41 -0.05
CA ALA A 34 1.19 -3.15 -0.76
C ALA A 34 -0.10 -2.35 -0.65
N THR A 35 -0.07 -1.11 -1.13
CA THR A 35 -1.24 -0.24 -1.07
C THR A 35 -1.42 0.53 -2.37
N VAL A 36 -2.48 0.22 -3.10
CA VAL A 36 -2.76 0.88 -4.37
C VAL A 36 -3.12 2.35 -4.15
N ALA A 37 -2.17 3.23 -4.46
CA ALA A 37 -2.38 4.67 -4.30
C ALA A 37 -3.20 5.23 -5.46
N ASP A 38 -2.87 4.81 -6.67
CA ASP A 38 -3.58 5.27 -7.86
C ASP A 38 -3.60 4.19 -8.94
N THR A 39 -4.72 4.10 -9.65
CA THR A 39 -4.86 3.11 -10.72
C THR A 39 -4.93 3.78 -12.09
N ASP A 40 -3.93 3.49 -12.93
CA ASP A 40 -3.88 4.06 -14.26
C ASP A 40 -4.67 3.21 -15.25
N ASP A 41 -4.63 3.59 -16.51
CA ASP A 41 -5.34 2.86 -17.57
C ASP A 41 -5.14 1.36 -17.40
N HIS A 42 -3.89 0.92 -17.49
CA HIS A 42 -3.57 -0.50 -17.35
C HIS A 42 -2.46 -0.71 -16.32
N ARG A 43 -2.38 0.20 -15.36
CA ARG A 43 -1.36 0.12 -14.33
C ARG A 43 -1.91 0.55 -12.98
N VAL A 44 -1.14 0.33 -11.92
CA VAL A 44 -1.57 0.69 -10.57
C VAL A 44 -0.36 0.95 -9.66
N LYS A 45 -0.26 2.17 -9.16
CA LYS A 45 0.85 2.54 -8.28
C LYS A 45 0.75 1.78 -6.95
N VAL A 46 1.67 0.83 -6.74
CA VAL A 46 1.69 0.06 -5.52
C VAL A 46 2.74 0.59 -4.54
N HIS A 47 2.27 1.06 -3.39
CA HIS A 47 3.16 1.60 -2.38
C HIS A 47 3.32 0.63 -1.22
N PHE A 48 4.57 0.40 -0.80
CA PHE A 48 4.85 -0.51 0.30
C PHE A 48 4.78 0.21 1.63
N ASP A 49 4.06 -0.37 2.58
CA ASP A 49 3.91 0.21 3.91
C ASP A 49 5.13 -0.08 4.77
N GLY A 50 5.52 0.90 5.57
CA GLY A 50 6.68 0.74 6.43
C GLY A 50 7.99 1.02 5.71
N TRP A 51 8.01 0.76 4.40
CA TRP A 51 9.21 0.99 3.60
C TRP A 51 9.53 2.48 3.52
N ASN A 52 10.73 2.79 3.04
CA ASN A 52 11.17 4.19 2.92
C ASN A 52 10.57 4.82 1.67
N ASN A 53 11.01 6.05 1.37
CA ASN A 53 10.52 6.76 0.20
C ASN A 53 11.36 6.43 -1.03
N CYS A 54 10.92 6.92 -2.19
CA CYS A 54 11.63 6.66 -3.43
C CYS A 54 11.52 5.20 -3.83
N TYR A 55 10.38 4.58 -3.51
CA TYR A 55 10.16 3.17 -3.84
C TYR A 55 8.96 3.02 -4.76
N ASP A 56 7.84 3.65 -4.38
CA ASP A 56 6.62 3.58 -5.18
C ASP A 56 6.94 3.52 -6.67
N TYR A 57 6.34 2.55 -7.36
CA TYR A 57 6.56 2.37 -8.78
C TYR A 57 5.28 1.95 -9.49
N TRP A 58 5.14 2.35 -10.74
CA TRP A 58 3.95 2.01 -11.53
C TRP A 58 4.05 0.59 -12.07
N ILE A 59 3.30 -0.33 -11.47
CA ILE A 59 3.30 -1.71 -11.89
C ILE A 59 2.00 -2.07 -12.62
N ASP A 60 2.14 -2.79 -13.73
CA ASP A 60 0.98 -3.20 -14.52
C ASP A 60 0.03 -4.05 -13.68
N ALA A 61 -1.23 -3.62 -13.62
CA ALA A 61 -2.24 -4.36 -12.85
C ALA A 61 -2.43 -5.76 -13.39
N ASP A 62 -2.03 -5.97 -14.64
CA ASP A 62 -2.16 -7.27 -15.28
C ASP A 62 -0.86 -8.06 -15.18
N SER A 63 0.10 -7.51 -14.43
CA SER A 63 1.40 -8.17 -14.25
C SER A 63 1.25 -9.42 -13.41
N PRO A 64 1.93 -10.50 -13.84
CA PRO A 64 1.90 -11.79 -13.12
C PRO A 64 2.64 -11.73 -11.79
N ASP A 65 3.34 -10.63 -11.55
CA ASP A 65 4.10 -10.46 -10.32
C ASP A 65 3.18 -10.01 -9.19
N ILE A 66 2.14 -9.25 -9.54
CA ILE A 66 1.19 -8.77 -8.55
C ILE A 66 0.30 -9.89 -8.03
N HIS A 67 0.19 -9.98 -6.70
CA HIS A 67 -0.63 -11.01 -6.08
C HIS A 67 -1.59 -10.41 -5.07
N PRO A 68 -2.81 -10.97 -4.99
CA PRO A 68 -3.85 -10.50 -4.07
C PRO A 68 -3.51 -10.80 -2.61
N VAL A 69 -4.12 -10.05 -1.70
CA VAL A 69 -3.89 -10.24 -0.27
C VAL A 69 -4.26 -11.66 0.16
N GLY A 70 -3.24 -12.50 0.33
CA GLY A 70 -3.48 -13.87 0.74
C GLY A 70 -2.92 -14.88 -0.25
N TRP A 71 -2.05 -14.42 -1.13
CA TRP A 71 -1.44 -15.29 -2.13
C TRP A 71 -0.40 -16.20 -1.50
N CYS A 72 0.07 -15.84 -0.32
CA CYS A 72 1.07 -16.63 0.40
C CYS A 72 0.60 -18.07 0.56
N SER A 73 -0.68 -18.24 0.88
CA SER A 73 -1.26 -19.57 1.07
C SER A 73 -1.50 -20.25 -0.27
N LYS A 74 -2.15 -19.53 -1.18
CA LYS A 74 -2.45 -20.07 -2.50
C LYS A 74 -1.31 -20.95 -3.01
N THR A 75 -0.13 -20.36 -3.16
CA THR A 75 1.04 -21.08 -3.63
C THR A 75 1.73 -21.82 -2.49
N GLY A 76 1.89 -21.13 -1.36
CA GLY A 76 2.53 -21.73 -0.21
C GLY A 76 3.85 -21.07 0.13
N HIS A 77 3.96 -19.79 -0.20
CA HIS A 77 5.19 -19.03 0.08
C HIS A 77 5.01 -18.14 1.30
N PRO A 78 6.09 -18.00 2.09
CA PRO A 78 6.08 -17.19 3.31
C PRO A 78 5.99 -15.70 3.00
N LEU A 79 5.18 -14.98 3.76
CA LEU A 79 5.01 -13.54 3.57
C LEU A 79 5.80 -12.76 4.62
N GLN A 80 6.43 -11.68 4.20
CA GLN A 80 7.21 -10.84 5.11
C GLN A 80 6.42 -9.60 5.50
N PRO A 81 6.37 -9.32 6.82
CA PRO A 81 5.65 -8.16 7.35
C PRO A 81 6.34 -6.84 7.01
N PRO A 82 5.54 -5.77 6.88
CA PRO A 82 6.05 -4.43 6.55
C PRO A 82 6.86 -3.82 7.69
N LEU A 83 7.59 -2.76 7.38
CA LEU A 83 8.41 -2.08 8.38
C LEU A 83 7.56 -1.17 9.26
N SER A 84 8.13 -0.73 10.38
CA SER A 84 7.41 0.15 11.30
C SER A 84 7.07 1.48 10.63
N PRO A 85 6.06 2.17 11.18
CA PRO A 85 5.63 3.47 10.66
C PRO A 85 6.65 4.57 10.88
N LEU A 86 7.77 4.21 11.48
CA LEU A 86 8.84 5.17 11.75
C LEU A 86 10.00 5.00 10.77
N GLU A 87 10.32 3.75 10.45
CA GLU A 87 11.41 3.45 9.53
C GLU A 87 11.31 4.34 8.29
N LEU A 88 10.13 4.87 8.03
CA LEU A 88 9.91 5.73 6.87
C LEU A 88 9.81 7.19 7.30
N MET A 89 10.71 7.62 8.16
CA MET A 89 10.72 9.00 8.65
C MET A 89 12.04 9.68 8.34
N GLU A 90 12.02 11.01 8.23
CA GLU A 90 13.22 11.77 7.94
C GLU A 90 13.34 12.97 8.88
N ALA A 91 14.54 13.16 9.43
CA ALA A 91 14.78 14.27 10.34
C ALA A 91 13.98 15.51 9.94
N SER A 92 13.62 16.32 10.92
CA SER A 92 12.85 17.53 10.68
C SER A 92 13.72 18.77 10.82
N GLU A 93 14.42 18.87 11.94
CA GLU A 93 15.29 20.00 12.20
C GLU A 93 16.76 19.55 12.32
N HIS A 94 17.66 20.53 12.26
CA HIS A 94 19.09 20.23 12.36
C HIS A 94 19.78 21.19 13.34
N GLY A 95 20.34 20.62 14.41
CA GLY A 95 21.01 21.44 15.39
C GLY A 95 20.70 21.00 16.82
N GLY A 96 21.08 19.77 17.16
CA GLY A 96 20.82 19.25 18.49
C GLY A 96 21.76 19.84 19.52
N CYS A 97 23.00 19.34 19.54
CA CYS A 97 23.99 19.82 20.49
C CYS A 97 24.84 20.93 19.89
N SER A 98 25.39 21.80 20.74
CA SER A 98 26.21 22.90 20.28
C SER A 98 25.41 23.86 19.40
N THR A 99 24.25 24.28 19.91
CA THR A 99 23.39 25.19 19.17
C THR A 99 23.50 26.62 19.70
N PRO A 100 23.42 27.60 18.78
CA PRO A 100 23.50 29.02 19.14
C PRO A 100 22.28 29.50 19.91
N GLY A 101 22.49 30.48 20.78
CA GLY A 101 21.39 31.02 21.57
C GLY A 101 21.86 31.71 22.82
N SER A 102 21.35 32.91 23.07
CA SER A 102 21.73 33.69 24.25
C SER A 102 20.50 34.02 25.09
N GLY A 103 20.74 34.61 26.26
CA GLY A 103 19.65 34.99 27.14
C GLY A 103 18.97 36.26 26.72
N PRO A 104 17.75 36.49 27.23
CA PRO A 104 16.96 37.69 26.92
C PRO A 104 17.56 38.95 27.53
N SER A 105 17.05 40.10 27.12
CA SER A 105 17.54 41.39 27.62
C SER A 105 16.46 42.46 27.49
N SER A 106 16.77 43.66 27.99
CA SER A 106 15.83 44.77 27.93
C SER A 106 15.24 44.91 26.53
N GLY A 107 16.07 44.66 25.50
CA GLY A 107 15.61 44.76 24.14
C GLY A 107 15.56 43.42 23.45
N GLY A 1 -10.97 8.11 -16.75
CA GLY A 1 -11.88 7.86 -17.85
C GLY A 1 -12.92 8.96 -17.99
N SER A 2 -12.46 10.20 -18.01
CA SER A 2 -13.36 11.34 -18.14
C SER A 2 -13.82 11.51 -19.58
N SER A 3 -14.96 10.91 -19.90
CA SER A 3 -15.51 11.00 -21.26
C SER A 3 -17.02 10.79 -21.24
N GLY A 4 -17.71 11.37 -22.22
CA GLY A 4 -19.14 11.24 -22.31
C GLY A 4 -19.57 9.97 -23.03
N SER A 5 -19.42 8.83 -22.36
CA SER A 5 -19.78 7.55 -22.95
C SER A 5 -20.44 6.64 -21.91
N SER A 6 -21.11 5.61 -22.38
CA SER A 6 -21.80 4.67 -21.50
C SER A 6 -21.19 3.28 -21.61
N GLY A 7 -21.61 2.37 -20.74
CA GLY A 7 -21.10 1.02 -20.75
C GLY A 7 -19.59 0.97 -20.91
N VAL A 8 -18.87 1.17 -19.81
CA VAL A 8 -17.42 1.14 -19.82
C VAL A 8 -16.88 -0.16 -19.25
N LYS A 9 -15.72 -0.58 -19.75
CA LYS A 9 -15.09 -1.82 -19.28
C LYS A 9 -13.98 -1.52 -18.28
N PRO A 10 -13.85 -2.39 -17.27
CA PRO A 10 -12.83 -2.24 -16.23
C PRO A 10 -11.42 -2.49 -16.76
N PRO A 11 -10.48 -1.62 -16.36
CA PRO A 11 -9.08 -1.72 -16.79
C PRO A 11 -8.38 -2.92 -16.16
N HIS A 12 -8.67 -3.19 -14.89
CA HIS A 12 -8.07 -4.31 -14.18
C HIS A 12 -8.87 -4.66 -12.93
N GLY A 13 -8.35 -5.60 -12.15
CA GLY A 13 -9.03 -6.01 -10.94
C GLY A 13 -8.36 -5.47 -9.68
N PHE A 14 -8.22 -4.14 -9.62
CA PHE A 14 -7.59 -3.50 -8.46
C PHE A 14 -8.33 -2.22 -8.08
N GLN A 15 -8.37 -1.92 -6.79
CA GLN A 15 -9.04 -0.73 -6.29
C GLN A 15 -8.10 0.12 -5.46
N LYS A 16 -8.54 1.33 -5.13
CA LYS A 16 -7.72 2.25 -4.33
C LYS A 16 -7.97 2.04 -2.84
N LYS A 17 -6.94 2.27 -2.04
CA LYS A 17 -7.04 2.11 -0.59
C LYS A 17 -7.24 0.64 -0.22
N MET A 18 -6.63 -0.25 -1.00
CA MET A 18 -6.73 -1.68 -0.75
C MET A 18 -5.36 -2.30 -0.50
N LYS A 19 -5.34 -3.57 -0.15
CA LYS A 19 -4.09 -4.27 0.11
C LYS A 19 -3.81 -5.32 -0.98
N LEU A 20 -2.53 -5.54 -1.27
CA LEU A 20 -2.14 -6.51 -2.28
C LEU A 20 -0.65 -6.85 -2.17
N GLU A 21 -0.33 -8.12 -2.33
CA GLU A 21 1.06 -8.58 -2.25
C GLU A 21 1.78 -8.39 -3.58
N VAL A 22 2.89 -7.65 -3.54
CA VAL A 22 3.66 -7.40 -4.75
C VAL A 22 5.06 -8.00 -4.65
N VAL A 23 5.53 -8.59 -5.74
CA VAL A 23 6.85 -9.21 -5.77
C VAL A 23 7.95 -8.17 -5.92
N ASP A 24 8.83 -8.08 -4.94
CA ASP A 24 9.93 -7.13 -4.97
C ASP A 24 10.78 -7.31 -6.23
N LYS A 25 10.64 -6.38 -7.17
CA LYS A 25 11.40 -6.43 -8.41
C LYS A 25 12.85 -6.85 -8.16
N ARG A 26 13.54 -6.08 -7.34
CA ARG A 26 14.93 -6.36 -7.00
C ARG A 26 15.08 -7.78 -6.48
N ASN A 27 14.14 -8.20 -5.64
CA ASN A 27 14.17 -9.54 -5.06
C ASN A 27 12.85 -10.26 -5.29
N PRO A 28 12.81 -11.08 -6.36
CA PRO A 28 11.62 -11.85 -6.72
C PRO A 28 11.32 -12.97 -5.73
N MET A 29 12.20 -13.12 -4.74
CA MET A 29 12.04 -14.15 -3.72
C MET A 29 11.50 -13.56 -2.42
N PHE A 30 11.04 -12.31 -2.49
CA PHE A 30 10.50 -11.62 -1.33
C PHE A 30 9.22 -10.88 -1.69
N ILE A 31 8.13 -11.21 -0.98
CA ILE A 31 6.85 -10.57 -1.23
C ILE A 31 6.32 -9.89 0.04
N ARG A 32 5.77 -8.70 -0.13
CA ARG A 32 5.23 -7.94 1.01
C ARG A 32 3.90 -7.30 0.64
N VAL A 33 3.20 -6.79 1.65
CA VAL A 33 1.91 -6.15 1.44
C VAL A 33 2.08 -4.77 0.81
N ALA A 34 1.20 -4.43 -0.14
CA ALA A 34 1.26 -3.14 -0.82
C ALA A 34 -0.07 -2.39 -0.66
N THR A 35 -0.09 -1.16 -1.14
CA THR A 35 -1.28 -0.32 -1.06
C THR A 35 -1.51 0.46 -2.35
N VAL A 36 -2.56 0.11 -3.07
CA VAL A 36 -2.88 0.78 -4.33
C VAL A 36 -3.23 2.24 -4.09
N ALA A 37 -2.29 3.13 -4.42
CA ALA A 37 -2.49 4.57 -4.24
C ALA A 37 -3.34 5.14 -5.37
N ASP A 38 -3.00 4.76 -6.60
CA ASP A 38 -3.74 5.24 -7.77
C ASP A 38 -3.78 4.17 -8.86
N THR A 39 -4.93 4.03 -9.50
CA THR A 39 -5.11 3.05 -10.56
C THR A 39 -5.10 3.71 -11.93
N ASP A 40 -4.03 3.48 -12.69
CA ASP A 40 -3.92 4.05 -14.03
C ASP A 40 -4.77 3.29 -15.03
N ASP A 41 -4.75 3.74 -16.28
CA ASP A 41 -5.52 3.09 -17.33
C ASP A 41 -5.32 1.58 -17.30
N HIS A 42 -4.06 1.16 -17.42
CA HIS A 42 -3.74 -0.27 -17.41
C HIS A 42 -2.65 -0.57 -16.39
N ARG A 43 -2.45 0.36 -15.45
CA ARG A 43 -1.43 0.19 -14.42
C ARG A 43 -1.96 0.66 -13.07
N VAL A 44 -1.19 0.40 -12.01
CA VAL A 44 -1.58 0.79 -10.66
C VAL A 44 -0.36 1.05 -9.79
N LYS A 45 -0.36 2.19 -9.11
CA LYS A 45 0.75 2.56 -8.23
C LYS A 45 0.70 1.78 -6.94
N VAL A 46 1.62 0.83 -6.78
CA VAL A 46 1.67 0.01 -5.57
C VAL A 46 2.64 0.61 -4.55
N HIS A 47 2.09 1.05 -3.42
CA HIS A 47 2.90 1.65 -2.36
C HIS A 47 3.06 0.69 -1.20
N PHE A 48 4.31 0.41 -0.82
CA PHE A 48 4.60 -0.49 0.29
C PHE A 48 4.46 0.23 1.63
N ASP A 49 3.51 -0.24 2.44
CA ASP A 49 3.28 0.37 3.75
C ASP A 49 4.59 0.55 4.50
N GLY A 50 4.93 1.80 4.80
CA GLY A 50 6.16 2.09 5.52
C GLY A 50 7.27 2.55 4.60
N TRP A 51 7.38 1.90 3.44
CA TRP A 51 8.41 2.24 2.47
C TRP A 51 8.30 3.70 2.04
N ASN A 52 9.44 4.33 1.79
CA ASN A 52 9.46 5.73 1.36
C ASN A 52 8.72 5.91 0.04
N ASN A 53 8.08 7.06 -0.11
CA ASN A 53 7.34 7.36 -1.33
C ASN A 53 8.16 7.03 -2.57
N CYS A 54 9.45 7.30 -2.50
CA CYS A 54 10.35 7.03 -3.63
C CYS A 54 10.22 5.57 -4.07
N TYR A 55 10.31 4.66 -3.11
CA TYR A 55 10.22 3.23 -3.40
C TYR A 55 9.08 2.94 -4.38
N ASP A 56 7.88 3.39 -4.01
CA ASP A 56 6.71 3.19 -4.86
C ASP A 56 7.08 3.24 -6.34
N TYR A 57 6.37 2.48 -7.15
CA TYR A 57 6.62 2.44 -8.59
C TYR A 57 5.37 2.04 -9.35
N TRP A 58 5.23 2.56 -10.57
CA TRP A 58 4.08 2.25 -11.41
C TRP A 58 4.20 0.86 -12.00
N ILE A 59 3.42 -0.08 -11.47
CA ILE A 59 3.44 -1.46 -11.95
C ILE A 59 2.18 -1.78 -12.73
N ASP A 60 2.32 -2.58 -13.78
CA ASP A 60 1.18 -2.97 -14.61
C ASP A 60 0.29 -3.96 -13.87
N ALA A 61 -0.99 -3.60 -13.70
CA ALA A 61 -1.94 -4.45 -13.01
C ALA A 61 -1.98 -5.83 -13.64
N ASP A 62 -1.87 -5.89 -14.96
CA ASP A 62 -1.90 -7.17 -15.68
C ASP A 62 -0.60 -7.94 -15.46
N SER A 63 0.28 -7.37 -14.65
CA SER A 63 1.57 -8.02 -14.35
C SER A 63 1.36 -9.29 -13.54
N PRO A 64 2.04 -10.37 -13.94
CA PRO A 64 1.96 -11.67 -13.27
C PRO A 64 2.62 -11.65 -11.90
N ASP A 65 3.56 -10.72 -11.72
CA ASP A 65 4.26 -10.60 -10.44
C ASP A 65 3.32 -10.17 -9.33
N ILE A 66 2.34 -9.35 -9.68
CA ILE A 66 1.36 -8.87 -8.71
C ILE A 66 0.53 -10.02 -8.14
N HIS A 67 0.43 -10.07 -6.81
CA HIS A 67 -0.33 -11.12 -6.14
C HIS A 67 -1.32 -10.52 -5.14
N PRO A 68 -2.50 -11.13 -5.05
CA PRO A 68 -3.55 -10.66 -4.13
C PRO A 68 -3.20 -10.92 -2.67
N VAL A 69 -3.77 -10.11 -1.78
CA VAL A 69 -3.52 -10.25 -0.36
C VAL A 69 -3.60 -11.71 0.08
N GLY A 70 -4.42 -12.49 -0.62
CA GLY A 70 -4.57 -13.89 -0.30
C GLY A 70 -3.75 -14.79 -1.19
N TRP A 71 -2.49 -14.42 -1.40
CA TRP A 71 -1.59 -15.20 -2.25
C TRP A 71 -0.75 -16.15 -1.40
N CYS A 72 -0.08 -15.61 -0.40
CA CYS A 72 0.76 -16.42 0.49
C CYS A 72 0.15 -17.79 0.71
N SER A 73 -1.17 -17.82 0.88
CA SER A 73 -1.88 -19.07 1.11
C SER A 73 -1.93 -19.92 -0.16
N LYS A 74 -2.62 -19.39 -1.17
CA LYS A 74 -2.76 -20.10 -2.44
C LYS A 74 -1.49 -20.88 -2.77
N THR A 75 -0.40 -20.17 -3.01
CA THR A 75 0.88 -20.80 -3.33
C THR A 75 1.54 -21.39 -2.08
N GLY A 76 1.11 -20.90 -0.92
CA GLY A 76 1.65 -21.39 0.33
C GLY A 76 3.06 -20.88 0.59
N HIS A 77 3.33 -19.66 0.14
CA HIS A 77 4.64 -19.05 0.32
C HIS A 77 4.64 -18.10 1.51
N PRO A 78 5.81 -17.95 2.17
CA PRO A 78 5.97 -17.07 3.32
C PRO A 78 5.87 -15.60 2.95
N LEU A 79 5.37 -14.79 3.88
CA LEU A 79 5.22 -13.36 3.64
C LEU A 79 6.05 -12.55 4.64
N GLN A 80 6.51 -11.38 4.22
CA GLN A 80 7.32 -10.52 5.08
C GLN A 80 6.52 -9.29 5.52
N PRO A 81 6.56 -8.99 6.82
CA PRO A 81 5.85 -7.84 7.40
C PRO A 81 6.47 -6.52 6.97
N PRO A 82 5.63 -5.47 6.87
CA PRO A 82 6.08 -4.12 6.48
C PRO A 82 6.94 -3.47 7.56
N LEU A 83 7.43 -2.27 7.27
CA LEU A 83 8.25 -1.52 8.21
C LEU A 83 7.50 -1.26 9.51
N SER A 84 8.25 -1.08 10.60
CA SER A 84 7.65 -0.82 11.90
C SER A 84 6.55 0.24 11.79
N PRO A 85 5.63 0.24 12.77
CA PRO A 85 4.52 1.20 12.80
C PRO A 85 4.99 2.62 13.11
N LEU A 86 6.28 2.77 13.33
CA LEU A 86 6.86 4.08 13.64
C LEU A 86 7.65 4.61 12.45
N GLU A 87 8.23 3.70 11.68
CA GLU A 87 9.02 4.08 10.51
C GLU A 87 8.17 4.83 9.50
N LEU A 88 6.87 4.53 9.48
CA LEU A 88 5.94 5.18 8.57
C LEU A 88 5.79 6.66 8.89
N MET A 89 5.80 6.98 10.18
CA MET A 89 5.67 8.36 10.63
C MET A 89 6.77 9.23 10.03
N GLU A 90 8.00 8.73 10.08
CA GLU A 90 9.15 9.46 9.55
C GLU A 90 8.84 10.00 8.15
N ALA A 91 8.39 9.11 7.27
CA ALA A 91 8.07 9.50 5.90
C ALA A 91 6.73 10.23 5.85
N SER A 92 6.67 11.29 5.04
CA SER A 92 5.46 12.07 4.90
C SER A 92 5.52 12.96 3.65
N GLU A 93 4.39 13.07 2.96
CA GLU A 93 4.33 13.88 1.75
C GLU A 93 3.61 15.21 2.02
N HIS A 94 4.26 16.31 1.68
CA HIS A 94 3.68 17.63 1.88
C HIS A 94 2.91 17.69 3.20
N GLY A 95 3.43 17.02 4.22
CA GLY A 95 2.77 17.00 5.51
C GLY A 95 3.27 18.10 6.42
N GLY A 96 2.40 19.05 6.75
CA GLY A 96 2.77 20.14 7.62
C GLY A 96 1.59 21.02 7.99
N CYS A 97 0.53 20.40 8.50
CA CYS A 97 -0.66 21.14 8.89
C CYS A 97 -0.57 21.60 10.34
N SER A 98 -0.78 22.89 10.57
CA SER A 98 -0.71 23.46 11.91
C SER A 98 -2.06 24.01 12.34
N THR A 99 -2.95 23.12 12.76
CA THR A 99 -4.28 23.51 13.19
C THR A 99 -4.33 23.73 14.70
N PRO A 100 -5.18 24.67 15.14
CA PRO A 100 -5.34 24.99 16.56
C PRO A 100 -6.03 23.87 17.34
N GLY A 101 -5.22 22.94 17.86
CA GLY A 101 -5.77 21.83 18.61
C GLY A 101 -4.70 20.98 19.27
N SER A 102 -4.40 19.85 18.65
CA SER A 102 -3.39 18.94 19.18
C SER A 102 -2.03 19.20 18.53
N GLY A 103 -0.96 19.06 19.31
CA GLY A 103 0.37 19.28 18.78
C GLY A 103 1.41 19.40 19.88
N PRO A 104 1.57 20.63 20.41
CA PRO A 104 2.54 20.90 21.48
C PRO A 104 2.13 20.27 22.81
N SER A 105 0.89 19.83 22.90
CA SER A 105 0.38 19.19 24.10
C SER A 105 1.33 18.11 24.60
N SER A 106 1.27 17.82 25.89
CA SER A 106 2.12 16.81 26.49
C SER A 106 1.40 15.47 26.59
N GLY A 107 2.18 14.39 26.61
CA GLY A 107 1.59 13.06 26.69
C GLY A 107 1.52 12.36 25.35
N GLY A 1 -16.80 14.41 -1.98
CA GLY A 1 -17.19 13.17 -2.61
C GLY A 1 -18.40 13.33 -3.50
N SER A 2 -18.82 12.24 -4.14
CA SER A 2 -19.97 12.26 -5.04
C SER A 2 -20.79 10.99 -4.89
N SER A 3 -21.91 10.93 -5.62
CA SER A 3 -22.79 9.77 -5.56
C SER A 3 -22.06 8.52 -6.02
N GLY A 4 -22.68 7.36 -5.79
CA GLY A 4 -22.08 6.10 -6.18
C GLY A 4 -22.68 5.54 -7.46
N SER A 5 -22.24 6.08 -8.59
CA SER A 5 -22.74 5.64 -9.89
C SER A 5 -22.84 4.12 -9.94
N SER A 6 -24.04 3.63 -10.21
CA SER A 6 -24.28 2.19 -10.28
C SER A 6 -24.35 1.71 -11.73
N GLY A 7 -23.20 1.32 -12.28
CA GLY A 7 -23.15 0.86 -13.65
C GLY A 7 -21.81 1.15 -14.31
N VAL A 8 -20.73 0.85 -13.60
CA VAL A 8 -19.39 1.09 -14.12
C VAL A 8 -18.61 -0.23 -14.23
N LYS A 9 -17.44 -0.16 -14.86
CA LYS A 9 -16.60 -1.34 -15.03
C LYS A 9 -15.13 -1.00 -14.81
N PRO A 10 -14.38 -1.94 -14.22
CA PRO A 10 -12.96 -1.76 -13.95
C PRO A 10 -12.11 -1.76 -15.21
N PRO A 11 -11.09 -0.90 -15.25
CA PRO A 11 -10.19 -0.78 -16.40
C PRO A 11 -9.30 -2.00 -16.56
N HIS A 12 -8.80 -2.51 -15.43
CA HIS A 12 -7.92 -3.68 -15.45
C HIS A 12 -8.38 -4.71 -14.43
N GLY A 13 -8.76 -4.24 -13.25
CA GLY A 13 -9.22 -5.13 -12.20
C GLY A 13 -8.58 -4.82 -10.85
N PHE A 14 -8.35 -3.53 -10.59
CA PHE A 14 -7.75 -3.11 -9.34
C PHE A 14 -8.41 -1.85 -8.81
N GLN A 15 -8.34 -1.65 -7.50
CA GLN A 15 -8.94 -0.48 -6.88
C GLN A 15 -7.92 0.29 -6.04
N LYS A 16 -8.33 1.44 -5.50
CA LYS A 16 -7.44 2.25 -4.69
C LYS A 16 -7.76 2.08 -3.20
N LYS A 17 -6.78 2.36 -2.35
CA LYS A 17 -6.96 2.23 -0.91
C LYS A 17 -7.17 0.78 -0.52
N MET A 18 -6.67 -0.14 -1.33
CA MET A 18 -6.80 -1.57 -1.07
C MET A 18 -5.45 -2.20 -0.77
N LYS A 19 -5.46 -3.45 -0.36
CA LYS A 19 -4.23 -4.17 -0.05
C LYS A 19 -3.98 -5.29 -1.05
N LEU A 20 -2.71 -5.55 -1.35
CA LEU A 20 -2.34 -6.60 -2.30
C LEU A 20 -0.86 -6.94 -2.17
N GLU A 21 -0.56 -8.23 -2.28
CA GLU A 21 0.82 -8.70 -2.18
C GLU A 21 1.55 -8.51 -3.50
N VAL A 22 2.57 -7.66 -3.49
CA VAL A 22 3.36 -7.39 -4.69
C VAL A 22 4.75 -8.01 -4.58
N VAL A 23 5.29 -8.45 -5.72
CA VAL A 23 6.61 -9.06 -5.75
C VAL A 23 7.70 -8.00 -5.88
N ASP A 24 8.57 -7.93 -4.87
CA ASP A 24 9.66 -6.95 -4.88
C ASP A 24 10.44 -7.02 -6.19
N LYS A 25 10.72 -5.86 -6.77
CA LYS A 25 11.47 -5.78 -8.02
C LYS A 25 12.92 -6.19 -7.82
N ARG A 26 13.49 -5.77 -6.68
CA ARG A 26 14.88 -6.09 -6.37
C ARG A 26 15.05 -7.59 -6.15
N ASN A 27 14.06 -8.21 -5.50
CA ASN A 27 14.10 -9.64 -5.22
C ASN A 27 12.75 -10.28 -5.47
N PRO A 28 12.62 -11.01 -6.59
CA PRO A 28 11.38 -11.70 -6.95
C PRO A 28 11.06 -12.87 -6.03
N MET A 29 11.97 -13.14 -5.09
CA MET A 29 11.78 -14.24 -4.15
C MET A 29 11.21 -13.73 -2.83
N PHE A 30 10.82 -12.46 -2.82
CA PHE A 30 10.25 -11.85 -1.62
C PHE A 30 8.96 -11.11 -1.94
N ILE A 31 7.93 -11.34 -1.12
CA ILE A 31 6.65 -10.69 -1.32
C ILE A 31 6.16 -10.02 -0.05
N ARG A 32 5.56 -8.84 -0.18
CA ARG A 32 5.05 -8.11 0.97
C ARG A 32 3.72 -7.43 0.63
N VAL A 33 3.07 -6.87 1.65
CA VAL A 33 1.80 -6.18 1.46
C VAL A 33 1.99 -4.86 0.74
N ALA A 34 1.00 -4.50 -0.08
CA ALA A 34 1.05 -3.25 -0.83
C ALA A 34 -0.25 -2.47 -0.69
N THR A 35 -0.23 -1.22 -1.14
CA THR A 35 -1.41 -0.37 -1.06
C THR A 35 -1.57 0.47 -2.33
N VAL A 36 -2.55 0.11 -3.15
CA VAL A 36 -2.81 0.83 -4.39
C VAL A 36 -3.19 2.28 -4.13
N ALA A 37 -2.24 3.19 -4.33
CA ALA A 37 -2.48 4.61 -4.11
C ALA A 37 -3.25 5.22 -5.27
N ASP A 38 -2.81 4.93 -6.49
CA ASP A 38 -3.46 5.46 -7.69
C ASP A 38 -3.50 4.40 -8.79
N THR A 39 -4.57 4.42 -9.57
CA THR A 39 -4.73 3.46 -10.66
C THR A 39 -4.75 4.16 -12.02
N ASP A 40 -3.81 3.78 -12.89
CA ASP A 40 -3.72 4.37 -14.21
C ASP A 40 -4.51 3.56 -15.23
N ASP A 41 -4.42 3.95 -16.49
CA ASP A 41 -5.12 3.25 -17.57
C ASP A 41 -4.97 1.74 -17.43
N HIS A 42 -3.73 1.27 -17.55
CA HIS A 42 -3.44 -0.15 -17.43
C HIS A 42 -2.35 -0.42 -16.39
N ARG A 43 -2.31 0.42 -15.37
CA ARG A 43 -1.32 0.29 -14.31
C ARG A 43 -1.89 0.72 -12.96
N VAL A 44 -1.17 0.42 -11.89
CA VAL A 44 -1.61 0.77 -10.55
C VAL A 44 -0.42 0.99 -9.61
N LYS A 45 -0.29 2.20 -9.10
CA LYS A 45 0.80 2.54 -8.19
C LYS A 45 0.68 1.75 -6.89
N VAL A 46 1.60 0.80 -6.70
CA VAL A 46 1.59 -0.02 -5.49
C VAL A 46 2.62 0.49 -4.48
N HIS A 47 2.14 0.97 -3.34
CA HIS A 47 3.01 1.48 -2.29
C HIS A 47 3.19 0.46 -1.18
N PHE A 48 4.42 0.34 -0.68
CA PHE A 48 4.72 -0.60 0.38
C PHE A 48 4.64 0.07 1.75
N ASP A 49 3.55 -0.17 2.46
CA ASP A 49 3.35 0.42 3.79
C ASP A 49 4.62 0.30 4.63
N GLY A 50 5.11 1.44 5.11
CA GLY A 50 6.32 1.44 5.92
C GLY A 50 7.53 1.91 5.14
N TRP A 51 7.70 1.39 3.94
CA TRP A 51 8.83 1.76 3.09
C TRP A 51 8.66 3.18 2.56
N ASN A 52 9.78 3.88 2.42
CA ASN A 52 9.76 5.26 1.91
C ASN A 52 8.89 5.35 0.65
N ASN A 53 8.02 6.35 0.62
CA ASN A 53 7.14 6.57 -0.52
C ASN A 53 7.91 6.49 -1.83
N CYS A 54 9.16 6.94 -1.80
CA CYS A 54 10.01 6.94 -2.99
C CYS A 54 10.02 5.56 -3.63
N TYR A 55 10.20 4.52 -2.82
CA TYR A 55 10.24 3.16 -3.32
C TYR A 55 9.08 2.89 -4.28
N ASP A 56 7.90 3.41 -3.93
CA ASP A 56 6.71 3.24 -4.76
C ASP A 56 7.08 3.23 -6.24
N TYR A 57 6.37 2.42 -7.03
CA TYR A 57 6.63 2.32 -8.46
C TYR A 57 5.35 1.97 -9.21
N TRP A 58 5.31 2.33 -10.49
CA TRP A 58 4.15 2.04 -11.33
C TRP A 58 4.24 0.64 -11.93
N ILE A 59 3.44 -0.28 -11.39
CA ILE A 59 3.42 -1.65 -11.87
C ILE A 59 2.18 -1.94 -12.71
N ASP A 60 2.33 -2.75 -13.74
CA ASP A 60 1.22 -3.10 -14.61
C ASP A 60 0.19 -3.93 -13.86
N ALA A 61 -1.07 -3.47 -13.88
CA ALA A 61 -2.15 -4.17 -13.20
C ALA A 61 -2.32 -5.57 -13.77
N ASP A 62 -1.90 -5.76 -15.01
CA ASP A 62 -2.02 -7.06 -15.66
C ASP A 62 -0.73 -7.86 -15.51
N SER A 63 0.11 -7.46 -14.57
CA SER A 63 1.37 -8.13 -14.32
C SER A 63 1.17 -9.37 -13.45
N PRO A 64 1.85 -10.46 -13.82
CA PRO A 64 1.75 -11.73 -13.09
C PRO A 64 2.44 -11.67 -11.73
N ASP A 65 3.27 -10.65 -11.54
CA ASP A 65 3.97 -10.47 -10.27
C ASP A 65 3.03 -10.04 -9.16
N ILE A 66 2.00 -9.28 -9.54
CA ILE A 66 1.01 -8.80 -8.57
C ILE A 66 0.17 -9.96 -8.03
N HIS A 67 0.08 -10.04 -6.71
CA HIS A 67 -0.70 -11.09 -6.07
C HIS A 67 -1.67 -10.51 -5.05
N PRO A 68 -2.87 -11.11 -4.96
CA PRO A 68 -3.91 -10.66 -4.03
C PRO A 68 -3.56 -10.95 -2.58
N VAL A 69 -4.19 -10.22 -1.66
CA VAL A 69 -3.94 -10.40 -0.24
C VAL A 69 -4.26 -11.83 0.20
N GLY A 70 -3.23 -12.64 0.40
CA GLY A 70 -3.43 -14.01 0.82
C GLY A 70 -2.79 -15.01 -0.13
N TRP A 71 -2.04 -14.50 -1.10
CA TRP A 71 -1.37 -15.35 -2.07
C TRP A 71 -0.28 -16.19 -1.41
N CYS A 72 0.08 -15.82 -0.18
CA CYS A 72 1.11 -16.54 0.56
C CYS A 72 0.60 -17.92 0.99
N SER A 73 -0.72 -18.04 1.10
CA SER A 73 -1.33 -19.31 1.52
C SER A 73 -1.61 -20.19 0.30
N LYS A 74 -2.26 -19.62 -0.70
CA LYS A 74 -2.60 -20.35 -1.92
C LYS A 74 -1.45 -21.28 -2.33
N THR A 75 -0.32 -20.68 -2.70
CA THR A 75 0.85 -21.44 -3.10
C THR A 75 1.58 -22.03 -1.90
N GLY A 76 1.74 -21.21 -0.86
CA GLY A 76 2.42 -21.66 0.33
C GLY A 76 3.77 -20.98 0.53
N HIS A 77 3.89 -19.76 0.02
CA HIS A 77 5.14 -19.01 0.14
C HIS A 77 5.12 -18.10 1.36
N PRO A 78 6.29 -17.92 1.99
CA PRO A 78 6.43 -17.08 3.17
C PRO A 78 6.27 -15.60 2.85
N LEU A 79 5.57 -14.88 3.73
CA LEU A 79 5.34 -13.46 3.55
C LEU A 79 6.16 -12.64 4.54
N GLN A 80 6.71 -11.52 4.07
CA GLN A 80 7.51 -10.65 4.91
C GLN A 80 6.74 -9.39 5.28
N PRO A 81 6.67 -9.10 6.59
CA PRO A 81 5.96 -7.92 7.10
C PRO A 81 6.68 -6.62 6.76
N PRO A 82 5.92 -5.51 6.69
CA PRO A 82 6.47 -4.19 6.37
C PRO A 82 7.34 -3.64 7.48
N LEU A 83 7.67 -2.35 7.39
CA LEU A 83 8.50 -1.70 8.39
C LEU A 83 7.75 -1.54 9.71
N SER A 84 8.45 -1.05 10.72
CA SER A 84 7.84 -0.84 12.04
C SER A 84 6.71 0.18 11.96
N PRO A 85 5.80 0.14 12.94
CA PRO A 85 4.65 1.04 13.01
C PRO A 85 5.07 2.47 13.33
N LEU A 86 6.37 2.68 13.51
CA LEU A 86 6.89 4.01 13.83
C LEU A 86 7.59 4.61 12.61
N GLU A 87 8.00 3.75 11.69
CA GLU A 87 8.68 4.19 10.47
C GLU A 87 7.73 4.92 9.54
N LEU A 88 6.61 4.26 9.21
CA LEU A 88 5.62 4.84 8.31
C LEU A 88 5.27 6.26 8.75
N MET A 89 4.98 6.42 10.03
CA MET A 89 4.63 7.74 10.58
C MET A 89 5.85 8.62 10.71
N GLU A 90 5.65 9.92 10.69
CA GLU A 90 6.74 10.88 10.81
C GLU A 90 6.39 11.99 11.80
N ALA A 91 7.22 12.14 12.83
CA ALA A 91 7.00 13.16 13.85
C ALA A 91 7.08 14.57 13.24
N SER A 92 6.45 15.52 13.89
CA SER A 92 6.44 16.91 13.42
C SER A 92 6.91 17.86 14.51
N GLU A 93 6.33 17.71 15.71
CA GLU A 93 6.69 18.55 16.84
C GLU A 93 6.45 17.83 18.16
N HIS A 94 7.49 17.75 18.98
CA HIS A 94 7.39 17.08 20.27
C HIS A 94 6.08 17.42 20.96
N GLY A 95 5.71 16.61 21.95
CA GLY A 95 4.47 16.84 22.66
C GLY A 95 4.24 15.82 23.77
N GLY A 96 3.14 15.98 24.49
CA GLY A 96 2.83 15.06 25.58
C GLY A 96 2.95 15.71 26.94
N CYS A 97 1.85 16.26 27.43
CA CYS A 97 1.83 16.92 28.73
C CYS A 97 1.28 15.99 29.82
N SER A 98 2.18 15.49 30.67
CA SER A 98 1.79 14.58 31.74
C SER A 98 0.85 15.28 32.72
N THR A 99 0.01 14.50 33.39
CA THR A 99 -0.93 15.03 34.35
C THR A 99 -0.56 14.62 35.77
N PRO A 100 -0.95 15.45 36.75
CA PRO A 100 -0.67 15.18 38.17
C PRO A 100 -1.48 14.00 38.71
N GLY A 101 -1.34 13.75 40.01
CA GLY A 101 -2.07 12.66 40.63
C GLY A 101 -1.79 12.55 42.11
N SER A 102 -1.24 11.41 42.54
CA SER A 102 -0.94 11.19 43.94
C SER A 102 0.02 12.25 44.47
N GLY A 103 0.04 12.41 45.79
CA GLY A 103 0.92 13.40 46.40
C GLY A 103 1.86 12.79 47.43
N PRO A 104 2.34 13.62 48.34
CA PRO A 104 3.26 13.18 49.41
C PRO A 104 2.57 12.30 50.44
N SER A 105 3.23 11.21 50.81
CA SER A 105 2.68 10.28 51.79
C SER A 105 3.05 10.70 53.21
N SER A 106 4.34 10.77 53.48
CA SER A 106 4.84 11.15 54.80
C SER A 106 5.94 12.20 54.69
N GLY A 107 6.10 13.00 55.74
CA GLY A 107 7.11 14.04 55.73
C GLY A 107 6.54 15.42 55.45
N GLY A 1 -18.06 13.35 3.16
CA GLY A 1 -19.17 13.37 2.23
C GLY A 1 -19.09 12.23 1.23
N SER A 2 -19.42 11.02 1.68
CA SER A 2 -19.39 9.85 0.82
C SER A 2 -20.69 9.72 0.03
N SER A 3 -20.73 10.35 -1.14
CA SER A 3 -21.92 10.30 -1.99
C SER A 3 -21.93 9.04 -2.84
N GLY A 4 -20.89 8.86 -3.63
CA GLY A 4 -20.79 7.69 -4.49
C GLY A 4 -21.81 7.71 -5.61
N SER A 5 -21.74 8.72 -6.47
CA SER A 5 -22.67 8.84 -7.58
C SER A 5 -21.91 8.93 -8.91
N SER A 6 -21.52 7.77 -9.44
CA SER A 6 -20.79 7.72 -10.69
C SER A 6 -20.74 6.28 -11.23
N GLY A 7 -20.98 6.13 -12.52
CA GLY A 7 -20.96 4.81 -13.13
C GLY A 7 -19.71 4.58 -13.96
N VAL A 8 -18.75 3.87 -13.39
CA VAL A 8 -17.49 3.58 -14.08
C VAL A 8 -17.19 2.09 -14.06
N LYS A 9 -16.60 1.60 -15.15
CA LYS A 9 -16.25 0.18 -15.26
C LYS A 9 -14.79 -0.05 -14.92
N PRO A 10 -14.49 -1.25 -14.40
CA PRO A 10 -13.12 -1.62 -14.02
C PRO A 10 -12.21 -1.80 -15.23
N PRO A 11 -11.12 -1.01 -15.28
CA PRO A 11 -10.15 -1.07 -16.38
C PRO A 11 -9.34 -2.36 -16.37
N HIS A 12 -8.84 -2.74 -15.20
CA HIS A 12 -8.04 -3.95 -15.06
C HIS A 12 -8.63 -4.86 -13.98
N GLY A 13 -8.94 -4.28 -12.82
CA GLY A 13 -9.50 -5.06 -11.74
C GLY A 13 -8.86 -4.73 -10.39
N PHE A 14 -8.41 -3.49 -10.25
CA PHE A 14 -7.76 -3.05 -9.01
C PHE A 14 -8.41 -1.76 -8.50
N GLN A 15 -8.48 -1.64 -7.18
CA GLN A 15 -9.07 -0.45 -6.56
C GLN A 15 -8.02 0.31 -5.76
N LYS A 16 -8.36 1.55 -5.40
CA LYS A 16 -7.45 2.39 -4.62
C LYS A 16 -7.73 2.26 -3.13
N LYS A 17 -6.71 2.52 -2.31
CA LYS A 17 -6.85 2.45 -0.87
C LYS A 17 -7.04 1.00 -0.41
N MET A 18 -6.58 0.06 -1.23
CA MET A 18 -6.69 -1.35 -0.91
C MET A 18 -5.33 -1.98 -0.66
N LYS A 19 -5.31 -3.26 -0.33
CA LYS A 19 -4.07 -3.98 -0.07
C LYS A 19 -3.85 -5.07 -1.10
N LEU A 20 -2.59 -5.41 -1.34
CA LEU A 20 -2.24 -6.45 -2.31
C LEU A 20 -0.77 -6.86 -2.16
N GLU A 21 -0.52 -8.15 -2.29
CA GLU A 21 0.84 -8.67 -2.19
C GLU A 21 1.61 -8.48 -3.49
N VAL A 22 2.68 -7.70 -3.44
CA VAL A 22 3.50 -7.44 -4.61
C VAL A 22 4.89 -8.05 -4.46
N VAL A 23 5.41 -8.58 -5.57
CA VAL A 23 6.73 -9.19 -5.56
C VAL A 23 7.83 -8.15 -5.73
N ASP A 24 8.69 -8.04 -4.72
CA ASP A 24 9.79 -7.07 -4.74
C ASP A 24 10.65 -7.29 -5.98
N LYS A 25 10.77 -6.25 -6.80
CA LYS A 25 11.57 -6.31 -8.02
C LYS A 25 13.00 -6.76 -7.71
N ARG A 26 13.67 -6.01 -6.85
CA ARG A 26 15.04 -6.33 -6.47
C ARG A 26 15.15 -7.77 -5.98
N ASN A 27 14.11 -8.23 -5.29
CA ASN A 27 14.08 -9.58 -4.76
C ASN A 27 12.76 -10.27 -5.07
N PRO A 28 12.73 -11.04 -6.16
CA PRO A 28 11.53 -11.76 -6.59
C PRO A 28 11.17 -12.90 -5.65
N MET A 29 12.07 -13.22 -4.72
CA MET A 29 11.85 -14.28 -3.75
C MET A 29 11.27 -13.73 -2.45
N PHE A 30 10.81 -12.49 -2.50
CA PHE A 30 10.25 -11.84 -1.32
C PHE A 30 8.97 -11.09 -1.68
N ILE A 31 7.90 -11.35 -0.92
CA ILE A 31 6.62 -10.69 -1.17
C ILE A 31 6.12 -9.99 0.09
N ARG A 32 5.73 -8.73 -0.05
CA ARG A 32 5.23 -7.95 1.07
C ARG A 32 3.92 -7.27 0.72
N VAL A 33 3.25 -6.71 1.72
CA VAL A 33 1.97 -6.03 1.52
C VAL A 33 2.17 -4.72 0.76
N ALA A 34 1.15 -4.33 0.00
CA ALA A 34 1.21 -3.09 -0.77
C ALA A 34 -0.10 -2.33 -0.67
N THR A 35 -0.08 -1.07 -1.12
CA THR A 35 -1.26 -0.23 -1.07
C THR A 35 -1.45 0.52 -2.39
N VAL A 36 -2.51 0.19 -3.12
CA VAL A 36 -2.79 0.83 -4.39
C VAL A 36 -3.03 2.33 -4.21
N ALA A 37 -2.02 3.13 -4.56
CA ALA A 37 -2.12 4.57 -4.44
C ALA A 37 -2.96 5.17 -5.56
N ASP A 38 -2.58 4.88 -6.80
CA ASP A 38 -3.30 5.38 -7.97
C ASP A 38 -3.42 4.30 -9.04
N THR A 39 -4.61 4.17 -9.62
CA THR A 39 -4.85 3.17 -10.65
C THR A 39 -4.93 3.84 -12.03
N ASP A 40 -3.93 3.57 -12.85
CA ASP A 40 -3.88 4.13 -14.20
C ASP A 40 -4.70 3.29 -15.17
N ASP A 41 -4.70 3.68 -16.44
CA ASP A 41 -5.45 2.96 -17.47
C ASP A 41 -5.29 1.45 -17.29
N HIS A 42 -4.09 0.95 -17.52
CA HIS A 42 -3.82 -0.48 -17.38
C HIS A 42 -2.68 -0.71 -16.40
N ARG A 43 -2.58 0.14 -15.39
CA ARG A 43 -1.52 0.01 -14.38
C ARG A 43 -2.02 0.50 -13.02
N VAL A 44 -1.19 0.32 -12.00
CA VAL A 44 -1.54 0.73 -10.65
C VAL A 44 -0.29 0.95 -9.80
N LYS A 45 -0.14 2.17 -9.29
CA LYS A 45 1.01 2.51 -8.45
C LYS A 45 0.90 1.85 -7.08
N VAL A 46 1.67 0.79 -6.87
CA VAL A 46 1.66 0.08 -5.61
C VAL A 46 2.56 0.75 -4.58
N HIS A 47 1.98 1.17 -3.46
CA HIS A 47 2.73 1.84 -2.40
C HIS A 47 2.98 0.88 -1.24
N PHE A 48 4.26 0.64 -0.96
CA PHE A 48 4.64 -0.25 0.13
C PHE A 48 4.70 0.50 1.46
N ASP A 49 3.68 0.31 2.29
CA ASP A 49 3.60 0.96 3.58
C ASP A 49 4.83 0.63 4.43
N GLY A 50 5.51 1.66 4.92
CA GLY A 50 6.68 1.46 5.74
C GLY A 50 7.97 1.69 4.98
N TRP A 51 8.01 1.20 3.74
CA TRP A 51 9.19 1.35 2.90
C TRP A 51 9.68 2.80 2.90
N ASN A 52 10.85 3.04 2.31
CA ASN A 52 11.42 4.37 2.25
C ASN A 52 11.69 4.78 0.80
N ASN A 53 12.32 5.94 0.62
CA ASN A 53 12.64 6.43 -0.71
C ASN A 53 11.49 6.15 -1.68
N CYS A 54 10.26 6.37 -1.22
CA CYS A 54 9.09 6.15 -2.05
C CYS A 54 9.32 5.01 -3.03
N TYR A 55 10.06 4.00 -2.58
CA TYR A 55 10.36 2.84 -3.42
C TYR A 55 9.20 2.53 -4.37
N ASP A 56 7.98 2.77 -3.90
CA ASP A 56 6.79 2.53 -4.69
C ASP A 56 7.06 2.82 -6.17
N TYR A 57 6.34 2.12 -7.04
CA TYR A 57 6.51 2.31 -8.48
C TYR A 57 5.22 1.94 -9.22
N TRP A 58 5.16 2.31 -10.50
CA TRP A 58 3.98 2.02 -11.32
C TRP A 58 4.05 0.62 -11.90
N ILE A 59 3.25 -0.28 -11.35
CA ILE A 59 3.22 -1.67 -11.81
C ILE A 59 1.90 -1.98 -12.51
N ASP A 60 1.98 -2.79 -13.56
CA ASP A 60 0.79 -3.18 -14.32
C ASP A 60 -0.15 -4.03 -13.46
N ALA A 61 -1.42 -3.63 -13.39
CA ALA A 61 -2.40 -4.36 -12.61
C ALA A 61 -2.58 -5.79 -13.14
N ASP A 62 -2.27 -5.97 -14.41
CA ASP A 62 -2.40 -7.29 -15.04
C ASP A 62 -1.06 -8.03 -15.01
N SER A 63 -0.14 -7.53 -14.20
CA SER A 63 1.19 -8.14 -14.09
C SER A 63 1.12 -9.45 -13.32
N PRO A 64 1.89 -10.46 -13.77
CA PRO A 64 1.94 -11.77 -13.14
C PRO A 64 2.61 -11.73 -11.77
N ASP A 65 3.40 -10.70 -11.54
CA ASP A 65 4.10 -10.54 -10.26
C ASP A 65 3.15 -10.04 -9.18
N ILE A 66 2.13 -9.30 -9.58
CA ILE A 66 1.15 -8.77 -8.64
C ILE A 66 0.25 -9.87 -8.10
N HIS A 67 0.21 -9.99 -6.77
CA HIS A 67 -0.61 -11.00 -6.12
C HIS A 67 -1.55 -10.37 -5.10
N PRO A 68 -2.78 -10.90 -5.01
CA PRO A 68 -3.78 -10.40 -4.07
C PRO A 68 -3.44 -10.73 -2.62
N VAL A 69 -4.11 -10.05 -1.70
CA VAL A 69 -3.88 -10.26 -0.27
C VAL A 69 -4.26 -11.68 0.15
N GLY A 70 -3.27 -12.56 0.21
CA GLY A 70 -3.52 -13.94 0.60
C GLY A 70 -2.96 -14.93 -0.40
N TRP A 71 -2.03 -14.47 -1.23
CA TRP A 71 -1.42 -15.33 -2.23
C TRP A 71 -0.39 -16.27 -1.60
N CYS A 72 0.14 -15.86 -0.44
CA CYS A 72 1.13 -16.66 0.27
C CYS A 72 0.65 -18.09 0.44
N SER A 73 -0.62 -18.25 0.80
CA SER A 73 -1.20 -19.57 1.00
C SER A 73 -1.40 -20.29 -0.34
N LYS A 74 -2.05 -19.60 -1.27
CA LYS A 74 -2.31 -20.17 -2.60
C LYS A 74 -1.15 -21.06 -3.04
N THR A 75 0.01 -20.44 -3.26
CA THR A 75 1.20 -21.17 -3.68
C THR A 75 1.85 -21.89 -2.51
N GLY A 76 2.02 -21.19 -1.41
CA GLY A 76 2.63 -21.79 -0.22
C GLY A 76 3.95 -21.16 0.12
N HIS A 77 4.08 -19.86 -0.15
CA HIS A 77 5.30 -19.13 0.15
C HIS A 77 5.10 -18.18 1.33
N PRO A 78 6.19 -17.95 2.09
CA PRO A 78 6.15 -17.06 3.25
C PRO A 78 5.99 -15.59 2.86
N LEU A 79 5.31 -14.83 3.71
CA LEU A 79 5.08 -13.41 3.45
C LEU A 79 5.80 -12.55 4.48
N GLN A 80 6.25 -11.37 4.05
CA GLN A 80 6.94 -10.46 4.95
C GLN A 80 6.12 -9.20 5.19
N PRO A 81 5.97 -8.82 6.47
CA PRO A 81 5.21 -7.63 6.87
C PRO A 81 5.89 -6.33 6.45
N PRO A 82 5.09 -5.25 6.33
CA PRO A 82 5.61 -3.94 5.94
C PRO A 82 6.47 -3.30 7.03
N LEU A 83 7.29 -2.34 6.64
CA LEU A 83 8.16 -1.65 7.58
C LEU A 83 7.35 -0.86 8.60
N SER A 84 7.75 -0.96 9.87
CA SER A 84 7.05 -0.27 10.95
C SER A 84 7.20 1.24 10.80
N PRO A 85 6.32 1.99 11.48
CA PRO A 85 6.32 3.46 11.43
C PRO A 85 7.52 4.05 12.15
N LEU A 86 8.40 3.19 12.65
CA LEU A 86 9.60 3.62 13.35
C LEU A 86 10.79 3.70 12.40
N GLU A 87 10.79 2.86 11.38
CA GLU A 87 11.87 2.83 10.40
C GLU A 87 11.96 4.16 9.65
N LEU A 88 10.81 4.82 9.47
CA LEU A 88 10.76 6.09 8.78
C LEU A 88 10.84 7.25 9.76
N MET A 89 11.64 7.09 10.81
CA MET A 89 11.81 8.13 11.82
C MET A 89 12.97 9.04 11.46
N GLU A 90 12.65 10.18 10.85
CA GLU A 90 13.67 11.15 10.45
C GLU A 90 13.57 12.42 11.29
N ALA A 91 14.71 12.95 11.71
CA ALA A 91 14.74 14.16 12.50
C ALA A 91 14.18 15.35 11.74
N SER A 92 12.92 15.69 12.02
CA SER A 92 12.25 16.80 11.35
C SER A 92 11.15 17.38 12.22
N GLU A 93 11.32 18.64 12.61
CA GLU A 93 10.33 19.32 13.45
C GLU A 93 8.92 19.06 12.95
N HIS A 94 8.18 18.22 13.68
CA HIS A 94 6.82 17.90 13.31
C HIS A 94 5.81 18.71 14.13
N GLY A 95 4.54 18.62 13.76
CA GLY A 95 3.50 19.34 14.47
C GLY A 95 2.67 18.46 15.37
N GLY A 96 1.35 18.63 15.31
CA GLY A 96 0.46 17.82 16.13
C GLY A 96 0.95 17.69 17.55
N CYS A 97 1.29 18.82 18.16
CA CYS A 97 1.77 18.84 19.54
C CYS A 97 0.60 18.82 20.53
N SER A 98 0.32 17.64 21.08
CA SER A 98 -0.78 17.49 22.03
C SER A 98 -0.68 16.15 22.76
N THR A 99 -0.95 16.17 24.05
CA THR A 99 -0.90 14.96 24.87
C THR A 99 -1.77 15.09 26.11
N PRO A 100 -2.65 14.10 26.31
CA PRO A 100 -3.57 14.07 27.45
C PRO A 100 -2.84 13.83 28.77
N GLY A 101 -3.49 14.20 29.87
CA GLY A 101 -2.88 14.02 31.18
C GLY A 101 -3.92 13.87 32.28
N SER A 102 -3.99 12.69 32.87
CA SER A 102 -4.95 12.43 33.94
C SER A 102 -4.64 11.10 34.63
N GLY A 103 -5.34 10.84 35.74
CA GLY A 103 -5.12 9.61 36.47
C GLY A 103 -5.91 9.57 37.77
N PRO A 104 -7.10 8.97 37.74
CA PRO A 104 -7.97 8.84 38.90
C PRO A 104 -7.41 7.89 39.95
N SER A 105 -8.06 7.84 41.11
CA SER A 105 -7.62 6.97 42.20
C SER A 105 -8.81 6.26 42.84
N SER A 106 -8.53 5.41 43.83
CA SER A 106 -9.57 4.67 44.52
C SER A 106 -9.25 4.54 46.00
N GLY A 107 -10.29 4.50 46.84
CA GLY A 107 -10.10 4.38 48.27
C GLY A 107 -10.71 5.53 49.03
N GLY A 1 -13.50 8.95 1.92
CA GLY A 1 -13.16 9.68 0.71
C GLY A 1 -14.22 9.53 -0.37
N SER A 2 -15.08 10.53 -0.49
CA SER A 2 -16.15 10.50 -1.49
C SER A 2 -15.95 11.60 -2.53
N SER A 3 -15.35 11.23 -3.66
CA SER A 3 -15.09 12.18 -4.73
C SER A 3 -16.38 12.51 -5.48
N GLY A 4 -17.00 11.48 -6.05
CA GLY A 4 -18.23 11.69 -6.80
C GLY A 4 -18.26 10.89 -8.08
N SER A 5 -18.23 9.58 -7.97
CA SER A 5 -18.25 8.70 -9.15
C SER A 5 -19.57 7.92 -9.23
N SER A 6 -20.23 8.00 -10.38
CA SER A 6 -21.50 7.31 -10.58
C SER A 6 -21.51 6.60 -11.93
N GLY A 7 -22.06 5.39 -11.95
CA GLY A 7 -22.14 4.62 -13.18
C GLY A 7 -20.81 4.55 -13.89
N VAL A 8 -19.80 3.99 -13.22
CA VAL A 8 -18.48 3.85 -13.80
C VAL A 8 -17.96 2.43 -13.68
N LYS A 9 -17.22 1.99 -14.70
CA LYS A 9 -16.66 0.63 -14.71
C LYS A 9 -15.15 0.67 -14.56
N PRO A 10 -14.60 -0.32 -13.83
CA PRO A 10 -13.16 -0.44 -13.60
C PRO A 10 -12.39 -0.80 -14.86
N PRO A 11 -11.23 -0.15 -15.06
CA PRO A 11 -10.38 -0.40 -16.22
C PRO A 11 -9.72 -1.76 -16.19
N HIS A 12 -9.15 -2.11 -15.03
CA HIS A 12 -8.49 -3.39 -14.86
C HIS A 12 -9.17 -4.22 -13.77
N GLY A 13 -9.84 -3.53 -12.85
CA GLY A 13 -10.52 -4.22 -11.76
C GLY A 13 -10.00 -3.81 -10.40
N PHE A 14 -8.67 -3.74 -10.27
CA PHE A 14 -8.05 -3.37 -9.00
C PHE A 14 -8.71 -2.13 -8.42
N GLN A 15 -8.58 -1.94 -7.11
CA GLN A 15 -9.16 -0.80 -6.44
C GLN A 15 -8.12 -0.07 -5.59
N LYS A 16 -8.41 1.17 -5.22
CA LYS A 16 -7.51 1.98 -4.42
C LYS A 16 -7.79 1.79 -2.94
N LYS A 17 -6.84 2.20 -2.11
CA LYS A 17 -6.98 2.08 -0.65
C LYS A 17 -7.13 0.62 -0.25
N MET A 18 -6.60 -0.28 -1.06
CA MET A 18 -6.67 -1.71 -0.78
C MET A 18 -5.27 -2.28 -0.54
N LYS A 19 -5.21 -3.59 -0.30
CA LYS A 19 -3.95 -4.26 -0.06
C LYS A 19 -3.70 -5.34 -1.10
N LEU A 20 -2.43 -5.56 -1.44
CA LEU A 20 -2.06 -6.57 -2.42
C LEU A 20 -0.60 -6.97 -2.26
N GLU A 21 -0.32 -8.26 -2.41
CA GLU A 21 1.03 -8.78 -2.28
C GLU A 21 1.81 -8.57 -3.57
N VAL A 22 2.86 -7.76 -3.51
CA VAL A 22 3.69 -7.48 -4.68
C VAL A 22 5.06 -8.11 -4.53
N VAL A 23 5.64 -8.52 -5.66
CA VAL A 23 6.96 -9.15 -5.67
C VAL A 23 8.05 -8.10 -5.84
N ASP A 24 8.87 -7.94 -4.81
CA ASP A 24 9.97 -6.97 -4.85
C ASP A 24 10.84 -7.19 -6.08
N LYS A 25 10.74 -6.27 -7.04
CA LYS A 25 11.51 -6.36 -8.26
C LYS A 25 12.95 -6.78 -7.97
N ARG A 26 13.59 -6.07 -7.06
CA ARG A 26 14.97 -6.38 -6.68
C ARG A 26 15.07 -7.77 -6.06
N ASN A 27 13.99 -8.20 -5.43
CA ASN A 27 13.96 -9.51 -4.79
C ASN A 27 12.70 -10.28 -5.18
N PRO A 28 12.82 -11.07 -6.26
CA PRO A 28 11.71 -11.89 -6.77
C PRO A 28 11.35 -13.03 -5.84
N MET A 29 12.16 -13.22 -4.81
CA MET A 29 11.93 -14.29 -3.84
C MET A 29 11.39 -13.73 -2.53
N PHE A 30 10.95 -12.47 -2.56
CA PHE A 30 10.42 -11.82 -1.37
C PHE A 30 9.15 -11.03 -1.71
N ILE A 31 8.08 -11.29 -0.96
CA ILE A 31 6.82 -10.61 -1.19
C ILE A 31 6.36 -9.90 0.08
N ARG A 32 5.92 -8.65 -0.07
CA ARG A 32 5.45 -7.85 1.06
C ARG A 32 4.06 -7.28 0.78
N VAL A 33 3.56 -6.46 1.70
CA VAL A 33 2.25 -5.84 1.55
C VAL A 33 2.35 -4.53 0.78
N ALA A 34 1.34 -4.28 -0.06
CA ALA A 34 1.32 -3.06 -0.86
C ALA A 34 -0.04 -2.39 -0.77
N THR A 35 -0.10 -1.11 -1.14
CA THR A 35 -1.34 -0.35 -1.10
C THR A 35 -1.54 0.44 -2.39
N VAL A 36 -2.58 0.07 -3.13
CA VAL A 36 -2.89 0.75 -4.39
C VAL A 36 -3.16 2.24 -4.17
N ALA A 37 -2.17 3.06 -4.49
CA ALA A 37 -2.30 4.50 -4.33
C ALA A 37 -3.14 5.11 -5.44
N ASP A 38 -2.75 4.85 -6.69
CA ASP A 38 -3.47 5.36 -7.84
C ASP A 38 -3.56 4.31 -8.95
N THR A 39 -4.76 4.15 -9.50
CA THR A 39 -4.98 3.17 -10.56
C THR A 39 -5.06 3.85 -11.92
N ASP A 40 -4.03 3.64 -12.74
CA ASP A 40 -3.99 4.23 -14.07
C ASP A 40 -4.75 3.37 -15.08
N ASP A 41 -4.74 3.78 -16.34
CA ASP A 41 -5.43 3.05 -17.39
C ASP A 41 -5.31 1.54 -17.18
N HIS A 42 -4.13 1.00 -17.46
CA HIS A 42 -3.89 -0.42 -17.29
C HIS A 42 -2.74 -0.68 -16.32
N ARG A 43 -2.64 0.18 -15.30
CA ARG A 43 -1.60 0.06 -14.30
C ARG A 43 -2.08 0.57 -12.94
N VAL A 44 -1.38 0.17 -11.88
CA VAL A 44 -1.73 0.59 -10.53
C VAL A 44 -0.49 0.84 -9.68
N LYS A 45 -0.32 2.08 -9.24
CA LYS A 45 0.83 2.44 -8.42
C LYS A 45 0.77 1.74 -7.06
N VAL A 46 1.66 0.77 -6.87
CA VAL A 46 1.72 0.02 -5.62
C VAL A 46 2.64 0.69 -4.62
N HIS A 47 2.07 1.20 -3.54
CA HIS A 47 2.86 1.86 -2.50
C HIS A 47 3.09 0.94 -1.31
N PHE A 48 4.35 0.64 -1.03
CA PHE A 48 4.71 -0.24 0.07
C PHE A 48 4.76 0.54 1.39
N ASP A 49 3.82 0.24 2.28
CA ASP A 49 3.77 0.91 3.57
C ASP A 49 5.03 0.64 4.38
N GLY A 50 5.58 1.71 4.97
CA GLY A 50 6.78 1.58 5.76
C GLY A 50 8.03 1.96 4.99
N TRP A 51 8.09 1.56 3.73
CA TRP A 51 9.24 1.87 2.88
C TRP A 51 9.54 3.36 2.90
N ASN A 52 10.66 3.74 2.29
CA ASN A 52 11.07 5.14 2.24
C ASN A 52 11.31 5.58 0.80
N ASN A 53 11.78 6.81 0.63
CA ASN A 53 12.06 7.35 -0.69
C ASN A 53 11.00 6.91 -1.69
N CYS A 54 9.74 6.96 -1.26
CA CYS A 54 8.62 6.57 -2.12
C CYS A 54 9.03 5.44 -3.06
N TYR A 55 9.81 4.50 -2.54
CA TYR A 55 10.27 3.36 -3.34
C TYR A 55 9.18 2.89 -4.29
N ASP A 56 7.93 3.12 -3.91
CA ASP A 56 6.79 2.72 -4.73
C ASP A 56 7.08 2.95 -6.21
N TYR A 57 6.34 2.26 -7.07
CA TYR A 57 6.52 2.39 -8.51
C TYR A 57 5.24 2.02 -9.26
N TRP A 58 5.16 2.43 -10.52
CA TRP A 58 3.99 2.13 -11.33
C TRP A 58 4.08 0.73 -11.93
N ILE A 59 3.28 -0.19 -11.37
CA ILE A 59 3.27 -1.56 -11.85
C ILE A 59 1.96 -1.89 -12.55
N ASP A 60 2.04 -2.72 -13.59
CA ASP A 60 0.86 -3.12 -14.34
C ASP A 60 -0.04 -4.04 -13.52
N ALA A 61 -1.31 -3.67 -13.40
CA ALA A 61 -2.27 -4.46 -12.64
C ALA A 61 -2.36 -5.88 -13.19
N ASP A 62 -1.99 -6.05 -14.44
CA ASP A 62 -2.03 -7.36 -15.09
C ASP A 62 -0.70 -8.08 -14.94
N SER A 63 0.26 -7.40 -14.33
CA SER A 63 1.59 -7.98 -14.13
C SER A 63 1.50 -9.32 -13.41
N PRO A 64 2.28 -10.31 -13.88
CA PRO A 64 2.30 -11.65 -13.29
C PRO A 64 2.95 -11.67 -11.91
N ASP A 65 3.71 -10.62 -11.61
CA ASP A 65 4.38 -10.52 -10.32
C ASP A 65 3.41 -10.05 -9.23
N ILE A 66 2.38 -9.30 -9.65
CA ILE A 66 1.39 -8.78 -8.71
C ILE A 66 0.50 -9.91 -8.19
N HIS A 67 0.41 -10.01 -6.87
CA HIS A 67 -0.41 -11.04 -6.23
C HIS A 67 -1.35 -10.42 -5.19
N PRO A 68 -2.55 -11.00 -5.06
CA PRO A 68 -3.55 -10.53 -4.10
C PRO A 68 -3.15 -10.81 -2.66
N VAL A 69 -3.75 -10.06 -1.74
CA VAL A 69 -3.46 -10.24 -0.32
C VAL A 69 -3.57 -11.70 0.10
N GLY A 70 -4.45 -12.43 -0.58
CA GLY A 70 -4.65 -13.83 -0.27
C GLY A 70 -3.85 -14.74 -1.19
N TRP A 71 -2.62 -14.35 -1.50
CA TRP A 71 -1.77 -15.13 -2.37
C TRP A 71 -0.92 -16.11 -1.56
N CYS A 72 -0.23 -15.60 -0.55
CA CYS A 72 0.63 -16.43 0.29
C CYS A 72 0.00 -17.80 0.50
N SER A 73 -1.31 -17.83 0.67
CA SER A 73 -2.03 -19.09 0.88
C SER A 73 -2.00 -19.95 -0.38
N LYS A 74 -2.67 -19.47 -1.42
CA LYS A 74 -2.73 -20.18 -2.69
C LYS A 74 -1.44 -20.95 -2.94
N THR A 75 -0.37 -20.20 -3.23
CA THR A 75 0.93 -20.81 -3.49
C THR A 75 1.51 -21.43 -2.23
N GLY A 76 1.37 -20.73 -1.11
CA GLY A 76 1.90 -21.23 0.14
C GLY A 76 3.27 -20.68 0.46
N HIS A 77 3.54 -19.45 0.03
CA HIS A 77 4.82 -18.82 0.26
C HIS A 77 4.76 -17.89 1.47
N PRO A 78 5.87 -17.82 2.22
CA PRO A 78 5.95 -16.97 3.41
C PRO A 78 5.96 -15.48 3.08
N LEU A 79 5.02 -14.74 3.66
CA LEU A 79 4.92 -13.31 3.42
C LEU A 79 5.73 -12.53 4.44
N GLN A 80 6.30 -11.41 4.00
CA GLN A 80 7.10 -10.56 4.89
C GLN A 80 6.46 -9.20 5.07
N PRO A 81 6.40 -8.73 6.33
CA PRO A 81 5.82 -7.43 6.66
C PRO A 81 6.66 -6.26 6.16
N PRO A 82 6.09 -5.05 6.22
CA PRO A 82 6.78 -3.84 5.77
C PRO A 82 7.92 -3.44 6.70
N LEU A 83 8.79 -2.55 6.22
CA LEU A 83 9.93 -2.10 7.01
C LEU A 83 9.48 -1.60 8.38
N SER A 84 10.42 -1.51 9.31
CA SER A 84 10.13 -1.03 10.65
C SER A 84 9.46 0.34 10.62
N PRO A 85 8.58 0.59 11.61
CA PRO A 85 7.87 1.87 11.71
C PRO A 85 8.78 3.01 12.10
N LEU A 86 10.07 2.72 12.23
CA LEU A 86 11.06 3.73 12.61
C LEU A 86 11.84 4.21 11.38
N GLU A 87 11.94 3.34 10.38
CA GLU A 87 12.66 3.68 9.15
C GLU A 87 11.96 4.81 8.40
N LEU A 88 10.76 5.16 8.85
CA LEU A 88 9.98 6.21 8.22
C LEU A 88 9.48 7.22 9.25
N MET A 89 10.32 7.52 10.24
CA MET A 89 9.96 8.45 11.29
C MET A 89 10.61 9.81 11.05
N GLU A 90 10.72 10.19 9.79
CA GLU A 90 11.33 11.47 9.42
C GLU A 90 11.01 12.54 10.46
N ALA A 91 9.72 12.73 10.73
CA ALA A 91 9.29 13.72 11.70
C ALA A 91 8.37 13.10 12.75
N SER A 92 8.75 13.24 14.02
CA SER A 92 7.96 12.68 15.12
C SER A 92 6.61 13.39 15.24
N GLU A 93 5.54 12.61 15.28
CA GLU A 93 4.20 13.17 15.40
C GLU A 93 3.53 12.71 16.68
N HIS A 94 3.25 13.64 17.58
CA HIS A 94 2.61 13.34 18.85
C HIS A 94 1.50 14.33 19.15
N GLY A 95 0.27 13.83 19.29
CA GLY A 95 -0.86 14.70 19.59
C GLY A 95 -1.72 14.16 20.71
N GLY A 96 -2.41 15.05 21.40
CA GLY A 96 -3.27 14.64 22.50
C GLY A 96 -4.63 14.17 22.03
N CYS A 97 -5.52 13.90 22.97
CA CYS A 97 -6.87 13.45 22.65
C CYS A 97 -7.75 13.43 23.90
N SER A 98 -9.04 13.68 23.70
CA SER A 98 -10.00 13.70 24.81
C SER A 98 -10.44 12.28 25.16
N THR A 99 -10.00 11.79 26.31
CA THR A 99 -10.35 10.45 26.77
C THR A 99 -10.64 10.43 28.26
N PRO A 100 -11.76 9.81 28.64
CA PRO A 100 -12.18 9.70 30.04
C PRO A 100 -11.27 8.79 30.84
N GLY A 101 -10.76 9.29 31.97
CA GLY A 101 -9.88 8.49 32.81
C GLY A 101 -10.25 8.59 34.28
N SER A 102 -9.54 7.83 35.11
CA SER A 102 -9.79 7.83 36.54
C SER A 102 -8.49 7.93 37.33
N GLY A 103 -8.62 8.04 38.65
CA GLY A 103 -7.44 8.14 39.49
C GLY A 103 -7.74 7.84 40.95
N PRO A 104 -6.76 7.24 41.64
CA PRO A 104 -6.91 6.88 43.06
C PRO A 104 -6.94 8.11 43.97
N SER A 105 -6.03 9.04 43.72
CA SER A 105 -5.95 10.27 44.51
C SER A 105 -5.39 9.97 45.91
N SER A 106 -4.38 9.11 45.97
CA SER A 106 -3.77 8.73 47.23
C SER A 106 -3.02 9.92 47.84
N GLY A 107 -3.48 10.36 49.00
CA GLY A 107 -2.85 11.48 49.68
C GLY A 107 -2.54 12.63 48.72
N GLY A 1 -18.85 14.00 -2.12
CA GLY A 1 -19.36 12.64 -2.14
C GLY A 1 -20.82 12.58 -2.55
N SER A 2 -21.59 11.79 -1.81
CA SER A 2 -23.02 11.64 -2.10
C SER A 2 -23.23 10.90 -3.42
N SER A 3 -22.43 9.86 -3.64
CA SER A 3 -22.53 9.07 -4.86
C SER A 3 -23.26 7.75 -4.60
N GLY A 4 -23.63 7.06 -5.68
CA GLY A 4 -24.33 5.80 -5.55
C GLY A 4 -24.82 5.28 -6.89
N SER A 5 -23.91 5.10 -7.83
CA SER A 5 -24.26 4.61 -9.15
C SER A 5 -23.04 4.09 -9.89
N SER A 6 -23.27 3.31 -10.95
CA SER A 6 -22.18 2.76 -11.74
C SER A 6 -21.79 3.70 -12.87
N GLY A 7 -20.90 4.64 -12.57
CA GLY A 7 -20.45 5.60 -13.57
C GLY A 7 -19.15 5.19 -14.24
N VAL A 8 -18.13 4.92 -13.42
CA VAL A 8 -16.83 4.53 -13.93
C VAL A 8 -16.72 3.00 -14.01
N LYS A 9 -15.87 2.53 -14.93
CA LYS A 9 -15.67 1.10 -15.10
C LYS A 9 -14.21 0.72 -14.87
N PRO A 10 -13.99 -0.52 -14.42
CA PRO A 10 -12.64 -1.04 -14.15
C PRO A 10 -11.84 -1.25 -15.42
N PRO A 11 -10.81 -0.41 -15.62
CA PRO A 11 -9.94 -0.50 -16.79
C PRO A 11 -9.05 -1.73 -16.78
N HIS A 12 -8.50 -2.04 -15.60
CA HIS A 12 -7.64 -3.20 -15.45
C HIS A 12 -8.22 -4.20 -14.45
N GLY A 13 -8.88 -3.66 -13.42
CA GLY A 13 -9.47 -4.51 -12.40
C GLY A 13 -8.85 -4.31 -11.04
N PHE A 14 -8.55 -3.05 -10.71
CA PHE A 14 -7.94 -2.73 -9.42
C PHE A 14 -8.66 -1.54 -8.76
N GLN A 15 -8.62 -1.48 -7.45
CA GLN A 15 -9.26 -0.41 -6.70
C GLN A 15 -8.24 0.36 -5.87
N LYS A 16 -8.58 1.59 -5.52
CA LYS A 16 -7.70 2.43 -4.71
C LYS A 16 -7.98 2.25 -3.22
N LYS A 17 -6.94 2.42 -2.41
CA LYS A 17 -7.08 2.28 -0.96
C LYS A 17 -7.29 0.81 -0.57
N MET A 18 -6.78 -0.09 -1.40
CA MET A 18 -6.91 -1.52 -1.14
C MET A 18 -5.56 -2.13 -0.79
N LYS A 19 -5.55 -3.43 -0.49
CA LYS A 19 -4.33 -4.14 -0.15
C LYS A 19 -4.05 -5.26 -1.15
N LEU A 20 -2.77 -5.46 -1.45
CA LEU A 20 -2.37 -6.50 -2.40
C LEU A 20 -0.89 -6.84 -2.22
N GLU A 21 -0.57 -8.13 -2.36
CA GLU A 21 0.81 -8.58 -2.22
C GLU A 21 1.57 -8.44 -3.54
N VAL A 22 2.61 -7.62 -3.52
CA VAL A 22 3.42 -7.37 -4.70
C VAL A 22 4.79 -8.03 -4.58
N VAL A 23 5.30 -8.57 -5.68
CA VAL A 23 6.60 -9.21 -5.69
C VAL A 23 7.71 -8.21 -5.98
N ASP A 24 8.61 -8.03 -5.01
CA ASP A 24 9.72 -7.09 -5.17
C ASP A 24 10.51 -7.39 -6.43
N LYS A 25 10.55 -6.43 -7.35
CA LYS A 25 11.27 -6.61 -8.60
C LYS A 25 12.70 -7.07 -8.36
N ARG A 26 13.45 -6.27 -7.60
CA ARG A 26 14.83 -6.60 -7.28
C ARG A 26 14.93 -7.96 -6.60
N ASN A 27 13.90 -8.30 -5.82
CA ASN A 27 13.88 -9.56 -5.10
C ASN A 27 12.56 -10.31 -5.37
N PRO A 28 12.58 -11.19 -6.38
CA PRO A 28 11.40 -11.98 -6.76
C PRO A 28 11.06 -13.04 -5.72
N MET A 29 11.89 -13.14 -4.69
CA MET A 29 11.66 -14.11 -3.62
C MET A 29 11.22 -13.41 -2.34
N PHE A 30 10.78 -12.17 -2.48
CA PHE A 30 10.32 -11.40 -1.33
C PHE A 30 9.03 -10.67 -1.64
N ILE A 31 7.95 -11.09 -0.99
CA ILE A 31 6.64 -10.48 -1.20
C ILE A 31 6.18 -9.73 0.05
N ARG A 32 5.73 -8.50 -0.14
CA ARG A 32 5.27 -7.66 0.96
C ARG A 32 3.90 -7.06 0.64
N VAL A 33 3.24 -6.53 1.67
CA VAL A 33 1.93 -5.91 1.49
C VAL A 33 2.03 -4.60 0.72
N ALA A 34 1.07 -4.36 -0.15
CA ALA A 34 1.04 -3.15 -0.95
C ALA A 34 -0.30 -2.43 -0.82
N THR A 35 -0.33 -1.15 -1.22
CA THR A 35 -1.55 -0.37 -1.15
C THR A 35 -1.73 0.48 -2.41
N VAL A 36 -2.72 0.12 -3.22
CA VAL A 36 -2.99 0.84 -4.45
C VAL A 36 -3.31 2.30 -4.18
N ALA A 37 -2.33 3.17 -4.44
CA ALA A 37 -2.51 4.60 -4.21
C ALA A 37 -3.22 5.26 -5.39
N ASP A 38 -2.73 4.99 -6.60
CA ASP A 38 -3.32 5.55 -7.80
C ASP A 38 -3.39 4.51 -8.91
N THR A 39 -4.57 4.38 -9.52
CA THR A 39 -4.77 3.41 -10.60
C THR A 39 -4.70 4.09 -11.96
N ASP A 40 -3.63 3.81 -12.70
CA ASP A 40 -3.44 4.38 -14.02
C ASP A 40 -4.34 3.69 -15.05
N ASP A 41 -4.18 4.06 -16.32
CA ASP A 41 -4.97 3.47 -17.39
C ASP A 41 -4.95 1.95 -17.31
N HIS A 42 -3.75 1.37 -17.36
CA HIS A 42 -3.61 -0.08 -17.29
C HIS A 42 -2.65 -0.47 -16.17
N ARG A 43 -2.04 0.53 -15.53
CA ARG A 43 -1.11 0.28 -14.45
C ARG A 43 -1.67 0.79 -13.12
N VAL A 44 -1.04 0.40 -12.02
CA VAL A 44 -1.49 0.81 -10.69
C VAL A 44 -0.30 0.95 -9.74
N LYS A 45 -0.17 2.13 -9.14
CA LYS A 45 0.91 2.39 -8.21
C LYS A 45 0.74 1.57 -6.93
N VAL A 46 1.74 0.74 -6.63
CA VAL A 46 1.71 -0.09 -5.43
C VAL A 46 2.68 0.40 -4.38
N HIS A 47 2.15 0.85 -3.25
CA HIS A 47 2.98 1.35 -2.16
C HIS A 47 3.11 0.32 -1.04
N PHE A 48 4.34 0.07 -0.62
CA PHE A 48 4.60 -0.90 0.44
C PHE A 48 4.43 -0.27 1.81
N ASP A 49 3.34 -0.60 2.49
CA ASP A 49 3.06 -0.06 3.82
C ASP A 49 4.34 0.00 4.65
N GLY A 50 4.68 1.20 5.11
CA GLY A 50 5.87 1.38 5.91
C GLY A 50 7.05 1.85 5.10
N TRP A 51 7.48 1.01 4.16
CA TRP A 51 8.62 1.34 3.30
C TRP A 51 8.47 2.74 2.71
N ASN A 52 9.58 3.46 2.63
CA ASN A 52 9.57 4.82 2.09
C ASN A 52 8.77 4.88 0.80
N ASN A 53 8.16 6.03 0.54
CA ASN A 53 7.35 6.22 -0.66
C ASN A 53 8.19 5.97 -1.92
N CYS A 54 9.47 6.32 -1.85
CA CYS A 54 10.38 6.13 -2.97
C CYS A 54 10.30 4.71 -3.50
N TYR A 55 10.52 3.74 -2.62
CA TYR A 55 10.48 2.33 -3.00
C TYR A 55 9.35 2.06 -3.98
N ASP A 56 8.18 2.63 -3.70
CA ASP A 56 7.01 2.46 -4.57
C ASP A 56 7.41 2.55 -6.03
N TYR A 57 6.60 1.96 -6.90
CA TYR A 57 6.87 1.98 -8.34
C TYR A 57 5.60 1.65 -9.13
N TRP A 58 5.51 2.20 -10.33
CA TRP A 58 4.36 1.97 -11.19
C TRP A 58 4.41 0.57 -11.80
N ILE A 59 3.53 -0.31 -11.32
CA ILE A 59 3.47 -1.68 -11.82
C ILE A 59 2.18 -1.93 -12.58
N ASP A 60 2.26 -2.77 -13.61
CA ASP A 60 1.09 -3.10 -14.41
C ASP A 60 0.09 -3.94 -13.62
N ALA A 61 -1.16 -3.46 -13.56
CA ALA A 61 -2.20 -4.17 -12.83
C ALA A 61 -2.46 -5.54 -13.43
N ASP A 62 -1.93 -5.77 -14.63
CA ASP A 62 -2.10 -7.05 -15.30
C ASP A 62 -0.85 -7.90 -15.19
N SER A 63 0.15 -7.40 -14.46
CA SER A 63 1.40 -8.12 -14.27
C SER A 63 1.19 -9.38 -13.43
N PRO A 64 1.89 -10.45 -13.80
CA PRO A 64 1.80 -11.74 -13.09
C PRO A 64 2.42 -11.68 -11.70
N ASP A 65 3.40 -10.80 -11.53
CA ASP A 65 4.06 -10.65 -10.24
C ASP A 65 3.08 -10.20 -9.17
N ILE A 66 2.13 -9.35 -9.56
CA ILE A 66 1.13 -8.84 -8.63
C ILE A 66 0.25 -9.97 -8.10
N HIS A 67 0.22 -10.12 -6.78
CA HIS A 67 -0.59 -11.15 -6.15
C HIS A 67 -1.54 -10.55 -5.13
N PRO A 68 -2.76 -11.12 -5.05
CA PRO A 68 -3.79 -10.66 -4.13
C PRO A 68 -3.44 -10.96 -2.67
N VAL A 69 -4.04 -10.21 -1.75
CA VAL A 69 -3.80 -10.40 -0.33
C VAL A 69 -4.17 -11.82 0.11
N GLY A 70 -3.15 -12.66 0.31
CA GLY A 70 -3.39 -14.02 0.72
C GLY A 70 -2.75 -15.03 -0.20
N TRP A 71 -1.98 -14.54 -1.17
CA TRP A 71 -1.30 -15.40 -2.13
C TRP A 71 -0.22 -16.24 -1.45
N CYS A 72 0.15 -15.82 -0.24
CA CYS A 72 1.18 -16.54 0.52
C CYS A 72 0.74 -17.97 0.82
N SER A 73 -0.57 -18.16 0.96
CA SER A 73 -1.13 -19.48 1.26
C SER A 73 -1.30 -20.29 -0.02
N LYS A 74 -1.99 -19.72 -1.00
CA LYS A 74 -2.23 -20.40 -2.26
C LYS A 74 -1.03 -21.24 -2.67
N THR A 75 0.09 -20.58 -2.98
CA THR A 75 1.31 -21.26 -3.37
C THR A 75 1.99 -21.90 -2.18
N GLY A 76 2.04 -21.17 -1.06
CA GLY A 76 2.67 -21.69 0.13
C GLY A 76 3.99 -21.01 0.45
N HIS A 77 4.10 -19.75 0.06
CA HIS A 77 5.32 -18.98 0.29
C HIS A 77 5.16 -18.04 1.48
N PRO A 78 6.24 -17.85 2.24
CA PRO A 78 6.24 -16.97 3.42
C PRO A 78 6.13 -15.50 3.05
N LEU A 79 5.29 -14.77 3.78
CA LEU A 79 5.09 -13.35 3.52
C LEU A 79 5.90 -12.51 4.51
N GLN A 80 6.38 -11.36 4.03
CA GLN A 80 7.16 -10.45 4.87
C GLN A 80 6.37 -9.21 5.23
N PRO A 81 6.30 -8.91 6.54
CA PRO A 81 5.56 -7.75 7.04
C PRO A 81 6.24 -6.43 6.67
N PRO A 82 5.50 -5.33 6.80
CA PRO A 82 6.01 -3.98 6.49
C PRO A 82 7.06 -3.52 7.49
N LEU A 83 7.44 -2.24 7.39
CA LEU A 83 8.44 -1.67 8.29
C LEU A 83 7.95 -1.73 9.73
N SER A 84 8.77 -1.21 10.64
CA SER A 84 8.43 -1.20 12.07
C SER A 84 7.61 0.03 12.42
N PRO A 85 6.83 -0.07 13.51
CA PRO A 85 5.99 1.03 13.98
C PRO A 85 6.80 2.18 14.55
N LEU A 86 8.12 2.02 14.57
CA LEU A 86 9.01 3.05 15.09
C LEU A 86 10.01 3.50 14.02
N GLU A 87 9.96 2.85 12.86
CA GLU A 87 10.86 3.18 11.76
C GLU A 87 10.09 3.84 10.63
N LEU A 88 8.88 3.37 10.38
CA LEU A 88 8.04 3.91 9.32
C LEU A 88 7.61 5.34 9.65
N MET A 89 7.73 5.71 10.91
CA MET A 89 7.35 7.05 11.35
C MET A 89 7.83 8.11 10.35
N GLU A 90 7.03 9.16 10.19
CA GLU A 90 7.38 10.23 9.27
C GLU A 90 6.78 11.55 9.74
N ALA A 91 7.50 12.64 9.49
CA ALA A 91 7.06 13.97 9.88
C ALA A 91 6.30 13.93 11.21
N SER A 92 6.81 13.13 12.14
CA SER A 92 6.18 12.99 13.45
C SER A 92 6.87 13.88 14.47
N GLU A 93 6.07 14.69 15.17
CA GLU A 93 6.60 15.59 16.18
C GLU A 93 5.49 16.07 17.12
N HIS A 94 5.56 15.62 18.37
CA HIS A 94 4.56 16.01 19.36
C HIS A 94 5.03 17.22 20.16
N GLY A 95 4.08 18.07 20.56
CA GLY A 95 4.42 19.24 21.34
C GLY A 95 5.20 20.26 20.52
N GLY A 96 4.49 21.23 19.95
CA GLY A 96 5.14 22.26 19.15
C GLY A 96 5.51 23.48 19.96
N CYS A 97 4.51 24.09 20.60
CA CYS A 97 4.74 25.28 21.41
C CYS A 97 5.81 25.02 22.47
N SER A 98 6.44 26.09 22.93
CA SER A 98 7.50 25.98 23.94
C SER A 98 6.93 26.17 25.34
N THR A 99 7.72 25.83 26.34
CA THR A 99 7.30 25.97 27.74
C THR A 99 7.03 27.42 28.09
N PRO A 100 5.83 27.70 28.61
CA PRO A 100 5.42 29.05 29.01
C PRO A 100 6.18 29.54 30.24
N GLY A 101 7.06 28.71 30.75
CA GLY A 101 7.84 29.08 31.92
C GLY A 101 8.97 30.04 31.59
N SER A 102 10.04 29.99 32.37
CA SER A 102 11.19 30.87 32.17
C SER A 102 12.44 30.05 31.84
N GLY A 103 13.41 30.71 31.22
CA GLY A 103 14.64 30.04 30.85
C GLY A 103 15.78 31.00 30.59
N PRO A 104 17.02 30.57 30.85
CA PRO A 104 18.22 31.38 30.64
C PRO A 104 18.50 31.62 29.16
N SER A 105 18.59 32.89 28.77
CA SER A 105 18.86 33.26 27.39
C SER A 105 19.33 34.70 27.29
N SER A 106 19.76 35.10 26.09
CA SER A 106 20.24 36.45 25.87
C SER A 106 21.58 36.68 26.57
N GLY A 107 22.47 35.69 26.48
CA GLY A 107 23.77 35.80 27.11
C GLY A 107 24.89 35.34 26.20
N GLY A 1 -27.09 -1.38 -4.93
CA GLY A 1 -25.96 -0.59 -5.35
C GLY A 1 -26.29 0.34 -6.50
N SER A 2 -26.21 1.65 -6.24
CA SER A 2 -26.52 2.65 -7.26
C SER A 2 -25.53 2.55 -8.43
N SER A 3 -26.03 2.78 -9.63
CA SER A 3 -25.20 2.72 -10.83
C SER A 3 -25.80 3.55 -11.96
N GLY A 4 -24.94 4.24 -12.70
CA GLY A 4 -25.40 5.07 -13.80
C GLY A 4 -24.50 4.97 -15.02
N SER A 5 -24.09 3.75 -15.35
CA SER A 5 -23.22 3.52 -16.49
C SER A 5 -23.70 2.34 -17.32
N SER A 6 -23.31 2.32 -18.59
CA SER A 6 -23.71 1.25 -19.49
C SER A 6 -22.66 1.03 -20.57
N GLY A 7 -22.57 -0.21 -21.07
CA GLY A 7 -21.59 -0.53 -22.10
C GLY A 7 -20.23 0.06 -21.81
N VAL A 8 -19.44 -0.65 -21.01
CA VAL A 8 -18.10 -0.18 -20.66
C VAL A 8 -17.33 -1.25 -19.87
N LYS A 9 -16.07 -1.43 -20.21
CA LYS A 9 -15.23 -2.41 -19.52
C LYS A 9 -14.19 -1.72 -18.64
N PRO A 10 -13.91 -2.33 -17.48
CA PRO A 10 -12.94 -1.79 -16.52
C PRO A 10 -11.51 -1.88 -17.03
N PRO A 11 -10.63 -1.00 -16.52
CA PRO A 11 -9.22 -0.97 -16.91
C PRO A 11 -8.45 -2.18 -16.41
N HIS A 12 -8.75 -2.61 -15.19
CA HIS A 12 -8.09 -3.77 -14.61
C HIS A 12 -8.85 -4.27 -13.38
N GLY A 13 -8.28 -5.27 -12.70
CA GLY A 13 -8.93 -5.81 -11.52
C GLY A 13 -8.28 -5.34 -10.24
N PHE A 14 -8.21 -4.03 -10.05
CA PHE A 14 -7.61 -3.46 -8.85
C PHE A 14 -8.35 -2.19 -8.42
N GLN A 15 -8.26 -1.86 -7.14
CA GLN A 15 -8.92 -0.67 -6.60
C GLN A 15 -7.95 0.14 -5.75
N LYS A 16 -8.40 1.33 -5.33
CA LYS A 16 -7.58 2.21 -4.52
C LYS A 16 -7.88 2.01 -3.03
N LYS A 17 -6.88 2.23 -2.19
CA LYS A 17 -7.04 2.07 -0.75
C LYS A 17 -7.23 0.61 -0.37
N MET A 18 -6.68 -0.29 -1.20
CA MET A 18 -6.78 -1.72 -0.94
C MET A 18 -5.41 -2.32 -0.66
N LYS A 19 -5.37 -3.64 -0.47
CA LYS A 19 -4.13 -4.34 -0.20
C LYS A 19 -3.86 -5.41 -1.25
N LEU A 20 -2.58 -5.68 -1.50
CA LEU A 20 -2.18 -6.69 -2.48
C LEU A 20 -0.72 -7.05 -2.32
N GLU A 21 -0.40 -8.34 -2.49
CA GLU A 21 0.96 -8.82 -2.37
C GLU A 21 1.73 -8.59 -3.66
N VAL A 22 2.79 -7.78 -3.57
CA VAL A 22 3.62 -7.47 -4.74
C VAL A 22 5.01 -8.06 -4.58
N VAL A 23 5.58 -8.51 -5.70
CA VAL A 23 6.92 -9.10 -5.69
C VAL A 23 7.99 -8.03 -5.82
N ASP A 24 8.95 -8.05 -4.91
CA ASP A 24 10.04 -7.07 -4.92
C ASP A 24 10.93 -7.27 -6.13
N LYS A 25 10.93 -6.30 -7.04
CA LYS A 25 11.74 -6.37 -8.24
C LYS A 25 13.16 -6.82 -7.91
N ARG A 26 13.81 -6.11 -7.01
CA ARG A 26 15.17 -6.44 -6.61
C ARG A 26 15.23 -7.80 -5.94
N ASN A 27 14.13 -8.18 -5.29
CA ASN A 27 14.05 -9.47 -4.62
C ASN A 27 12.77 -10.21 -4.98
N PRO A 28 12.84 -11.04 -6.04
CA PRO A 28 11.71 -11.81 -6.52
C PRO A 28 11.32 -12.92 -5.56
N MET A 29 12.25 -13.31 -4.69
CA MET A 29 12.01 -14.37 -3.72
C MET A 29 11.43 -13.79 -2.43
N PHE A 30 10.97 -12.55 -2.49
CA PHE A 30 10.38 -11.88 -1.34
C PHE A 30 9.11 -11.14 -1.70
N ILE A 31 8.05 -11.38 -0.95
CA ILE A 31 6.76 -10.73 -1.21
C ILE A 31 6.24 -10.06 0.06
N ARG A 32 5.75 -8.83 -0.10
CA ARG A 32 5.22 -8.07 1.02
C ARG A 32 3.85 -7.49 0.68
N VAL A 33 3.29 -6.71 1.59
CA VAL A 33 1.99 -6.09 1.39
C VAL A 33 2.12 -4.77 0.64
N ALA A 34 1.15 -4.50 -0.23
CA ALA A 34 1.15 -3.26 -1.01
C ALA A 34 -0.22 -2.59 -0.97
N THR A 35 -0.20 -1.26 -0.98
CA THR A 35 -1.44 -0.49 -0.94
C THR A 35 -1.61 0.35 -2.20
N VAL A 36 -2.63 0.00 -3.00
CA VAL A 36 -2.89 0.73 -4.24
C VAL A 36 -3.19 2.19 -3.97
N ALA A 37 -2.21 3.05 -4.23
CA ALA A 37 -2.36 4.48 -4.01
C ALA A 37 -3.14 5.12 -5.16
N ASP A 38 -2.75 4.80 -6.38
CA ASP A 38 -3.41 5.35 -7.56
C ASP A 38 -3.61 4.27 -8.62
N THR A 39 -4.77 4.29 -9.26
CA THR A 39 -5.09 3.31 -10.30
C THR A 39 -5.12 3.95 -11.68
N ASP A 40 -4.13 3.63 -12.50
CA ASP A 40 -4.04 4.18 -13.84
C ASP A 40 -5.03 3.49 -14.78
N ASP A 41 -4.98 3.84 -16.06
CA ASP A 41 -5.86 3.25 -17.05
C ASP A 41 -5.51 1.79 -17.31
N HIS A 42 -4.21 1.48 -17.29
CA HIS A 42 -3.73 0.13 -17.53
C HIS A 42 -2.68 -0.26 -16.50
N ARG A 43 -2.55 0.55 -15.46
CA ARG A 43 -1.56 0.29 -14.41
C ARG A 43 -2.09 0.76 -13.06
N VAL A 44 -1.36 0.41 -12.01
CA VAL A 44 -1.74 0.79 -10.65
C VAL A 44 -0.52 0.98 -9.76
N LYS A 45 -0.33 2.20 -9.26
CA LYS A 45 0.80 2.51 -8.39
C LYS A 45 0.71 1.72 -7.09
N VAL A 46 1.67 0.81 -6.89
CA VAL A 46 1.72 -0.01 -5.68
C VAL A 46 2.72 0.54 -4.68
N HIS A 47 2.23 0.90 -3.49
CA HIS A 47 3.09 1.43 -2.44
C HIS A 47 3.31 0.40 -1.34
N PHE A 48 4.54 0.34 -0.84
CA PHE A 48 4.87 -0.60 0.23
C PHE A 48 4.77 0.06 1.60
N ASP A 49 3.72 -0.28 2.33
CA ASP A 49 3.50 0.28 3.66
C ASP A 49 4.79 0.30 4.46
N GLY A 50 5.16 1.47 4.96
CA GLY A 50 6.38 1.60 5.74
C GLY A 50 7.56 2.06 4.90
N TRP A 51 7.66 1.52 3.68
CA TRP A 51 8.75 1.87 2.79
C TRP A 51 8.68 3.35 2.40
N ASN A 52 9.84 3.99 2.35
CA ASN A 52 9.91 5.41 1.99
C ASN A 52 8.98 5.71 0.81
N ASN A 53 8.68 7.00 0.63
CA ASN A 53 7.81 7.42 -0.46
C ASN A 53 8.60 7.58 -1.76
N CYS A 54 9.49 6.63 -2.02
CA CYS A 54 10.32 6.66 -3.23
C CYS A 54 10.21 5.35 -3.99
N TYR A 55 10.31 4.25 -3.26
CA TYR A 55 10.24 2.92 -3.87
C TYR A 55 9.01 2.81 -4.79
N ASP A 56 7.89 3.36 -4.32
CA ASP A 56 6.65 3.32 -5.10
C ASP A 56 6.95 3.43 -6.59
N TYR A 57 6.36 2.52 -7.37
CA TYR A 57 6.55 2.51 -8.81
C TYR A 57 5.28 2.09 -9.53
N TRP A 58 5.16 2.49 -10.79
CA TRP A 58 3.98 2.16 -11.58
C TRP A 58 4.09 0.75 -12.15
N ILE A 59 3.34 -0.18 -11.56
CA ILE A 59 3.34 -1.56 -12.00
C ILE A 59 2.07 -1.90 -12.77
N ASP A 60 2.20 -2.75 -13.79
CA ASP A 60 1.07 -3.16 -14.60
C ASP A 60 0.08 -3.99 -13.79
N ALA A 61 -1.17 -3.54 -13.76
CA ALA A 61 -2.20 -4.24 -13.01
C ALA A 61 -2.36 -5.68 -13.49
N ASP A 62 -2.05 -5.91 -14.77
CA ASP A 62 -2.15 -7.25 -15.35
C ASP A 62 -0.81 -7.97 -15.28
N SER A 63 0.09 -7.46 -14.44
CA SER A 63 1.41 -8.06 -14.29
C SER A 63 1.33 -9.38 -13.53
N PRO A 64 2.15 -10.35 -13.95
CA PRO A 64 2.19 -11.68 -13.33
C PRO A 64 2.79 -11.64 -11.93
N ASP A 65 3.66 -10.67 -11.68
CA ASP A 65 4.30 -10.52 -10.38
C ASP A 65 3.29 -10.09 -9.32
N ILE A 66 2.31 -9.29 -9.74
CA ILE A 66 1.29 -8.81 -8.82
C ILE A 66 0.45 -9.96 -8.27
N HIS A 67 0.37 -10.04 -6.94
CA HIS A 67 -0.40 -11.09 -6.29
C HIS A 67 -1.35 -10.50 -5.26
N PRO A 68 -2.55 -11.11 -5.15
CA PRO A 68 -3.57 -10.67 -4.20
C PRO A 68 -3.18 -10.94 -2.75
N VAL A 69 -3.71 -10.13 -1.83
CA VAL A 69 -3.41 -10.28 -0.42
C VAL A 69 -3.50 -11.75 0.00
N GLY A 70 -4.34 -12.51 -0.70
CA GLY A 70 -4.51 -13.91 -0.37
C GLY A 70 -3.67 -14.81 -1.27
N TRP A 71 -2.43 -14.42 -1.51
CA TRP A 71 -1.54 -15.19 -2.36
C TRP A 71 -0.66 -16.12 -1.52
N CYS A 72 0.03 -15.56 -0.54
CA CYS A 72 0.90 -16.34 0.33
C CYS A 72 0.26 -17.68 0.68
N SER A 73 -1.05 -17.67 0.89
CA SER A 73 -1.78 -18.88 1.24
C SER A 73 -1.98 -19.76 0.00
N LYS A 74 -2.69 -19.22 -0.98
CA LYS A 74 -2.97 -19.95 -2.22
C LYS A 74 -1.76 -20.77 -2.65
N THR A 75 -0.59 -20.13 -2.68
CA THR A 75 0.64 -20.80 -3.07
C THR A 75 1.31 -21.46 -1.86
N GLY A 76 1.43 -20.70 -0.78
CA GLY A 76 2.05 -21.23 0.43
C GLY A 76 3.45 -20.69 0.63
N HIS A 77 3.67 -19.44 0.24
CA HIS A 77 4.97 -18.80 0.38
C HIS A 77 4.99 -17.86 1.59
N PRO A 78 6.19 -17.72 2.20
CA PRO A 78 6.37 -16.86 3.37
C PRO A 78 6.25 -15.37 3.02
N LEU A 79 5.51 -14.63 3.84
CA LEU A 79 5.32 -13.21 3.63
C LEU A 79 6.11 -12.39 4.65
N GLN A 80 6.70 -11.29 4.18
CA GLN A 80 7.49 -10.42 5.06
C GLN A 80 6.67 -9.19 5.47
N PRO A 81 6.61 -8.94 6.78
CA PRO A 81 5.87 -7.80 7.33
C PRO A 81 6.54 -6.47 7.01
N PRO A 82 5.73 -5.40 6.94
CA PRO A 82 6.22 -4.05 6.64
C PRO A 82 7.05 -3.47 7.77
N LEU A 83 7.55 -2.26 7.56
CA LEU A 83 8.37 -1.58 8.58
C LEU A 83 7.59 -1.37 9.86
N SER A 84 8.30 -1.14 10.95
CA SER A 84 7.66 -0.92 12.25
C SER A 84 6.50 0.06 12.12
N PRO A 85 5.54 -0.03 13.06
CA PRO A 85 4.36 0.84 13.08
C PRO A 85 4.71 2.28 13.43
N LEU A 86 5.98 2.52 13.73
CA LEU A 86 6.45 3.86 14.07
C LEU A 86 7.32 4.44 12.97
N GLU A 87 8.00 3.58 12.24
CA GLU A 87 8.87 4.00 11.14
C GLU A 87 8.09 4.83 10.13
N LEU A 88 6.82 4.50 9.94
CA LEU A 88 5.97 5.20 8.99
C LEU A 88 5.22 6.34 9.69
N MET A 89 5.71 6.75 10.85
CA MET A 89 5.10 7.83 11.61
C MET A 89 4.88 9.06 10.72
N GLU A 90 3.97 9.93 11.15
CA GLU A 90 3.67 11.14 10.39
C GLU A 90 2.80 12.10 11.21
N ALA A 91 3.28 13.33 11.38
CA ALA A 91 2.56 14.33 12.15
C ALA A 91 1.80 15.28 11.22
N SER A 92 0.65 15.76 11.69
CA SER A 92 -0.17 16.67 10.90
C SER A 92 -0.33 18.01 11.61
N GLU A 93 -0.75 17.96 12.87
CA GLU A 93 -0.94 19.17 13.67
C GLU A 93 -1.90 20.13 12.97
N HIS A 94 -3.05 19.61 12.53
CA HIS A 94 -4.05 20.42 11.85
C HIS A 94 -4.71 21.40 12.82
N GLY A 95 -5.07 22.57 12.32
CA GLY A 95 -5.70 23.58 13.15
C GLY A 95 -7.15 23.26 13.45
N GLY A 96 -7.37 22.22 14.25
CA GLY A 96 -8.72 21.82 14.60
C GLY A 96 -8.91 21.68 16.10
N CYS A 97 -10.12 21.29 16.51
CA CYS A 97 -10.43 21.12 17.92
C CYS A 97 -11.39 19.95 18.12
N SER A 98 -11.59 19.57 19.38
CA SER A 98 -12.49 18.47 19.71
C SER A 98 -13.37 18.83 20.91
N THR A 99 -14.40 18.02 21.13
CA THR A 99 -15.31 18.24 22.24
C THR A 99 -15.79 16.93 22.84
N PRO A 100 -15.84 16.86 24.18
CA PRO A 100 -16.28 15.66 24.90
C PRO A 100 -17.77 15.41 24.75
N GLY A 101 -18.23 14.27 25.28
CA GLY A 101 -19.64 13.93 25.18
C GLY A 101 -19.99 12.69 25.99
N SER A 102 -21.26 12.55 26.32
CA SER A 102 -21.72 11.41 27.10
C SER A 102 -23.08 10.91 26.60
N GLY A 103 -23.37 9.64 26.85
CA GLY A 103 -24.63 9.07 26.42
C GLY A 103 -25.80 9.53 27.27
N PRO A 104 -27.02 9.45 26.69
CA PRO A 104 -28.25 9.86 27.39
C PRO A 104 -28.61 8.91 28.52
N SER A 105 -27.76 7.91 28.75
CA SER A 105 -27.99 6.93 29.81
C SER A 105 -28.65 7.58 31.01
N SER A 106 -28.17 8.77 31.38
CA SER A 106 -28.71 9.50 32.53
C SER A 106 -29.67 10.58 32.06
N GLY A 107 -30.96 10.24 32.01
CA GLY A 107 -31.96 11.21 31.59
C GLY A 107 -33.29 10.99 32.28
N GLY A 1 -10.63 19.34 -10.22
CA GLY A 1 -11.82 18.52 -10.42
C GLY A 1 -12.06 18.21 -11.88
N SER A 2 -11.50 17.11 -12.36
CA SER A 2 -11.65 16.70 -13.75
C SER A 2 -12.84 15.77 -13.92
N SER A 3 -13.81 16.20 -14.73
CA SER A 3 -15.01 15.40 -14.97
C SER A 3 -14.66 14.09 -15.67
N GLY A 4 -15.67 13.26 -15.89
CA GLY A 4 -15.45 11.98 -16.55
C GLY A 4 -16.50 11.68 -17.60
N SER A 5 -16.95 10.43 -17.65
CA SER A 5 -17.95 10.02 -18.62
C SER A 5 -18.73 8.80 -18.12
N SER A 6 -19.77 8.44 -18.85
CA SER A 6 -20.60 7.28 -18.47
C SER A 6 -20.30 6.09 -19.36
N GLY A 7 -20.58 4.89 -18.85
CA GLY A 7 -20.32 3.68 -19.60
C GLY A 7 -18.86 3.52 -19.97
N VAL A 8 -18.23 2.49 -19.42
CA VAL A 8 -16.82 2.23 -19.70
C VAL A 8 -16.40 0.86 -19.16
N LYS A 9 -15.48 0.22 -19.87
CA LYS A 9 -14.98 -1.10 -19.46
C LYS A 9 -13.86 -0.97 -18.44
N PRO A 10 -13.82 -1.91 -17.48
CA PRO A 10 -12.80 -1.93 -16.42
C PRO A 10 -11.43 -2.28 -16.96
N PRO A 11 -10.43 -1.44 -16.63
CA PRO A 11 -9.05 -1.65 -17.07
C PRO A 11 -8.39 -2.84 -16.38
N HIS A 12 -8.70 -3.03 -15.11
CA HIS A 12 -8.14 -4.14 -14.34
C HIS A 12 -8.99 -4.42 -13.10
N GLY A 13 -8.52 -5.34 -12.26
CA GLY A 13 -9.26 -5.69 -11.06
C GLY A 13 -8.59 -5.16 -9.81
N PHE A 14 -8.39 -3.85 -9.75
CA PHE A 14 -7.75 -3.22 -8.61
C PHE A 14 -8.54 -2.00 -8.15
N GLN A 15 -8.36 -1.61 -6.90
CA GLN A 15 -9.06 -0.47 -6.34
C GLN A 15 -8.11 0.39 -5.50
N LYS A 16 -8.51 1.63 -5.26
CA LYS A 16 -7.69 2.56 -4.47
C LYS A 16 -7.93 2.34 -2.97
N LYS A 17 -6.89 2.59 -2.18
CA LYS A 17 -6.98 2.43 -0.74
C LYS A 17 -7.21 0.97 -0.36
N MET A 18 -6.63 0.06 -1.14
CA MET A 18 -6.78 -1.36 -0.89
C MET A 18 -5.43 -2.00 -0.58
N LYS A 19 -5.43 -3.32 -0.35
CA LYS A 19 -4.21 -4.04 -0.04
C LYS A 19 -3.96 -5.15 -1.05
N LEU A 20 -2.71 -5.34 -1.44
CA LEU A 20 -2.33 -6.37 -2.40
C LEU A 20 -0.87 -6.75 -2.25
N GLU A 21 -0.57 -8.04 -2.41
CA GLU A 21 0.79 -8.53 -2.29
C GLU A 21 1.55 -8.32 -3.60
N VAL A 22 2.67 -7.60 -3.52
CA VAL A 22 3.49 -7.31 -4.68
C VAL A 22 4.86 -7.97 -4.56
N VAL A 23 5.37 -8.48 -5.67
CA VAL A 23 6.68 -9.13 -5.69
C VAL A 23 7.79 -8.11 -5.86
N ASP A 24 8.65 -8.00 -4.84
CA ASP A 24 9.76 -7.07 -4.88
C ASP A 24 10.60 -7.27 -6.15
N LYS A 25 10.51 -6.30 -7.06
CA LYS A 25 11.25 -6.37 -8.31
C LYS A 25 12.68 -6.87 -8.08
N ARG A 26 13.41 -6.14 -7.22
CA ARG A 26 14.78 -6.51 -6.91
C ARG A 26 14.85 -7.89 -6.29
N ASN A 27 13.82 -8.25 -5.51
CA ASN A 27 13.76 -9.54 -4.85
C ASN A 27 12.48 -10.28 -5.21
N PRO A 28 12.56 -11.11 -6.27
CA PRO A 28 11.42 -11.89 -6.75
C PRO A 28 11.02 -13.00 -5.78
N MET A 29 11.93 -13.31 -4.85
CA MET A 29 11.68 -14.35 -3.87
C MET A 29 11.14 -13.75 -2.57
N PHE A 30 10.71 -12.50 -2.64
CA PHE A 30 10.17 -11.81 -1.47
C PHE A 30 8.89 -11.06 -1.82
N ILE A 31 7.84 -11.26 -1.02
CA ILE A 31 6.57 -10.59 -1.25
C ILE A 31 6.09 -9.88 0.01
N ARG A 32 5.50 -8.70 -0.17
CA ARG A 32 4.99 -7.91 0.94
C ARG A 32 3.69 -7.23 0.57
N VAL A 33 2.97 -6.75 1.59
CA VAL A 33 1.70 -6.07 1.37
C VAL A 33 1.92 -4.72 0.68
N ALA A 34 0.97 -4.34 -0.18
CA ALA A 34 1.05 -3.08 -0.89
C ALA A 34 -0.25 -2.30 -0.80
N THR A 35 -0.23 -1.05 -1.24
CA THR A 35 -1.40 -0.20 -1.20
C THR A 35 -1.54 0.62 -2.48
N VAL A 36 -2.62 0.37 -3.23
CA VAL A 36 -2.87 1.08 -4.47
C VAL A 36 -3.17 2.55 -4.21
N ALA A 37 -2.18 3.41 -4.46
CA ALA A 37 -2.35 4.84 -4.26
C ALA A 37 -3.07 5.49 -5.44
N ASP A 38 -2.81 4.98 -6.64
CA ASP A 38 -3.44 5.51 -7.84
C ASP A 38 -3.58 4.41 -8.90
N THR A 39 -4.71 4.41 -9.60
CA THR A 39 -4.96 3.43 -10.64
C THR A 39 -4.87 4.06 -12.03
N ASP A 40 -3.81 3.70 -12.76
CA ASP A 40 -3.61 4.22 -14.10
C ASP A 40 -4.41 3.43 -15.13
N ASP A 41 -4.35 3.87 -16.38
CA ASP A 41 -5.08 3.19 -17.45
C ASP A 41 -4.97 1.68 -17.33
N HIS A 42 -3.76 1.16 -17.49
CA HIS A 42 -3.51 -0.28 -17.39
C HIS A 42 -2.45 -0.57 -16.34
N ARG A 43 -2.33 0.30 -15.36
CA ARG A 43 -1.35 0.14 -14.29
C ARG A 43 -1.89 0.66 -12.96
N VAL A 44 -1.23 0.29 -11.87
CA VAL A 44 -1.63 0.72 -10.54
C VAL A 44 -0.43 0.94 -9.64
N LYS A 45 -0.27 2.16 -9.15
CA LYS A 45 0.85 2.51 -8.28
C LYS A 45 0.74 1.76 -6.95
N VAL A 46 1.66 0.83 -6.72
CA VAL A 46 1.67 0.05 -5.49
C VAL A 46 2.68 0.60 -4.50
N HIS A 47 2.19 1.12 -3.38
CA HIS A 47 3.05 1.68 -2.35
C HIS A 47 3.18 0.73 -1.16
N PHE A 48 4.41 0.42 -0.78
CA PHE A 48 4.67 -0.48 0.33
C PHE A 48 4.56 0.26 1.67
N ASP A 49 3.45 0.03 2.37
CA ASP A 49 3.21 0.68 3.66
C ASP A 49 4.50 0.74 4.48
N GLY A 50 4.87 1.95 4.89
CA GLY A 50 6.08 2.12 5.67
C GLY A 50 7.27 2.52 4.81
N TRP A 51 7.49 1.77 3.74
CA TRP A 51 8.61 2.04 2.84
C TRP A 51 8.50 3.44 2.25
N ASN A 52 9.64 4.09 2.09
CA ASN A 52 9.68 5.44 1.53
C ASN A 52 8.81 5.54 0.29
N ASN A 53 8.34 6.75 -0.01
CA ASN A 53 7.49 6.97 -1.18
C ASN A 53 8.26 6.69 -2.46
N CYS A 54 9.55 7.00 -2.45
CA CYS A 54 10.40 6.79 -3.62
C CYS A 54 10.28 5.35 -4.13
N TYR A 55 10.56 4.40 -3.25
CA TYR A 55 10.48 2.99 -3.60
C TYR A 55 9.30 2.72 -4.53
N ASP A 56 8.14 3.23 -4.16
CA ASP A 56 6.93 3.04 -4.96
C ASP A 56 7.26 3.06 -6.45
N TYR A 57 6.48 2.32 -7.22
CA TYR A 57 6.69 2.25 -8.66
C TYR A 57 5.41 1.85 -9.39
N TRP A 58 5.28 2.28 -10.64
CA TRP A 58 4.10 1.97 -11.44
C TRP A 58 4.16 0.55 -11.99
N ILE A 59 3.39 -0.34 -11.40
CA ILE A 59 3.36 -1.74 -11.84
C ILE A 59 2.06 -2.06 -12.56
N ASP A 60 2.17 -2.85 -13.63
CA ASP A 60 1.00 -3.24 -14.40
C ASP A 60 0.05 -4.10 -13.57
N ALA A 61 -1.18 -3.65 -13.42
CA ALA A 61 -2.18 -4.37 -12.65
C ALA A 61 -2.37 -5.78 -13.20
N ASP A 62 -1.94 -6.00 -14.44
CA ASP A 62 -2.07 -7.31 -15.08
C ASP A 62 -0.78 -8.12 -14.91
N SER A 63 0.29 -7.45 -14.49
CA SER A 63 1.57 -8.10 -14.30
C SER A 63 1.41 -9.40 -13.51
N PRO A 64 2.09 -10.45 -13.96
CA PRO A 64 2.03 -11.77 -13.31
C PRO A 64 2.75 -11.78 -11.95
N ASP A 65 3.49 -10.71 -11.68
CA ASP A 65 4.22 -10.59 -10.42
C ASP A 65 3.30 -10.11 -9.30
N ILE A 66 2.25 -9.39 -9.68
CA ILE A 66 1.29 -8.87 -8.71
C ILE A 66 0.39 -9.98 -8.18
N HIS A 67 0.27 -10.06 -6.86
CA HIS A 67 -0.56 -11.08 -6.23
C HIS A 67 -1.51 -10.45 -5.21
N PRO A 68 -2.75 -10.96 -5.15
CA PRO A 68 -3.77 -10.46 -4.22
C PRO A 68 -3.45 -10.79 -2.77
N VAL A 69 -4.15 -10.13 -1.85
CA VAL A 69 -3.94 -10.36 -0.43
C VAL A 69 -4.34 -11.78 -0.03
N GLY A 70 -3.34 -12.65 0.12
CA GLY A 70 -3.62 -14.03 0.49
C GLY A 70 -3.02 -15.02 -0.48
N TRP A 71 -2.10 -14.55 -1.33
CA TRP A 71 -1.45 -15.40 -2.31
C TRP A 71 -0.38 -16.26 -1.66
N CYS A 72 -0.04 -15.94 -0.41
CA CYS A 72 0.98 -16.68 0.32
C CYS A 72 0.51 -18.10 0.60
N SER A 73 -0.80 -18.28 0.72
CA SER A 73 -1.36 -19.60 0.99
C SER A 73 -1.46 -20.42 -0.29
N LYS A 74 -2.05 -19.83 -1.33
CA LYS A 74 -2.20 -20.50 -2.62
C LYS A 74 -1.00 -21.41 -2.89
N THR A 75 0.16 -20.80 -3.10
CA THR A 75 1.38 -21.55 -3.38
C THR A 75 2.01 -22.07 -2.10
N GLY A 76 2.09 -21.21 -1.08
CA GLY A 76 2.66 -21.61 0.19
C GLY A 76 3.98 -20.90 0.47
N HIS A 77 4.09 -19.66 0.03
CA HIS A 77 5.30 -18.87 0.23
C HIS A 77 5.16 -17.95 1.45
N PRO A 78 6.26 -17.78 2.19
CA PRO A 78 6.29 -16.94 3.39
C PRO A 78 6.16 -15.45 3.05
N LEU A 79 5.29 -14.76 3.77
CA LEU A 79 5.08 -13.33 3.56
C LEU A 79 5.85 -12.50 4.57
N GLN A 80 6.47 -11.42 4.10
CA GLN A 80 7.24 -10.54 4.97
C GLN A 80 6.44 -9.29 5.32
N PRO A 81 6.29 -9.02 6.63
CA PRO A 81 5.55 -7.85 7.12
C PRO A 81 6.29 -6.54 6.84
N PRO A 82 5.52 -5.47 6.64
CA PRO A 82 6.07 -4.14 6.37
C PRO A 82 6.78 -3.54 7.58
N LEU A 83 7.22 -2.29 7.45
CA LEU A 83 7.91 -1.61 8.52
C LEU A 83 7.07 -1.59 9.79
N SER A 84 7.69 -1.31 10.92
CA SER A 84 7.00 -1.28 12.21
C SER A 84 5.79 -0.35 12.13
N PRO A 85 4.84 -0.55 13.05
CA PRO A 85 3.61 0.25 13.12
C PRO A 85 3.88 1.69 13.57
N LEU A 86 5.15 2.00 13.81
CA LEU A 86 5.55 3.33 14.25
C LEU A 86 6.32 4.06 13.15
N GLU A 87 7.16 3.31 12.44
CA GLU A 87 7.96 3.90 11.36
C GLU A 87 7.09 4.74 10.44
N LEU A 88 5.94 4.20 10.05
CA LEU A 88 5.03 4.91 9.17
C LEU A 88 4.64 6.26 9.76
N MET A 89 4.41 6.29 11.06
CA MET A 89 4.05 7.53 11.75
C MET A 89 5.17 8.56 11.66
N GLU A 90 4.82 9.77 11.24
CA GLU A 90 5.80 10.84 11.12
C GLU A 90 5.78 11.75 12.34
N ALA A 91 6.93 12.35 12.64
CA ALA A 91 7.05 13.24 13.79
C ALA A 91 6.93 14.69 13.38
N SER A 92 5.87 15.35 13.84
CA SER A 92 5.64 16.76 13.51
C SER A 92 4.55 17.35 14.40
N GLU A 93 4.51 18.68 14.48
CA GLU A 93 3.53 19.37 15.30
C GLU A 93 2.21 19.52 14.56
N HIS A 94 1.10 19.45 15.30
CA HIS A 94 -0.22 19.58 14.70
C HIS A 94 -0.86 20.91 15.08
N GLY A 95 -0.98 21.14 16.38
CA GLY A 95 -1.58 22.39 16.85
C GLY A 95 -2.79 22.15 17.74
N GLY A 96 -3.77 23.02 17.64
CA GLY A 96 -4.97 22.89 18.45
C GLY A 96 -6.05 22.08 17.76
N CYS A 97 -6.74 21.25 18.54
CA CYS A 97 -7.81 20.41 17.99
C CYS A 97 -9.02 20.40 18.93
N SER A 98 -10.19 20.17 18.35
CA SER A 98 -11.43 20.14 19.13
C SER A 98 -11.22 19.42 20.46
N THR A 99 -11.45 20.13 21.56
CA THR A 99 -11.29 19.56 22.89
C THR A 99 -12.52 19.81 23.75
N PRO A 100 -12.88 18.82 24.57
CA PRO A 100 -14.04 18.91 25.47
C PRO A 100 -13.81 19.89 26.61
N GLY A 101 -12.65 20.55 26.60
CA GLY A 101 -12.34 21.50 27.63
C GLY A 101 -13.56 22.27 28.11
N SER A 102 -14.42 22.65 27.18
CA SER A 102 -15.63 23.40 27.51
C SER A 102 -15.36 24.37 28.64
N GLY A 103 -14.34 25.21 28.46
CA GLY A 103 -14.01 26.19 29.49
C GLY A 103 -15.05 27.29 29.61
N PRO A 104 -15.29 28.02 28.51
CA PRO A 104 -16.27 29.11 28.48
C PRO A 104 -17.69 28.60 28.56
N SER A 105 -18.66 29.52 28.47
CA SER A 105 -20.06 29.16 28.54
C SER A 105 -20.32 27.80 27.89
N SER A 106 -20.79 26.85 28.70
CA SER A 106 -21.08 25.51 28.20
C SER A 106 -21.82 24.69 29.25
N GLY A 107 -22.67 23.77 28.79
CA GLY A 107 -23.42 22.93 29.70
C GLY A 107 -23.55 21.51 29.21
#